data_1I33
#
_entry.id   1I33
#
_cell.length_a   80.521
_cell.length_b   393.565
_cell.length_c   70.421
_cell.angle_alpha   90.00
_cell.angle_beta   90.00
_cell.angle_gamma   90.00
#
_symmetry.space_group_name_H-M   'P 21 21 2'
#
loop_
_entity.id
_entity.type
_entity.pdbx_description
1 polymer 'GLYCERALDEHYDE 3-PHOSPHATE DEHYDROGENASE'
2 non-polymer "N-1,2,3,4-TETRAHYDRONAPHTH-1-YL-2'-[3,5-DIMETHOXYBENZAMIDO]-2'-DEOXY-ADENOSINE"
#
_entity_poly.entity_id   1
_entity_poly.type   'polypeptide(L)'
_entity_poly.pdbx_seq_one_letter_code
;APIKVGINGFGRIGRMVFQAICDQGLIGTEIDVVAVVDMSTNAEYFAYQMKHDTVHGRPKYTVEAVKSSPSVETADVLVV
NGHRIKCVKAQRNPADLPWGKLGVDYVIESTGLFTDKLKAEGHIKGGAKKVVISAPASGGAKTIVMGVNQHEYSPASHHV
VSNASCTTNCLAPIVHVLTKENFGIETGLMTTIHSYTATQKTVDGVSLKDWRGGRAAAVNIIPSTTGAAKAVGMVIPSTK
GKLTGMSFRVPTPDVSVVDLTFRATRDTSIQEIDKAIKKAAQTYMKGILGFTDEELVSADFINDNRSSVYDSKATLQNNL
PGEKRFFKVVSWYDNEWAYSHRVVDLVRYMAAKDAASSKM
;
_entity_poly.pdbx_strand_id   A,B,C,D,E,F
#
# COMPACT_ATOMS: atom_id res chain seq x y z
N ALA A 1 63.43 8.97 7.87
CA ALA A 1 64.12 8.24 6.77
C ALA A 1 63.10 7.90 5.70
N PRO A 2 62.55 8.93 5.02
CA PRO A 2 61.56 8.75 3.96
C PRO A 2 61.97 7.67 2.97
N ILE A 3 61.05 6.77 2.68
CA ILE A 3 61.33 5.69 1.74
C ILE A 3 61.37 6.23 0.32
N LYS A 4 62.54 6.18 -0.30
CA LYS A 4 62.66 6.67 -1.67
C LYS A 4 62.05 5.67 -2.64
N VAL A 5 60.91 6.02 -3.22
CA VAL A 5 60.23 5.13 -4.14
C VAL A 5 60.01 5.77 -5.49
N GLY A 6 59.91 4.91 -6.50
CA GLY A 6 59.66 5.34 -7.85
C GLY A 6 58.54 4.50 -8.45
N ILE A 7 57.76 5.08 -9.36
CA ILE A 7 56.67 4.33 -9.97
C ILE A 7 56.93 4.15 -11.46
N ASN A 8 57.09 2.92 -11.91
CA ASN A 8 57.27 2.72 -13.34
C ASN A 8 55.96 2.27 -13.98
N GLY A 9 55.41 3.14 -14.81
CA GLY A 9 54.14 2.87 -15.45
C GLY A 9 53.05 3.55 -14.65
N PHE A 10 52.57 4.69 -15.14
CA PHE A 10 51.56 5.45 -14.39
C PHE A 10 50.15 5.28 -14.96
N GLY A 11 49.66 4.04 -15.00
CA GLY A 11 48.33 3.79 -15.51
C GLY A 11 47.34 3.58 -14.39
N ARG A 12 46.30 2.78 -14.63
CA ARG A 12 45.33 2.53 -13.57
C ARG A 12 46.07 2.13 -12.30
N ILE A 13 46.75 0.98 -12.35
CA ILE A 13 47.49 0.45 -11.20
C ILE A 13 48.45 1.48 -10.64
N GLY A 14 49.32 1.99 -11.50
CA GLY A 14 50.29 2.99 -11.07
C GLY A 14 49.68 4.06 -10.19
N ARG A 15 48.82 4.89 -10.76
CA ARG A 15 48.16 5.97 -10.01
C ARG A 15 47.50 5.42 -8.75
N MET A 16 46.69 4.37 -8.89
CA MET A 16 46.00 3.75 -7.76
C MET A 16 46.95 3.58 -6.57
N VAL A 17 48.16 3.10 -6.84
CA VAL A 17 49.14 2.92 -5.79
C VAL A 17 49.60 4.25 -5.24
N PHE A 18 49.82 5.22 -6.13
CA PHE A 18 50.24 6.55 -5.70
C PHE A 18 49.12 7.22 -4.90
N GLN A 19 47.88 6.99 -5.31
CA GLN A 19 46.76 7.58 -4.61
C GLN A 19 46.60 6.93 -3.24
N ALA A 20 46.95 5.65 -3.16
CA ALA A 20 46.88 4.94 -1.88
C ALA A 20 47.87 5.55 -0.91
N ILE A 21 49.08 5.83 -1.38
CA ILE A 21 50.09 6.44 -0.55
C ILE A 21 49.60 7.76 0.00
N CYS A 22 49.19 8.65 -0.90
CA CYS A 22 48.68 9.96 -0.48
C CYS A 22 47.49 9.82 0.47
N ASP A 23 46.55 8.97 0.06
CA ASP A 23 45.35 8.70 0.82
C ASP A 23 45.69 8.33 2.26
N GLN A 24 46.65 7.42 2.42
CA GLN A 24 47.07 7.01 3.75
C GLN A 24 47.79 8.15 4.46
N GLY A 25 48.04 9.23 3.73
CA GLY A 25 48.73 10.37 4.31
C GLY A 25 50.20 10.10 4.58
N LEU A 26 50.81 9.30 3.72
CA LEU A 26 52.22 8.94 3.84
C LEU A 26 53.11 9.82 2.96
N ILE A 27 52.51 10.36 1.91
CA ILE A 27 53.23 11.20 0.96
C ILE A 27 54.02 12.30 1.65
N GLY A 28 55.33 12.25 1.48
CA GLY A 28 56.19 13.26 2.10
C GLY A 28 56.84 12.79 3.39
N THR A 29 56.04 12.37 4.35
CA THR A 29 56.57 11.94 5.64
C THR A 29 57.19 10.53 5.58
N GLU A 30 56.34 9.51 5.57
CA GLU A 30 56.80 8.12 5.53
C GLU A 30 57.35 7.73 4.17
N ILE A 31 56.61 7.99 3.11
CA ILE A 31 57.06 7.63 1.77
C ILE A 31 57.34 8.86 0.92
N ASP A 32 58.44 8.79 0.20
CA ASP A 32 58.84 9.88 -0.67
C ASP A 32 58.79 9.43 -2.12
N VAL A 33 57.76 9.86 -2.84
CA VAL A 33 57.67 9.51 -4.24
C VAL A 33 58.48 10.50 -5.04
N VAL A 34 59.71 10.11 -5.31
CA VAL A 34 60.65 10.94 -6.06
C VAL A 34 60.12 11.24 -7.45
N ALA A 35 59.69 10.19 -8.15
CA ALA A 35 59.18 10.39 -9.49
C ALA A 35 58.37 9.21 -9.98
N VAL A 36 57.71 9.43 -11.12
CA VAL A 36 56.90 8.41 -11.79
C VAL A 36 57.34 8.37 -13.25
N VAL A 37 57.23 7.22 -13.88
CA VAL A 37 57.67 7.08 -15.25
C VAL A 37 56.53 6.65 -16.17
N ASP A 38 56.44 7.25 -17.35
CA ASP A 38 55.39 6.86 -18.29
C ASP A 38 55.65 7.40 -19.71
N MET A 39 54.91 6.88 -20.68
CA MET A 39 55.03 7.27 -22.10
C MET A 39 54.78 8.76 -22.28
N SER A 40 54.37 9.42 -21.21
CA SER A 40 54.10 10.84 -21.24
C SER A 40 54.53 11.48 -19.94
N THR A 41 54.95 12.73 -20.01
CA THR A 41 55.39 13.46 -18.82
C THR A 41 54.47 14.65 -18.55
N ASN A 42 53.33 14.68 -19.24
CA ASN A 42 52.33 15.72 -19.10
C ASN A 42 51.67 15.69 -17.72
N ALA A 43 52.28 16.36 -16.76
CA ALA A 43 51.77 16.39 -15.39
C ALA A 43 50.32 16.84 -15.33
N GLU A 44 49.93 17.77 -16.20
CA GLU A 44 48.56 18.27 -16.19
C GLU A 44 47.57 17.14 -16.38
N TYR A 45 47.79 16.31 -17.38
CA TYR A 45 46.90 15.19 -17.61
C TYR A 45 46.84 14.33 -16.34
N PHE A 46 48.02 13.97 -15.82
CA PHE A 46 48.07 13.14 -14.61
C PHE A 46 47.26 13.75 -13.49
N ALA A 47 47.37 15.05 -13.30
CA ALA A 47 46.62 15.73 -12.25
C ALA A 47 45.13 15.51 -12.48
N TYR A 48 44.72 15.62 -13.75
CA TYR A 48 43.34 15.41 -14.16
C TYR A 48 42.94 13.99 -13.79
N GLN A 49 43.67 13.03 -14.33
CA GLN A 49 43.39 11.63 -14.07
C GLN A 49 43.28 11.33 -12.57
N MET A 50 43.96 12.10 -11.74
CA MET A 50 43.92 11.85 -10.32
C MET A 50 42.79 12.61 -9.64
N LYS A 51 42.50 13.79 -10.12
CA LYS A 51 41.45 14.55 -9.49
C LYS A 51 40.07 14.03 -9.86
N HIS A 52 40.01 13.13 -10.84
CA HIS A 52 38.72 12.63 -11.29
C HIS A 52 38.73 11.14 -11.57
N ASP A 53 37.88 10.41 -10.87
CA ASP A 53 37.82 8.97 -11.02
C ASP A 53 36.38 8.49 -10.95
N THR A 54 35.93 7.86 -12.03
CA THR A 54 34.56 7.37 -12.17
C THR A 54 34.07 6.52 -11.01
N VAL A 55 34.93 5.64 -10.51
CA VAL A 55 34.52 4.72 -9.44
C VAL A 55 34.84 5.21 -8.03
N HIS A 56 36.01 5.85 -7.82
CA HIS A 56 36.41 6.21 -6.47
C HIS A 56 36.11 7.64 -6.06
N GLY A 57 35.73 8.48 -7.00
CA GLY A 57 35.40 9.86 -6.64
C GLY A 57 36.61 10.78 -6.60
N ARG A 58 36.45 11.88 -5.88
CA ARG A 58 37.52 12.87 -5.74
C ARG A 58 38.44 12.52 -4.58
N PRO A 59 39.76 12.69 -4.76
CA PRO A 59 40.76 12.40 -3.73
C PRO A 59 40.64 13.38 -2.55
N LYS A 60 41.16 12.97 -1.40
CA LYS A 60 41.11 13.79 -0.19
C LYS A 60 42.26 14.81 -0.12
N TYR A 61 43.16 14.75 -1.10
CA TYR A 61 44.30 15.65 -1.16
C TYR A 61 44.21 16.53 -2.39
N THR A 62 45.05 17.56 -2.45
CA THR A 62 45.06 18.46 -3.59
C THR A 62 46.15 18.05 -4.54
N VAL A 63 45.89 18.20 -5.84
CA VAL A 63 46.86 17.87 -6.85
C VAL A 63 47.03 19.01 -7.82
N GLU A 64 48.28 19.36 -8.09
CA GLU A 64 48.57 20.45 -9.00
C GLU A 64 49.77 20.11 -9.86
N ALA A 65 49.74 20.55 -11.11
CA ALA A 65 50.82 20.31 -12.05
C ALA A 65 51.62 21.59 -12.26
N VAL A 66 52.94 21.46 -12.18
CA VAL A 66 53.82 22.61 -12.35
C VAL A 66 54.98 22.30 -13.28
N LYS A 67 55.70 23.34 -13.67
CA LYS A 67 56.83 23.19 -14.56
C LYS A 67 58.14 23.21 -13.79
N SER A 68 58.98 22.21 -14.04
CA SER A 68 60.28 22.13 -13.39
C SER A 68 61.03 23.45 -13.60
N SER A 69 61.00 23.92 -14.84
CA SER A 69 61.64 25.17 -15.26
C SER A 69 60.68 25.99 -16.11
N PRO A 70 60.52 27.27 -15.81
CA PRO A 70 59.60 28.11 -16.60
C PRO A 70 59.87 28.00 -18.10
N SER A 71 60.93 27.28 -18.44
CA SER A 71 61.35 27.10 -19.82
C SER A 71 60.54 26.03 -20.56
N VAL A 72 60.04 25.03 -19.82
CA VAL A 72 59.27 23.93 -20.42
C VAL A 72 57.86 24.37 -20.85
N GLU A 73 57.41 23.81 -21.97
CA GLU A 73 56.10 24.12 -22.56
C GLU A 73 54.94 23.56 -21.74
N THR A 74 55.02 22.29 -21.36
CA THR A 74 53.97 21.66 -20.56
C THR A 74 54.52 21.14 -19.24
N ALA A 75 53.74 21.29 -18.18
CA ALA A 75 54.13 20.83 -16.86
C ALA A 75 54.75 19.45 -16.94
N ASP A 76 55.67 19.21 -16.03
CA ASP A 76 56.36 17.93 -15.97
C ASP A 76 56.62 17.57 -14.50
N VAL A 77 55.92 18.28 -13.63
CA VAL A 77 56.05 18.08 -12.21
C VAL A 77 54.71 18.00 -11.52
N LEU A 78 54.59 17.05 -10.59
CA LEU A 78 53.36 16.88 -9.85
C LEU A 78 53.55 17.38 -8.43
N VAL A 79 52.53 18.03 -7.87
CA VAL A 79 52.65 18.57 -6.52
C VAL A 79 51.44 18.18 -5.67
N VAL A 80 51.64 17.18 -4.82
CA VAL A 80 50.59 16.68 -3.95
C VAL A 80 50.89 17.09 -2.50
N ASN A 81 49.98 17.86 -1.91
CA ASN A 81 50.14 18.34 -0.54
C ASN A 81 51.55 18.89 -0.30
N GLY A 82 52.08 19.61 -1.29
CA GLY A 82 53.40 20.18 -1.14
C GLY A 82 54.49 19.33 -1.77
N HIS A 83 54.46 18.02 -1.52
CA HIS A 83 55.46 17.13 -2.07
C HIS A 83 55.56 17.24 -3.59
N ARG A 84 56.78 17.36 -4.12
CA ARG A 84 57.00 17.47 -5.56
C ARG A 84 57.34 16.11 -6.18
N ILE A 85 56.67 15.75 -7.26
CA ILE A 85 56.96 14.48 -7.93
C ILE A 85 57.37 14.69 -9.39
N LYS A 86 58.53 14.16 -9.74
CA LYS A 86 59.06 14.29 -11.09
C LYS A 86 58.39 13.33 -12.05
N CYS A 87 58.10 13.83 -13.24
CA CYS A 87 57.48 13.01 -14.27
C CYS A 87 58.51 12.67 -15.33
N VAL A 88 59.15 11.52 -15.13
CA VAL A 88 60.21 11.04 -16.02
C VAL A 88 59.67 10.38 -17.30
N LYS A 89 60.51 10.38 -18.33
CA LYS A 89 60.18 9.78 -19.61
C LYS A 89 60.44 8.28 -19.57
N ALA A 90 59.49 7.51 -20.10
CA ALA A 90 59.61 6.06 -20.12
C ALA A 90 60.81 5.60 -20.95
N GLN A 91 61.29 4.40 -20.63
CA GLN A 91 62.42 3.78 -21.30
C GLN A 91 62.03 2.42 -21.81
N ARG A 92 62.84 1.84 -22.71
CA ARG A 92 62.55 0.51 -23.22
C ARG A 92 62.97 -0.55 -22.22
N ASN A 93 64.21 -0.42 -21.72
CA ASN A 93 64.75 -1.36 -20.75
C ASN A 93 64.85 -0.70 -19.38
N PRO A 94 64.19 -1.29 -18.37
CA PRO A 94 64.21 -0.76 -17.00
C PRO A 94 65.60 -0.32 -16.57
N ALA A 95 66.61 -1.00 -17.08
CA ALA A 95 67.99 -0.67 -16.74
C ALA A 95 68.38 0.75 -17.19
N ASP A 96 67.72 1.26 -18.24
CA ASP A 96 68.02 2.59 -18.74
C ASP A 96 67.29 3.68 -17.93
N LEU A 97 66.84 3.35 -16.72
CA LEU A 97 66.17 4.35 -15.88
C LEU A 97 67.13 4.93 -14.85
N PRO A 98 67.17 6.26 -14.72
CA PRO A 98 68.04 6.98 -13.79
C PRO A 98 67.67 6.77 -12.33
N TRP A 99 67.28 5.56 -11.95
CA TRP A 99 66.89 5.28 -10.55
C TRP A 99 67.96 5.73 -9.57
N GLY A 100 69.21 5.37 -9.87
CA GLY A 100 70.30 5.76 -9.00
C GLY A 100 70.45 7.27 -8.98
N LYS A 101 70.46 7.85 -10.18
CA LYS A 101 70.57 9.29 -10.37
C LYS A 101 69.48 10.06 -9.60
N LEU A 102 68.29 9.49 -9.53
CA LEU A 102 67.15 10.12 -8.83
C LEU A 102 67.14 9.81 -7.34
N GLY A 103 67.92 8.80 -6.94
CA GLY A 103 67.97 8.45 -5.53
C GLY A 103 66.79 7.61 -5.09
N VAL A 104 66.30 6.77 -6.01
CA VAL A 104 65.16 5.88 -5.77
C VAL A 104 65.62 4.47 -5.38
N ASP A 105 65.17 4.01 -4.21
CA ASP A 105 65.53 2.69 -3.72
C ASP A 105 64.49 1.66 -4.09
N TYR A 106 63.23 1.96 -3.80
CA TYR A 106 62.14 1.04 -4.08
C TYR A 106 61.38 1.45 -5.32
N VAL A 107 61.25 0.52 -6.26
CA VAL A 107 60.53 0.81 -7.47
C VAL A 107 59.29 -0.07 -7.59
N ILE A 108 58.16 0.58 -7.85
CA ILE A 108 56.92 -0.12 -8.02
C ILE A 108 56.71 -0.39 -9.50
N GLU A 109 56.93 -1.64 -9.89
CA GLU A 109 56.79 -2.05 -11.28
C GLU A 109 55.32 -2.36 -11.62
N SER A 110 54.66 -1.38 -12.23
CA SER A 110 53.25 -1.51 -12.58
C SER A 110 52.98 -1.20 -14.05
N THR A 111 53.86 -1.63 -14.93
CA THR A 111 53.66 -1.42 -16.37
C THR A 111 53.04 -2.65 -16.99
N GLY A 112 53.17 -3.77 -16.28
CA GLY A 112 52.64 -5.03 -16.74
C GLY A 112 53.49 -5.65 -17.83
N LEU A 113 54.58 -4.96 -18.16
CA LEU A 113 55.47 -5.42 -19.22
C LEU A 113 56.74 -6.05 -18.65
N PHE A 114 56.91 -6.02 -17.33
CA PHE A 114 58.10 -6.59 -16.74
C PHE A 114 57.76 -7.45 -15.56
N THR A 115 56.80 -8.35 -15.79
CA THR A 115 56.34 -9.27 -14.75
C THR A 115 57.24 -10.48 -14.66
N ASP A 116 58.44 -10.39 -15.23
CA ASP A 116 59.37 -11.50 -15.18
C ASP A 116 60.62 -11.15 -14.36
N LYS A 117 60.84 -11.95 -13.32
CA LYS A 117 61.98 -11.77 -12.42
C LYS A 117 63.18 -11.14 -13.11
N LEU A 118 63.60 -11.73 -14.22
CA LEU A 118 64.77 -11.29 -14.98
C LEU A 118 64.66 -9.85 -15.47
N LYS A 119 63.68 -9.57 -16.31
CA LYS A 119 63.49 -8.22 -16.86
C LYS A 119 63.31 -7.18 -15.76
N ALA A 120 62.58 -7.54 -14.72
CA ALA A 120 62.32 -6.65 -13.60
C ALA A 120 63.60 -6.26 -12.87
N GLU A 121 64.59 -7.13 -12.85
CA GLU A 121 65.85 -6.85 -12.17
C GLU A 121 66.56 -5.66 -12.82
N GLY A 122 66.14 -5.32 -14.04
CA GLY A 122 66.71 -4.20 -14.75
C GLY A 122 66.71 -2.93 -13.91
N HIS A 123 65.63 -2.72 -13.18
CA HIS A 123 65.49 -1.57 -12.30
C HIS A 123 66.67 -1.49 -11.34
N ILE A 124 67.07 -2.63 -10.80
CA ILE A 124 68.20 -2.66 -9.89
C ILE A 124 69.49 -2.29 -10.63
N LYS A 125 69.64 -2.84 -11.83
CA LYS A 125 70.80 -2.53 -12.65
C LYS A 125 70.74 -1.06 -13.03
N GLY A 126 69.56 -0.47 -12.87
CA GLY A 126 69.38 0.94 -13.18
C GLY A 126 69.68 1.83 -12.00
N GLY A 127 70.08 1.20 -10.88
CA GLY A 127 70.41 1.96 -9.68
C GLY A 127 69.45 1.70 -8.55
N ALA A 128 68.44 0.87 -8.81
CA ALA A 128 67.44 0.55 -7.81
C ALA A 128 67.94 -0.52 -6.84
N LYS A 129 67.40 -0.50 -5.62
CA LYS A 129 67.77 -1.45 -4.57
C LYS A 129 66.77 -2.61 -4.48
N LYS A 130 65.48 -2.29 -4.52
CA LYS A 130 64.42 -3.30 -4.42
C LYS A 130 63.35 -3.08 -5.49
N VAL A 131 62.52 -4.09 -5.72
CA VAL A 131 61.45 -3.94 -6.71
C VAL A 131 60.17 -4.69 -6.27
N VAL A 132 59.04 -4.00 -6.35
CA VAL A 132 57.76 -4.62 -6.02
C VAL A 132 56.87 -4.62 -7.23
N ILE A 133 56.68 -5.79 -7.83
CA ILE A 133 55.83 -5.89 -9.01
C ILE A 133 54.36 -5.94 -8.64
N SER A 134 53.60 -4.96 -9.12
CA SER A 134 52.18 -4.88 -8.83
C SER A 134 51.36 -5.85 -9.70
N ALA A 135 51.85 -7.08 -9.83
CA ALA A 135 51.16 -8.08 -10.63
C ALA A 135 51.81 -9.44 -10.48
N PRO A 136 51.08 -10.52 -10.87
CA PRO A 136 51.70 -11.84 -10.74
C PRO A 136 53.00 -11.87 -11.50
N ALA A 137 54.03 -12.47 -10.92
CA ALA A 137 55.31 -12.51 -11.59
C ALA A 137 55.83 -13.93 -11.80
N SER A 138 56.69 -14.06 -12.81
CA SER A 138 57.36 -15.29 -13.18
C SER A 138 58.85 -15.12 -12.94
N GLY A 139 59.66 -15.99 -13.53
CA GLY A 139 61.09 -15.88 -13.34
C GLY A 139 61.52 -16.26 -11.93
N GLY A 140 60.57 -16.79 -11.16
CA GLY A 140 60.89 -17.22 -9.81
C GLY A 140 61.16 -16.07 -8.87
N ALA A 141 60.20 -15.16 -8.76
CA ALA A 141 60.31 -14.03 -7.83
C ALA A 141 59.49 -14.35 -6.58
N LYS A 142 59.89 -13.82 -5.43
CA LYS A 142 59.16 -14.11 -4.20
C LYS A 142 57.77 -13.45 -4.20
N THR A 143 56.72 -14.27 -4.22
CA THR A 143 55.36 -13.73 -4.17
C THR A 143 54.91 -13.59 -2.72
N ILE A 144 54.47 -12.38 -2.35
CA ILE A 144 54.04 -12.13 -0.99
C ILE A 144 52.65 -11.52 -0.89
N VAL A 145 51.87 -12.04 0.04
CA VAL A 145 50.52 -11.55 0.30
C VAL A 145 50.45 -11.08 1.74
N MET A 146 50.42 -9.77 1.96
CA MET A 146 50.38 -9.23 3.32
C MET A 146 49.32 -9.93 4.20
N GLY A 147 49.72 -10.30 5.41
CA GLY A 147 48.79 -10.96 6.32
C GLY A 147 48.72 -12.45 6.08
N VAL A 148 49.67 -12.98 5.32
CA VAL A 148 49.69 -14.41 5.03
C VAL A 148 51.10 -14.96 5.07
N ASN A 149 52.03 -14.28 4.40
CA ASN A 149 53.41 -14.76 4.37
C ASN A 149 54.42 -13.62 4.21
N GLN A 150 54.18 -12.46 4.81
CA GLN A 150 55.16 -11.40 4.66
C GLN A 150 56.44 -11.77 5.39
N HIS A 151 56.27 -12.39 6.56
CA HIS A 151 57.41 -12.80 7.37
C HIS A 151 58.45 -13.56 6.54
N GLU A 152 58.00 -14.31 5.55
CA GLU A 152 58.93 -15.08 4.71
C GLU A 152 59.79 -14.19 3.83
N TYR A 153 59.75 -12.88 4.05
CA TYR A 153 60.56 -11.98 3.23
C TYR A 153 62.00 -11.92 3.77
N SER A 154 62.98 -12.06 2.87
CA SER A 154 64.37 -11.98 3.28
C SER A 154 65.03 -10.76 2.63
N PRO A 155 65.41 -9.78 3.46
CA PRO A 155 66.06 -8.54 3.00
C PRO A 155 67.30 -8.78 2.17
N ALA A 156 67.90 -9.96 2.28
CA ALA A 156 69.14 -10.21 1.55
C ALA A 156 68.98 -11.19 0.38
N SER A 157 67.90 -11.97 0.39
CA SER A 157 67.70 -12.96 -0.67
C SER A 157 66.63 -12.58 -1.70
N HIS A 158 65.64 -11.80 -1.27
CA HIS A 158 64.57 -11.35 -2.16
C HIS A 158 64.77 -9.89 -2.57
N HIS A 159 65.05 -9.68 -3.85
CA HIS A 159 65.26 -8.32 -4.33
C HIS A 159 64.14 -7.88 -5.26
N VAL A 160 63.45 -8.85 -5.84
CA VAL A 160 62.30 -8.58 -6.71
C VAL A 160 61.08 -9.30 -6.18
N VAL A 161 60.24 -8.58 -5.44
CA VAL A 161 59.05 -9.15 -4.84
C VAL A 161 57.81 -8.86 -5.67
N SER A 162 56.86 -9.80 -5.61
CA SER A 162 55.58 -9.69 -6.30
C SER A 162 54.48 -9.62 -5.28
N ASN A 163 53.52 -8.73 -5.50
CA ASN A 163 52.42 -8.58 -4.56
C ASN A 163 51.22 -9.45 -4.97
N ALA A 164 51.45 -10.38 -5.89
CA ALA A 164 50.41 -11.28 -6.37
C ALA A 164 49.33 -10.52 -7.12
N SER A 165 48.17 -11.17 -7.30
CA SER A 165 47.07 -10.52 -7.99
C SER A 165 45.99 -10.04 -7.02
N CYS A 166 45.16 -9.11 -7.48
CA CYS A 166 44.06 -8.57 -6.70
C CYS A 166 43.19 -9.70 -6.15
N THR A 167 42.98 -10.72 -6.97
CA THR A 167 42.17 -11.88 -6.63
C THR A 167 42.85 -12.77 -5.60
N THR A 168 44.15 -13.02 -5.79
CA THR A 168 44.89 -13.86 -4.84
C THR A 168 44.92 -13.24 -3.44
N ASN A 169 44.97 -11.90 -3.38
CA ASN A 169 44.98 -11.21 -2.11
C ASN A 169 43.62 -11.35 -1.41
N CYS A 170 42.65 -11.89 -2.12
CA CYS A 170 41.32 -12.10 -1.54
C CYS A 170 41.16 -13.52 -1.06
N LEU A 171 41.50 -14.48 -1.92
CA LEU A 171 41.37 -15.90 -1.61
C LEU A 171 42.41 -16.37 -0.61
N ALA A 172 43.61 -15.83 -0.70
CA ALA A 172 44.71 -16.20 0.17
C ALA A 172 44.33 -16.09 1.64
N PRO A 173 43.91 -14.91 2.09
CA PRO A 173 43.56 -14.78 3.50
C PRO A 173 42.55 -15.80 3.95
N ILE A 174 41.50 -16.02 3.17
CA ILE A 174 40.47 -16.99 3.56
C ILE A 174 41.07 -18.36 3.73
N VAL A 175 41.82 -18.81 2.73
CA VAL A 175 42.44 -20.11 2.79
C VAL A 175 43.38 -20.19 3.97
N HIS A 176 44.16 -19.13 4.17
CA HIS A 176 45.09 -19.10 5.27
C HIS A 176 44.42 -19.45 6.61
N VAL A 177 43.38 -18.70 6.99
CA VAL A 177 42.73 -19.00 8.25
C VAL A 177 42.13 -20.40 8.22
N LEU A 178 41.58 -20.79 7.09
CA LEU A 178 40.97 -22.11 6.96
C LEU A 178 41.99 -23.21 7.27
N THR A 179 43.26 -22.96 6.96
CA THR A 179 44.31 -23.94 7.24
C THR A 179 44.83 -23.78 8.67
N LYS A 180 45.18 -22.56 9.03
CA LYS A 180 45.69 -22.25 10.36
C LYS A 180 44.72 -22.70 11.47
N GLU A 181 43.41 -22.49 11.30
CA GLU A 181 42.44 -22.91 12.31
C GLU A 181 42.16 -24.41 12.21
N ASN A 182 43.06 -25.09 11.54
CA ASN A 182 43.01 -26.54 11.41
C ASN A 182 41.70 -27.07 10.88
N PHE A 183 41.11 -26.39 9.91
CA PHE A 183 39.91 -26.90 9.29
C PHE A 183 40.33 -27.87 8.21
N GLY A 184 41.54 -27.62 7.69
CA GLY A 184 42.09 -28.49 6.67
C GLY A 184 41.37 -28.32 5.35
N ILE A 185 42.10 -28.54 4.27
CA ILE A 185 41.48 -28.39 2.97
C ILE A 185 41.99 -29.45 2.00
N GLU A 186 41.19 -30.50 1.85
CA GLU A 186 41.48 -31.60 0.94
C GLU A 186 41.71 -31.05 -0.46
N THR A 187 40.63 -30.60 -1.09
CA THR A 187 40.67 -29.99 -2.41
C THR A 187 39.74 -28.78 -2.44
N GLY A 188 39.82 -27.97 -3.50
CA GLY A 188 38.95 -26.80 -3.53
C GLY A 188 38.95 -26.07 -4.85
N LEU A 189 37.76 -25.71 -5.28
CA LEU A 189 37.55 -24.97 -6.52
C LEU A 189 36.96 -23.61 -6.22
N MET A 190 37.45 -22.58 -6.88
CA MET A 190 36.94 -21.25 -6.60
C MET A 190 36.52 -20.50 -7.85
N THR A 191 35.29 -19.99 -7.81
CA THR A 191 34.77 -19.19 -8.89
C THR A 191 34.84 -17.72 -8.47
N THR A 192 35.09 -16.82 -9.40
CA THR A 192 35.13 -15.43 -9.02
C THR A 192 34.32 -14.58 -9.98
N ILE A 193 33.37 -13.83 -9.46
CA ILE A 193 32.63 -12.91 -10.31
C ILE A 193 33.46 -11.66 -10.29
N HIS A 194 33.98 -11.24 -11.42
CA HIS A 194 34.93 -10.14 -11.45
C HIS A 194 34.50 -8.98 -12.32
N SER A 195 34.78 -7.76 -11.88
CA SER A 195 34.44 -6.59 -12.67
C SER A 195 35.33 -6.57 -13.89
N TYR A 196 34.87 -5.98 -14.99
CA TYR A 196 35.71 -5.93 -16.17
C TYR A 196 36.93 -5.06 -15.94
N THR A 197 38.00 -5.38 -16.63
CA THR A 197 39.25 -4.65 -16.45
C THR A 197 39.65 -3.88 -17.72
N ALA A 198 40.75 -3.14 -17.61
CA ALA A 198 41.28 -2.32 -18.70
C ALA A 198 41.70 -3.16 -19.90
N THR A 199 41.93 -4.44 -19.71
CA THR A 199 42.33 -5.29 -20.81
C THR A 199 41.14 -5.72 -21.66
N GLN A 200 39.93 -5.42 -21.22
CA GLN A 200 38.73 -5.79 -21.98
C GLN A 200 38.34 -4.71 -22.99
N LYS A 201 37.39 -5.03 -23.85
CA LYS A 201 36.95 -4.12 -24.90
C LYS A 201 35.52 -3.63 -24.73
N THR A 202 35.30 -2.36 -25.02
CA THR A 202 33.99 -1.74 -24.94
C THR A 202 33.03 -2.45 -25.85
N VAL A 203 33.48 -2.68 -27.08
CA VAL A 203 32.69 -3.39 -28.11
C VAL A 203 33.52 -4.53 -28.68
N ASP A 204 32.86 -5.58 -29.18
CA ASP A 204 33.59 -6.74 -29.72
C ASP A 204 34.86 -6.30 -30.43
N GLY A 205 36.00 -6.52 -29.79
CA GLY A 205 37.26 -6.10 -30.37
C GLY A 205 38.26 -7.22 -30.56
N VAL A 206 39.53 -6.84 -30.66
CA VAL A 206 40.60 -7.79 -30.87
C VAL A 206 41.19 -8.31 -29.58
N SER A 207 41.47 -9.61 -29.58
CA SER A 207 42.06 -10.28 -28.45
C SER A 207 42.46 -11.70 -28.87
N LEU A 208 43.63 -11.80 -29.50
CA LEU A 208 44.17 -13.06 -29.99
C LEU A 208 44.45 -14.06 -28.85
N LYS A 209 44.91 -13.56 -27.70
CA LYS A 209 45.23 -14.42 -26.57
C LYS A 209 43.97 -14.99 -25.89
N ASP A 210 43.12 -14.11 -25.38
CA ASP A 210 41.86 -14.52 -24.73
C ASP A 210 40.66 -14.15 -25.62
N TRP A 211 40.31 -15.05 -26.54
CA TRP A 211 39.22 -14.81 -27.49
C TRP A 211 37.96 -14.25 -26.84
N ARG A 212 37.42 -14.91 -25.81
CA ARG A 212 36.21 -14.39 -25.19
C ARG A 212 36.42 -12.99 -24.62
N GLY A 213 37.60 -12.78 -24.04
CA GLY A 213 37.93 -11.50 -23.43
C GLY A 213 37.89 -10.33 -24.40
N GLY A 214 37.78 -10.61 -25.69
CA GLY A 214 37.72 -9.53 -26.66
C GLY A 214 36.29 -9.02 -26.88
N ARG A 215 35.31 -9.78 -26.40
CA ARG A 215 33.89 -9.44 -26.57
C ARG A 215 33.43 -8.30 -25.67
N ALA A 216 32.43 -7.56 -26.14
CA ALA A 216 31.87 -6.42 -25.42
C ALA A 216 31.74 -6.73 -23.92
N ALA A 217 32.56 -6.04 -23.13
CA ALA A 217 32.64 -6.28 -21.69
C ALA A 217 31.43 -5.86 -20.87
N ALA A 218 30.94 -4.65 -21.09
CA ALA A 218 29.82 -4.14 -20.30
C ALA A 218 28.48 -4.77 -20.63
N VAL A 219 28.43 -5.74 -21.54
CA VAL A 219 27.13 -6.30 -21.89
C VAL A 219 27.19 -7.83 -22.04
N ASN A 220 28.11 -8.45 -21.32
CA ASN A 220 28.27 -9.88 -21.38
C ASN A 220 28.86 -10.42 -20.11
N ILE A 221 28.66 -11.71 -19.92
CA ILE A 221 29.25 -12.47 -18.85
C ILE A 221 30.35 -13.26 -19.54
N ILE A 222 31.60 -12.88 -19.32
CA ILE A 222 32.71 -13.49 -20.05
C ILE A 222 33.60 -14.40 -19.21
N PRO A 223 33.55 -15.72 -19.47
CA PRO A 223 34.36 -16.70 -18.74
C PRO A 223 35.84 -16.52 -19.06
N SER A 224 36.71 -16.80 -18.09
CA SER A 224 38.15 -16.72 -18.26
C SER A 224 38.87 -17.57 -17.23
N THR A 225 40.12 -17.89 -17.47
CA THR A 225 40.87 -18.68 -16.49
C THR A 225 41.51 -17.74 -15.48
N THR A 226 42.11 -18.30 -14.45
CA THR A 226 42.76 -17.47 -13.45
C THR A 226 43.79 -18.27 -12.70
N GLY A 227 45.00 -17.71 -12.60
CA GLY A 227 46.05 -18.39 -11.88
C GLY A 227 45.97 -18.08 -10.40
N ALA A 228 45.07 -17.16 -10.07
CA ALA A 228 44.86 -16.74 -8.69
C ALA A 228 44.78 -17.95 -7.76
N ALA A 229 44.05 -18.97 -8.19
CA ALA A 229 43.90 -20.19 -7.39
C ALA A 229 45.26 -20.87 -7.15
N LYS A 230 45.86 -21.42 -8.20
CA LYS A 230 47.14 -22.10 -8.06
C LYS A 230 48.15 -21.22 -7.33
N ALA A 231 48.11 -19.92 -7.59
CA ALA A 231 49.04 -18.98 -6.98
C ALA A 231 49.01 -19.02 -5.46
N VAL A 232 47.84 -19.29 -4.89
CA VAL A 232 47.76 -19.33 -3.44
C VAL A 232 48.71 -20.42 -2.92
N GLY A 233 49.00 -21.39 -3.78
CA GLY A 233 49.89 -22.48 -3.42
C GLY A 233 51.31 -22.01 -3.15
N MET A 234 51.73 -20.93 -3.80
CA MET A 234 53.05 -20.38 -3.58
C MET A 234 53.10 -19.61 -2.27
N VAL A 235 51.95 -19.08 -1.87
CA VAL A 235 51.86 -18.30 -0.66
C VAL A 235 51.51 -19.18 0.53
N ILE A 236 50.84 -20.30 0.24
CA ILE A 236 50.45 -21.25 1.26
C ILE A 236 50.75 -22.67 0.81
N PRO A 237 52.03 -23.08 0.93
CA PRO A 237 52.64 -24.36 0.58
C PRO A 237 51.71 -25.57 0.64
N SER A 238 50.98 -25.73 1.73
CA SER A 238 50.11 -26.88 1.94
C SER A 238 48.91 -26.95 0.99
N THR A 239 48.79 -26.02 0.06
CA THR A 239 47.64 -26.02 -0.86
C THR A 239 48.01 -26.33 -2.31
N LYS A 240 49.29 -26.64 -2.57
CA LYS A 240 49.75 -26.94 -3.93
C LYS A 240 48.96 -28.11 -4.54
N GLY A 241 48.43 -27.89 -5.73
CA GLY A 241 47.68 -28.94 -6.41
C GLY A 241 46.36 -29.24 -5.75
N LYS A 242 45.96 -28.42 -4.79
CA LYS A 242 44.69 -28.63 -4.10
C LYS A 242 43.64 -27.62 -4.54
N LEU A 243 44.08 -26.46 -4.99
CA LEU A 243 43.18 -25.39 -5.41
C LEU A 243 43.29 -25.07 -6.89
N THR A 244 42.17 -24.61 -7.43
CA THR A 244 42.05 -24.22 -8.82
C THR A 244 40.70 -23.54 -9.02
N GLY A 245 40.64 -22.54 -9.88
CA GLY A 245 39.37 -21.88 -10.10
C GLY A 245 39.24 -21.19 -11.45
N MET A 246 38.08 -20.57 -11.66
CA MET A 246 37.83 -19.87 -12.90
C MET A 246 37.22 -18.52 -12.62
N SER A 247 37.04 -17.73 -13.66
CA SER A 247 36.50 -16.40 -13.49
C SER A 247 35.36 -16.12 -14.44
N PHE A 248 34.58 -15.12 -14.08
CA PHE A 248 33.45 -14.65 -14.87
C PHE A 248 33.44 -13.12 -14.82
N ARG A 249 34.03 -12.49 -15.84
CA ARG A 249 34.06 -11.04 -15.93
C ARG A 249 32.66 -10.54 -16.20
N VAL A 250 32.08 -9.73 -15.30
CA VAL A 250 30.72 -9.21 -15.49
C VAL A 250 30.68 -7.67 -15.67
N PRO A 251 29.55 -7.14 -16.15
CA PRO A 251 29.34 -5.70 -16.41
C PRO A 251 29.41 -4.77 -15.19
N THR A 252 30.53 -4.72 -14.49
CA THR A 252 30.66 -3.77 -13.38
C THR A 252 32.03 -3.11 -13.44
N PRO A 253 32.08 -1.80 -13.26
CA PRO A 253 33.34 -1.06 -13.31
C PRO A 253 34.35 -1.48 -12.24
N ASP A 254 33.90 -1.94 -11.08
CA ASP A 254 34.85 -2.33 -10.05
C ASP A 254 34.17 -3.05 -8.91
N VAL A 255 34.93 -3.87 -8.19
CA VAL A 255 34.46 -4.69 -7.06
C VAL A 255 34.15 -6.10 -7.53
N SER A 256 34.80 -7.09 -6.92
CA SER A 256 34.60 -8.48 -7.32
C SER A 256 34.32 -9.34 -6.11
N VAL A 257 33.87 -10.55 -6.35
CA VAL A 257 33.54 -11.46 -5.26
C VAL A 257 34.13 -12.81 -5.50
N VAL A 258 34.43 -13.53 -4.43
CA VAL A 258 34.98 -14.87 -4.56
C VAL A 258 34.07 -15.91 -3.94
N ASP A 259 33.84 -16.96 -4.73
CA ASP A 259 33.00 -18.06 -4.34
C ASP A 259 33.86 -19.31 -4.20
N LEU A 260 34.41 -19.50 -3.00
CA LEU A 260 35.26 -20.64 -2.73
C LEU A 260 34.49 -21.83 -2.20
N THR A 261 34.64 -22.93 -2.90
CA THR A 261 34.02 -24.18 -2.52
C THR A 261 35.12 -25.19 -2.20
N PHE A 262 35.11 -25.74 -0.99
CA PHE A 262 36.14 -26.70 -0.63
C PHE A 262 35.59 -27.81 0.25
N ARG A 263 36.46 -28.75 0.55
CA ARG A 263 36.16 -29.88 1.42
C ARG A 263 37.14 -29.90 2.58
N ALA A 264 36.64 -29.96 3.79
CA ALA A 264 37.47 -29.97 4.98
C ALA A 264 38.12 -31.33 5.18
N THR A 265 39.15 -31.37 6.03
CA THR A 265 39.86 -32.60 6.33
C THR A 265 39.18 -33.38 7.44
N ARG A 266 38.57 -32.65 8.37
CA ARG A 266 37.84 -33.25 9.49
C ARG A 266 36.42 -32.69 9.57
N ASP A 267 35.52 -33.48 10.12
CA ASP A 267 34.14 -33.03 10.26
C ASP A 267 34.04 -31.75 11.05
N THR A 268 33.34 -30.77 10.49
CA THR A 268 33.14 -29.49 11.15
C THR A 268 31.79 -28.91 10.74
N SER A 269 31.57 -27.61 10.95
CA SER A 269 30.30 -26.99 10.55
C SER A 269 30.49 -25.60 9.95
N ILE A 270 29.56 -25.17 9.10
CA ILE A 270 29.67 -23.84 8.53
C ILE A 270 29.66 -22.79 9.64
N GLN A 271 28.98 -23.09 10.73
CA GLN A 271 28.94 -22.19 11.86
C GLN A 271 30.34 -22.07 12.45
N GLU A 272 31.03 -23.21 12.54
CA GLU A 272 32.39 -23.19 13.06
C GLU A 272 33.24 -22.28 12.18
N ILE A 273 33.24 -22.55 10.89
CA ILE A 273 33.99 -21.74 9.95
C ILE A 273 33.64 -20.26 10.09
N ASP A 274 32.35 -19.95 10.01
CA ASP A 274 31.90 -18.56 10.15
C ASP A 274 32.59 -17.86 11.34
N LYS A 275 32.48 -18.46 12.53
CA LYS A 275 33.04 -17.88 13.74
C LYS A 275 34.56 -17.78 13.67
N ALA A 276 35.19 -18.75 13.03
CA ALA A 276 36.64 -18.70 12.93
C ALA A 276 37.08 -17.50 12.10
N ILE A 277 36.48 -17.35 10.92
CA ILE A 277 36.80 -16.24 10.05
C ILE A 277 36.64 -14.91 10.79
N LYS A 278 35.50 -14.72 11.44
CA LYS A 278 35.22 -13.49 12.19
C LYS A 278 36.24 -13.28 13.31
N LYS A 279 36.58 -14.37 14.00
CA LYS A 279 37.55 -14.27 15.08
C LYS A 279 38.86 -13.76 14.55
N ALA A 280 39.32 -14.41 13.48
CA ALA A 280 40.57 -14.07 12.83
C ALA A 280 40.53 -12.65 12.30
N ALA A 281 39.38 -12.24 11.77
CA ALA A 281 39.22 -10.90 11.22
C ALA A 281 39.35 -9.82 12.29
N GLN A 282 39.06 -10.17 13.53
CA GLN A 282 39.19 -9.20 14.61
C GLN A 282 40.56 -9.29 15.26
N THR A 283 41.33 -10.29 14.85
CA THR A 283 42.62 -10.48 15.47
C THR A 283 43.80 -10.41 14.50
N TYR A 284 44.44 -11.55 14.26
CA TYR A 284 45.64 -11.62 13.44
C TYR A 284 45.42 -11.30 11.97
N MET A 285 44.18 -11.04 11.58
CA MET A 285 43.92 -10.71 10.18
C MET A 285 43.32 -9.31 10.05
N LYS A 286 43.11 -8.65 11.19
CA LYS A 286 42.54 -7.31 11.18
C LYS A 286 43.32 -6.40 10.24
N GLY A 287 42.59 -5.64 9.43
CA GLY A 287 43.21 -4.74 8.48
C GLY A 287 43.34 -5.37 7.10
N ILE A 288 43.51 -6.69 7.08
CA ILE A 288 43.65 -7.43 5.84
C ILE A 288 42.36 -8.20 5.56
N LEU A 289 41.83 -8.84 6.59
CA LEU A 289 40.60 -9.59 6.44
C LEU A 289 39.49 -8.94 7.25
N GLY A 290 38.35 -8.72 6.62
CA GLY A 290 37.22 -8.16 7.31
C GLY A 290 36.00 -8.99 7.06
N PHE A 291 34.89 -8.71 7.73
CA PHE A 291 33.68 -9.45 7.46
C PHE A 291 32.50 -8.52 7.54
N THR A 292 31.30 -9.06 7.38
CA THR A 292 30.12 -8.25 7.46
C THR A 292 28.88 -9.09 7.68
N ASP A 293 27.98 -8.55 8.49
CA ASP A 293 26.71 -9.20 8.82
C ASP A 293 25.58 -8.54 8.08
N GLU A 294 25.91 -7.60 7.20
CA GLU A 294 24.88 -6.88 6.47
C GLU A 294 24.62 -7.42 5.09
N GLU A 295 23.48 -7.04 4.54
CA GLU A 295 23.05 -7.44 3.21
C GLU A 295 23.67 -6.50 2.17
N LEU A 296 24.98 -6.56 2.01
CA LEU A 296 25.65 -5.66 1.08
C LEU A 296 25.65 -6.14 -0.37
N VAL A 297 26.02 -5.24 -1.26
CA VAL A 297 26.13 -5.50 -2.68
C VAL A 297 27.43 -4.88 -3.21
N SER A 298 27.94 -5.39 -4.31
CA SER A 298 29.23 -4.92 -4.84
C SER A 298 29.52 -3.44 -4.52
N ALA A 299 28.62 -2.56 -4.88
CA ALA A 299 28.82 -1.13 -4.66
C ALA A 299 29.24 -0.82 -3.23
N ASP A 300 28.69 -1.53 -2.27
CA ASP A 300 28.97 -1.26 -0.88
C ASP A 300 30.43 -1.44 -0.50
N PHE A 301 31.21 -2.12 -1.33
CA PHE A 301 32.61 -2.36 -1.01
C PHE A 301 33.53 -1.41 -1.74
N ILE A 302 32.98 -0.50 -2.51
CA ILE A 302 33.84 0.44 -3.18
C ILE A 302 34.60 1.23 -2.14
N ASN A 303 35.91 1.33 -2.33
CA ASN A 303 36.80 2.08 -1.44
C ASN A 303 37.09 1.35 -0.14
N ASP A 304 36.74 0.08 -0.07
CA ASP A 304 37.02 -0.71 1.12
C ASP A 304 38.45 -1.25 0.95
N ASN A 305 39.40 -0.80 1.76
CA ASN A 305 40.79 -1.21 1.58
C ASN A 305 41.16 -2.58 2.16
N ARG A 306 40.20 -3.35 2.65
CA ARG A 306 40.55 -4.69 3.13
C ARG A 306 40.81 -5.62 1.93
N SER A 307 41.82 -6.48 2.02
CA SER A 307 42.12 -7.39 0.92
C SER A 307 40.95 -8.33 0.63
N SER A 308 40.23 -8.73 1.66
CA SER A 308 39.10 -9.63 1.52
C SER A 308 38.15 -9.43 2.68
N VAL A 309 36.86 -9.31 2.36
CA VAL A 309 35.86 -9.10 3.38
C VAL A 309 34.77 -10.16 3.28
N TYR A 310 34.88 -11.16 4.15
CA TYR A 310 33.97 -12.30 4.26
C TYR A 310 32.49 -11.88 4.37
N ASP A 311 31.64 -12.62 3.66
CA ASP A 311 30.21 -12.34 3.70
C ASP A 311 29.49 -13.38 4.55
N SER A 312 29.37 -13.07 5.84
CA SER A 312 28.72 -13.96 6.80
C SER A 312 27.34 -14.41 6.35
N LYS A 313 26.40 -13.47 6.19
CA LYS A 313 25.05 -13.80 5.77
C LYS A 313 25.02 -14.69 4.53
N ALA A 314 25.64 -14.23 3.45
CA ALA A 314 25.70 -14.97 2.20
C ALA A 314 26.15 -16.39 2.43
N THR A 315 27.20 -16.54 3.24
CA THR A 315 27.77 -17.82 3.55
C THR A 315 26.84 -18.69 4.39
N LEU A 316 26.37 -18.18 5.51
CA LEU A 316 25.52 -18.97 6.37
C LEU A 316 24.22 -19.43 5.69
N GLN A 317 23.66 -18.56 4.86
CA GLN A 317 22.40 -18.88 4.21
C GLN A 317 22.52 -19.79 3.00
N ASN A 318 23.69 -19.96 2.41
CA ASN A 318 23.75 -20.77 1.21
C ASN A 318 24.57 -22.06 1.31
N ASN A 319 24.57 -22.70 2.46
CA ASN A 319 25.31 -23.95 2.59
C ASN A 319 24.35 -25.08 2.97
N LEU A 320 24.79 -26.34 2.86
CA LEU A 320 23.93 -27.47 3.24
C LEU A 320 23.74 -27.48 4.74
N PRO A 321 22.49 -27.38 5.20
CA PRO A 321 22.04 -27.35 6.60
C PRO A 321 22.85 -28.23 7.55
N GLY A 322 23.10 -29.50 7.22
CA GLY A 322 23.85 -30.32 8.16
C GLY A 322 25.22 -30.77 7.68
N GLU A 323 25.68 -30.25 6.54
CA GLU A 323 26.97 -30.64 5.98
C GLU A 323 28.10 -30.55 7.00
N LYS A 324 29.09 -31.42 6.84
CA LYS A 324 30.23 -31.46 7.74
C LYS A 324 31.57 -31.36 7.01
N ARG A 325 31.56 -31.39 5.68
CA ARG A 325 32.82 -31.33 4.92
C ARG A 325 32.76 -30.41 3.70
N PHE A 326 31.72 -30.56 2.89
CA PHE A 326 31.56 -29.75 1.68
C PHE A 326 31.02 -28.35 2.03
N PHE A 327 31.82 -27.31 1.81
CA PHE A 327 31.38 -25.97 2.17
C PHE A 327 31.64 -24.93 1.10
N LYS A 328 30.94 -23.81 1.24
CA LYS A 328 31.08 -22.67 0.33
C LYS A 328 31.29 -21.39 1.14
N VAL A 329 32.41 -20.70 0.91
CA VAL A 329 32.68 -19.47 1.62
C VAL A 329 32.69 -18.31 0.64
N VAL A 330 32.00 -17.22 0.97
CA VAL A 330 31.90 -16.08 0.06
C VAL A 330 32.56 -14.82 0.60
N SER A 331 33.36 -14.16 -0.24
CA SER A 331 34.03 -12.94 0.18
C SER A 331 34.22 -11.96 -0.96
N TRP A 332 34.07 -10.67 -0.65
CA TRP A 332 34.20 -9.59 -1.63
C TRP A 332 35.58 -8.94 -1.55
N TYR A 333 35.82 -8.03 -2.50
CA TYR A 333 37.07 -7.29 -2.55
C TYR A 333 37.05 -6.23 -3.64
N ASP A 334 37.42 -5.01 -3.27
CA ASP A 334 37.49 -3.91 -4.23
C ASP A 334 38.75 -4.12 -5.06
N ASN A 335 38.66 -5.00 -6.07
CA ASN A 335 39.81 -5.33 -6.88
C ASN A 335 40.73 -4.17 -7.19
N GLU A 336 40.25 -2.94 -7.24
CA GLU A 336 41.19 -1.85 -7.52
C GLU A 336 41.81 -1.27 -6.23
N TRP A 337 40.94 -0.74 -5.37
CA TRP A 337 41.33 -0.07 -4.12
C TRP A 337 42.20 -0.91 -3.18
N ALA A 338 41.64 -2.01 -2.69
CA ALA A 338 42.36 -2.86 -1.75
C ALA A 338 43.75 -3.22 -2.26
N TYR A 339 43.82 -3.88 -3.40
CA TYR A 339 45.10 -4.29 -3.97
C TYR A 339 46.15 -3.18 -3.90
N SER A 340 45.72 -1.96 -4.17
CA SER A 340 46.63 -0.82 -4.14
C SER A 340 47.17 -0.59 -2.74
N HIS A 341 46.30 -0.67 -1.73
CA HIS A 341 46.79 -0.44 -0.38
C HIS A 341 47.73 -1.52 0.08
N ARG A 342 47.60 -2.72 -0.48
CA ARG A 342 48.49 -3.81 -0.11
C ARG A 342 49.88 -3.57 -0.68
N VAL A 343 49.96 -3.13 -1.93
CA VAL A 343 51.27 -2.86 -2.56
C VAL A 343 52.07 -1.90 -1.69
N VAL A 344 51.43 -0.83 -1.25
CA VAL A 344 52.10 0.13 -0.38
C VAL A 344 52.57 -0.58 0.87
N ASP A 345 51.64 -1.24 1.55
CA ASP A 345 51.99 -1.99 2.76
C ASP A 345 53.23 -2.86 2.50
N LEU A 346 53.22 -3.57 1.38
CA LEU A 346 54.35 -4.44 1.05
C LEU A 346 55.64 -3.65 0.94
N VAL A 347 55.55 -2.46 0.38
CA VAL A 347 56.74 -1.62 0.24
C VAL A 347 57.20 -1.09 1.59
N ARG A 348 56.26 -0.70 2.44
CA ARG A 348 56.64 -0.20 3.75
C ARG A 348 57.24 -1.32 4.59
N TYR A 349 56.74 -2.53 4.41
CA TYR A 349 57.24 -3.67 5.16
C TYR A 349 58.67 -3.99 4.74
N MET A 350 58.87 -4.25 3.46
CA MET A 350 60.21 -4.54 2.97
C MET A 350 61.16 -3.45 3.40
N ALA A 351 60.70 -2.20 3.33
CA ALA A 351 61.52 -1.07 3.74
C ALA A 351 61.95 -1.19 5.19
N ALA A 352 60.97 -1.36 6.08
CA ALA A 352 61.24 -1.47 7.51
C ALA A 352 62.13 -2.66 7.81
N LYS A 353 61.96 -3.75 7.06
CA LYS A 353 62.75 -4.93 7.30
C LYS A 353 64.15 -4.77 6.71
N ASP A 354 64.23 -4.25 5.48
CA ASP A 354 65.51 -4.03 4.82
C ASP A 354 66.41 -3.15 5.64
N ALA A 355 65.80 -2.22 6.38
CA ALA A 355 66.56 -1.31 7.22
C ALA A 355 66.97 -1.98 8.52
N ALA A 356 66.03 -2.64 9.19
CA ALA A 356 66.29 -3.32 10.46
C ALA A 356 67.53 -4.23 10.40
N SER A 357 67.55 -5.13 9.43
CA SER A 357 68.68 -6.06 9.27
C SER A 357 69.96 -5.35 8.83
N SER A 358 69.86 -4.03 8.64
CA SER A 358 70.97 -3.17 8.20
C SER A 358 71.42 -3.48 6.77
N ALA B 1 30.34 -9.39 -64.20
CA ALA B 1 31.75 -8.86 -64.03
C ALA B 1 31.98 -8.49 -62.56
N PRO B 2 32.24 -9.50 -61.71
CA PRO B 2 32.48 -9.36 -60.27
C PRO B 2 33.40 -8.23 -59.88
N ILE B 3 32.90 -7.33 -59.04
CA ILE B 3 33.71 -6.22 -58.58
C ILE B 3 34.80 -6.74 -57.66
N LYS B 4 36.06 -6.59 -58.05
CA LYS B 4 37.15 -7.09 -57.21
C LYS B 4 37.49 -6.11 -56.10
N VAL B 5 37.09 -6.45 -54.87
CA VAL B 5 37.35 -5.57 -53.74
C VAL B 5 38.24 -6.23 -52.68
N GLY B 6 38.93 -5.39 -51.92
CA GLY B 6 39.78 -5.83 -50.84
C GLY B 6 39.58 -4.97 -49.62
N ILE B 7 39.50 -5.59 -48.45
CA ILE B 7 39.28 -4.86 -47.19
C ILE B 7 40.60 -4.61 -46.43
N ASN B 8 40.95 -3.35 -46.19
CA ASN B 8 42.16 -3.08 -45.42
C ASN B 8 41.75 -2.71 -44.00
N GLY B 9 42.11 -3.57 -43.06
CA GLY B 9 41.75 -3.37 -41.67
C GLY B 9 40.49 -4.14 -41.35
N PHE B 10 40.64 -5.36 -40.85
CA PHE B 10 39.49 -6.20 -40.55
C PHE B 10 39.07 -6.11 -39.08
N GLY B 11 38.56 -4.93 -38.71
CA GLY B 11 38.08 -4.69 -37.37
C GLY B 11 36.58 -4.49 -37.38
N ARG B 12 36.01 -3.83 -36.37
CA ARG B 12 34.56 -3.64 -36.33
C ARG B 12 34.01 -3.20 -37.67
N ILE B 13 34.48 -2.05 -38.14
CA ILE B 13 34.01 -1.53 -39.41
C ILE B 13 34.26 -2.52 -40.53
N GLY B 14 35.51 -2.96 -40.65
CA GLY B 14 35.89 -3.89 -41.68
C GLY B 14 34.97 -5.10 -41.74
N ARG B 15 34.85 -5.83 -40.63
CA ARG B 15 34.01 -7.01 -40.61
C ARG B 15 32.56 -6.66 -40.93
N MET B 16 32.07 -5.57 -40.34
CA MET B 16 30.71 -5.10 -40.56
C MET B 16 30.43 -4.93 -42.07
N VAL B 17 31.36 -4.30 -42.77
CA VAL B 17 31.22 -4.10 -44.20
C VAL B 17 31.22 -5.45 -44.91
N PHE B 18 32.10 -6.34 -44.48
CA PHE B 18 32.13 -7.66 -45.11
C PHE B 18 30.80 -8.36 -44.87
N GLN B 19 30.38 -8.37 -43.61
CA GLN B 19 29.13 -9.02 -43.27
C GLN B 19 28.00 -8.38 -44.05
N ALA B 20 28.13 -7.09 -44.32
CA ALA B 20 27.11 -6.40 -45.09
C ALA B 20 27.04 -6.98 -46.49
N ILE B 21 28.21 -7.26 -47.06
CA ILE B 21 28.28 -7.82 -48.39
C ILE B 21 27.65 -9.18 -48.43
N CYS B 22 28.02 -10.04 -47.48
CA CYS B 22 27.47 -11.38 -47.44
C CYS B 22 25.97 -11.35 -47.21
N ASP B 23 25.55 -10.58 -46.21
CA ASP B 23 24.15 -10.44 -45.84
C ASP B 23 23.27 -10.15 -47.07
N GLN B 24 23.69 -9.20 -47.90
CA GLN B 24 22.93 -8.83 -49.09
C GLN B 24 23.05 -9.91 -50.16
N GLY B 25 23.76 -10.99 -49.86
CA GLY B 25 23.93 -12.08 -50.81
C GLY B 25 24.72 -11.69 -52.05
N LEU B 26 25.64 -10.73 -51.92
CA LEU B 26 26.43 -10.28 -53.05
C LEU B 26 27.72 -11.08 -53.19
N ILE B 27 28.16 -11.67 -52.08
CA ILE B 27 29.40 -12.44 -52.04
C ILE B 27 29.50 -13.49 -53.16
N GLY B 28 30.51 -13.33 -54.01
CA GLY B 28 30.71 -14.28 -55.09
C GLY B 28 30.06 -13.85 -56.38
N THR B 29 28.77 -13.57 -56.34
CA THR B 29 28.01 -13.16 -57.54
C THR B 29 28.37 -11.75 -58.02
N GLU B 30 27.92 -10.73 -57.29
CA GLU B 30 28.19 -9.34 -57.67
C GLU B 30 29.56 -8.86 -57.20
N ILE B 31 29.85 -9.06 -55.93
CA ILE B 31 31.11 -8.59 -55.37
C ILE B 31 32.04 -9.74 -55.05
N ASP B 32 33.32 -9.54 -55.35
CA ASP B 32 34.34 -10.54 -55.11
C ASP B 32 35.34 -10.03 -54.10
N VAL B 33 35.16 -10.38 -52.84
CA VAL B 33 36.11 -9.96 -51.83
C VAL B 33 37.34 -10.81 -52.00
N VAL B 34 38.31 -10.31 -52.73
CA VAL B 34 39.53 -11.04 -52.99
C VAL B 34 40.30 -11.32 -51.70
N ALA B 35 40.41 -10.33 -50.83
CA ALA B 35 41.16 -10.53 -49.60
C ALA B 35 40.89 -9.45 -48.57
N VAL B 36 41.30 -9.74 -47.34
CA VAL B 36 41.22 -8.79 -46.25
C VAL B 36 42.61 -8.67 -45.65
N VAL B 37 42.97 -7.48 -45.21
CA VAL B 37 44.29 -7.26 -44.66
C VAL B 37 44.23 -6.79 -43.21
N ASP B 38 45.03 -7.38 -42.33
CA ASP B 38 45.06 -6.99 -40.93
C ASP B 38 46.30 -7.49 -40.22
N MET B 39 46.56 -6.94 -39.04
CA MET B 39 47.73 -7.27 -38.21
C MET B 39 47.82 -8.77 -37.92
N SER B 40 46.78 -9.51 -38.29
CA SER B 40 46.78 -10.95 -38.10
C SER B 40 46.24 -11.64 -39.35
N THR B 41 46.66 -12.88 -39.58
CA THR B 41 46.18 -13.62 -40.73
C THR B 41 45.54 -14.93 -40.29
N ASN B 42 45.16 -14.96 -39.02
CA ASN B 42 44.54 -16.12 -38.44
C ASN B 42 43.08 -16.24 -38.84
N ALA B 43 42.82 -16.91 -39.95
CA ALA B 43 41.47 -17.06 -40.44
C ALA B 43 40.52 -17.64 -39.41
N GLU B 44 41.04 -18.45 -38.49
CA GLU B 44 40.19 -19.04 -37.48
C GLU B 44 39.63 -18.01 -36.53
N TYR B 45 40.47 -17.03 -36.17
CA TYR B 45 40.00 -15.97 -35.30
C TYR B 45 38.90 -15.18 -36.01
N PHE B 46 39.19 -14.70 -37.22
CA PHE B 46 38.17 -13.95 -37.98
C PHE B 46 36.89 -14.74 -38.09
N ALA B 47 37.03 -16.05 -38.30
CA ALA B 47 35.88 -16.93 -38.40
C ALA B 47 35.03 -16.79 -37.16
N TYR B 48 35.70 -16.89 -36.02
CA TYR B 48 35.05 -16.75 -34.74
C TYR B 48 34.44 -15.36 -34.59
N GLN B 49 35.17 -14.34 -35.01
CA GLN B 49 34.72 -12.97 -34.91
C GLN B 49 33.54 -12.67 -35.81
N MET B 50 33.32 -13.50 -36.82
CA MET B 50 32.22 -13.25 -37.74
C MET B 50 30.99 -14.08 -37.39
N LYS B 51 31.22 -15.25 -36.79
CA LYS B 51 30.14 -16.15 -36.41
C LYS B 51 29.43 -15.71 -35.16
N HIS B 52 30.05 -14.84 -34.38
CA HIS B 52 29.42 -14.41 -33.15
C HIS B 52 29.52 -12.93 -32.95
N ASP B 53 28.36 -12.30 -32.78
CA ASP B 53 28.34 -10.86 -32.56
C ASP B 53 27.44 -10.52 -31.39
N THR B 54 27.96 -9.76 -30.45
CA THR B 54 27.20 -9.40 -29.26
C THR B 54 25.93 -8.63 -29.60
N VAL B 55 26.01 -7.76 -30.60
CA VAL B 55 24.87 -6.91 -30.93
C VAL B 55 24.02 -7.36 -32.11
N HIS B 56 24.63 -7.82 -33.19
CA HIS B 56 23.85 -8.18 -34.38
C HIS B 56 23.48 -9.66 -34.50
N GLY B 57 23.97 -10.48 -33.57
CA GLY B 57 23.62 -11.88 -33.64
C GLY B 57 24.46 -12.66 -34.63
N ARG B 58 24.01 -13.88 -34.91
CA ARG B 58 24.70 -14.79 -35.82
C ARG B 58 24.39 -14.46 -37.28
N PRO B 59 25.37 -14.64 -38.17
CA PRO B 59 25.23 -14.37 -39.61
C PRO B 59 24.41 -15.46 -40.30
N LYS B 60 23.74 -15.08 -41.39
CA LYS B 60 22.88 -16.02 -42.11
C LYS B 60 23.67 -16.94 -43.04
N TYR B 61 24.97 -16.73 -43.10
CA TYR B 61 25.84 -17.52 -43.97
C TYR B 61 26.84 -18.34 -43.16
N THR B 62 27.45 -19.32 -43.82
CA THR B 62 28.42 -20.17 -43.15
C THR B 62 29.84 -19.67 -43.38
N VAL B 63 30.61 -19.62 -42.31
CA VAL B 63 31.99 -19.18 -42.40
C VAL B 63 32.93 -20.25 -41.89
N GLU B 64 33.97 -20.52 -42.66
CA GLU B 64 34.93 -21.54 -42.27
C GLU B 64 36.36 -21.15 -42.63
N ALA B 65 37.29 -21.52 -41.75
CA ALA B 65 38.71 -21.21 -41.94
C ALA B 65 39.46 -22.40 -42.51
N VAL B 66 40.30 -22.12 -43.50
CA VAL B 66 41.07 -23.17 -44.15
C VAL B 66 42.48 -22.69 -44.46
N LYS B 67 43.35 -23.62 -44.80
CA LYS B 67 44.73 -23.29 -45.13
C LYS B 67 44.92 -23.20 -46.63
N SER B 68 45.77 -22.26 -47.05
CA SER B 68 46.04 -22.09 -48.47
C SER B 68 46.89 -23.25 -48.97
N SER B 69 47.79 -23.71 -48.10
CA SER B 69 48.68 -24.82 -48.38
C SER B 69 48.71 -25.75 -47.20
N PRO B 70 48.48 -27.05 -47.41
CA PRO B 70 48.52 -27.96 -46.26
C PRO B 70 49.78 -27.75 -45.43
N SER B 71 50.70 -26.98 -45.99
CA SER B 71 51.99 -26.66 -45.38
C SER B 71 51.87 -25.71 -44.19
N VAL B 72 51.04 -24.68 -44.29
CA VAL B 72 50.88 -23.68 -43.23
C VAL B 72 50.35 -24.28 -41.93
N GLU B 73 50.81 -23.72 -40.82
CA GLU B 73 50.42 -24.15 -39.49
C GLU B 73 49.00 -23.72 -39.12
N THR B 74 48.68 -22.44 -39.32
CA THR B 74 47.33 -21.95 -39.01
C THR B 74 46.63 -21.45 -40.25
N ALA B 75 45.33 -21.71 -40.32
CA ALA B 75 44.50 -21.31 -41.44
C ALA B 75 44.76 -19.85 -41.80
N ASP B 76 44.72 -19.55 -43.09
CA ASP B 76 44.95 -18.21 -43.57
C ASP B 76 44.02 -17.90 -44.72
N VAL B 77 42.91 -18.62 -44.75
CA VAL B 77 41.91 -18.42 -45.78
C VAL B 77 40.52 -18.48 -45.17
N LEU B 78 39.65 -17.62 -45.66
CA LEU B 78 38.31 -17.59 -45.15
C LEU B 78 37.37 -18.03 -46.22
N VAL B 79 36.50 -18.99 -45.91
CA VAL B 79 35.54 -19.46 -46.89
C VAL B 79 34.12 -19.12 -46.47
N VAL B 80 33.48 -18.26 -47.24
CA VAL B 80 32.11 -17.86 -46.93
C VAL B 80 31.16 -18.28 -48.04
N ASN B 81 30.19 -19.10 -47.70
CA ASN B 81 29.25 -19.59 -48.68
C ASN B 81 29.99 -20.10 -49.91
N GLY B 82 31.11 -20.75 -49.67
CA GLY B 82 31.90 -21.31 -50.77
C GLY B 82 33.03 -20.42 -51.25
N HIS B 83 32.81 -19.10 -51.28
CA HIS B 83 33.83 -18.17 -51.75
C HIS B 83 35.06 -18.19 -50.85
N ARG B 84 36.25 -18.12 -51.45
CA ARG B 84 37.51 -18.13 -50.71
C ARG B 84 38.09 -16.73 -50.57
N ILE B 85 38.37 -16.29 -49.36
CA ILE B 85 38.94 -14.96 -49.14
C ILE B 85 40.31 -15.04 -48.48
N LYS B 86 41.31 -14.48 -49.15
CA LYS B 86 42.69 -14.49 -48.66
C LYS B 86 42.90 -13.54 -47.48
N CYS B 87 43.66 -14.00 -46.50
CA CYS B 87 43.96 -13.16 -45.32
C CYS B 87 45.35 -12.61 -45.43
N VAL B 88 45.48 -11.46 -46.08
CA VAL B 88 46.79 -10.85 -46.31
C VAL B 88 47.35 -10.15 -45.08
N LYS B 89 48.67 -10.26 -44.94
CA LYS B 89 49.44 -9.65 -43.85
C LYS B 89 49.43 -8.14 -43.97
N ALA B 90 49.24 -7.44 -42.86
CA ALA B 90 49.18 -5.99 -42.87
C ALA B 90 50.53 -5.36 -43.18
N GLN B 91 50.47 -4.15 -43.75
CA GLN B 91 51.65 -3.35 -44.13
C GLN B 91 51.57 -1.93 -43.56
N ARG B 92 52.71 -1.26 -43.44
CA ARG B 92 52.78 0.12 -42.94
C ARG B 92 52.25 1.09 -43.99
N ASN B 93 52.87 1.09 -45.16
CA ASN B 93 52.44 1.94 -46.25
C ASN B 93 51.54 1.17 -47.19
N PRO B 94 50.32 1.66 -47.43
CA PRO B 94 49.37 1.01 -48.32
C PRO B 94 50.00 0.62 -49.66
N ALA B 95 50.91 1.45 -50.15
CA ALA B 95 51.58 1.22 -51.42
C ALA B 95 52.34 -0.11 -51.47
N ASP B 96 52.61 -0.70 -50.30
CA ASP B 96 53.32 -1.98 -50.27
C ASP B 96 52.34 -3.16 -50.28
N LEU B 97 51.07 -2.88 -50.52
CA LEU B 97 50.07 -3.92 -50.60
C LEU B 97 50.00 -4.48 -52.02
N PRO B 98 49.96 -5.81 -52.14
CA PRO B 98 49.89 -6.55 -53.39
C PRO B 98 48.52 -6.48 -54.04
N TRP B 99 47.92 -5.29 -54.04
CA TRP B 99 46.60 -5.14 -54.63
C TRP B 99 46.65 -5.54 -56.09
N GLY B 100 47.61 -4.97 -56.81
CA GLY B 100 47.78 -5.26 -58.21
C GLY B 100 47.99 -6.73 -58.46
N LYS B 101 48.91 -7.33 -57.74
CA LYS B 101 49.19 -8.74 -57.88
C LYS B 101 47.99 -9.60 -57.49
N LEU B 102 47.05 -9.03 -56.73
CA LEU B 102 45.87 -9.80 -56.30
C LEU B 102 44.67 -9.57 -57.20
N GLY B 103 44.72 -8.50 -57.98
CA GLY B 103 43.64 -8.20 -58.91
C GLY B 103 42.53 -7.37 -58.29
N VAL B 104 42.86 -6.68 -57.20
CA VAL B 104 41.89 -5.86 -56.49
C VAL B 104 41.76 -4.46 -57.07
N ASP B 105 40.54 -4.08 -57.44
CA ASP B 105 40.31 -2.76 -58.03
C ASP B 105 39.80 -1.76 -57.00
N TYR B 106 38.82 -2.19 -56.21
CA TYR B 106 38.25 -1.33 -55.19
C TYR B 106 38.73 -1.72 -53.79
N VAL B 107 39.36 -0.77 -53.11
CA VAL B 107 39.85 -1.03 -51.77
C VAL B 107 39.03 -0.31 -50.71
N ILE B 108 38.52 -1.09 -49.77
CA ILE B 108 37.75 -0.54 -48.67
C ILE B 108 38.71 -0.23 -47.51
N GLU B 109 39.08 1.03 -47.38
CA GLU B 109 40.02 1.47 -46.35
C GLU B 109 39.30 1.70 -45.04
N SER B 110 39.43 0.73 -44.14
CA SER B 110 38.76 0.82 -42.87
C SER B 110 39.68 0.55 -41.69
N THR B 111 40.88 1.11 -41.72
CA THR B 111 41.82 0.94 -40.61
C THR B 111 41.76 2.16 -39.70
N GLY B 112 41.31 3.28 -40.26
CA GLY B 112 41.22 4.50 -39.49
C GLY B 112 42.56 5.19 -39.36
N LEU B 113 43.56 4.69 -40.07
CA LEU B 113 44.88 5.28 -40.01
C LEU B 113 45.25 5.92 -41.32
N PHE B 114 44.36 5.84 -42.30
CA PHE B 114 44.63 6.42 -43.61
C PHE B 114 43.42 7.20 -44.07
N THR B 115 43.00 8.11 -43.21
CA THR B 115 41.86 8.96 -43.48
C THR B 115 42.26 10.21 -44.24
N ASP B 116 43.48 10.22 -44.75
CA ASP B 116 44.00 11.35 -45.52
C ASP B 116 44.15 10.99 -46.99
N LYS B 117 43.48 11.77 -47.83
CA LYS B 117 43.50 11.60 -49.28
C LYS B 117 44.85 11.10 -49.78
N LEU B 118 45.93 11.79 -49.39
CA LEU B 118 47.26 11.41 -49.84
C LEU B 118 47.63 10.00 -49.41
N LYS B 119 47.65 9.77 -48.11
CA LYS B 119 48.01 8.46 -47.57
C LYS B 119 47.12 7.35 -48.13
N ALA B 120 45.84 7.66 -48.32
CA ALA B 120 44.93 6.66 -48.85
C ALA B 120 45.27 6.28 -50.28
N GLU B 121 45.79 7.23 -51.05
CA GLU B 121 46.14 7.00 -52.45
C GLU B 121 47.23 5.95 -52.62
N GLY B 122 47.84 5.54 -51.52
CA GLY B 122 48.87 4.53 -51.59
C GLY B 122 48.32 3.22 -52.11
N HIS B 123 47.04 2.99 -51.88
CA HIS B 123 46.40 1.77 -52.35
C HIS B 123 46.41 1.71 -53.86
N ILE B 124 46.28 2.87 -54.49
CA ILE B 124 46.29 2.94 -55.94
C ILE B 124 47.70 2.73 -56.46
N LYS B 125 48.67 3.18 -55.67
CA LYS B 125 50.06 2.98 -56.03
C LYS B 125 50.45 1.53 -55.79
N GLY B 126 49.56 0.82 -55.09
CA GLY B 126 49.77 -0.57 -54.79
C GLY B 126 49.04 -1.47 -55.78
N GLY B 127 48.40 -0.87 -56.78
CA GLY B 127 47.71 -1.68 -57.77
C GLY B 127 46.21 -1.45 -57.80
N ALA B 128 45.69 -0.75 -56.80
CA ALA B 128 44.27 -0.49 -56.73
C ALA B 128 43.86 0.60 -57.71
N LYS B 129 42.57 0.63 -58.01
CA LYS B 129 42.01 1.59 -58.93
C LYS B 129 41.24 2.69 -58.18
N LYS B 130 40.43 2.27 -57.21
CA LYS B 130 39.61 3.18 -56.42
C LYS B 130 39.67 2.86 -54.92
N VAL B 131 39.48 3.88 -54.09
CA VAL B 131 39.52 3.68 -52.64
C VAL B 131 38.32 4.31 -51.92
N VAL B 132 37.64 3.51 -51.11
CA VAL B 132 36.54 4.02 -50.32
C VAL B 132 36.94 4.03 -48.85
N ILE B 133 37.03 5.21 -48.27
CA ILE B 133 37.40 5.36 -46.87
C ILE B 133 36.16 5.28 -46.00
N SER B 134 36.08 4.26 -45.17
CA SER B 134 34.91 4.06 -44.33
C SER B 134 34.90 5.00 -43.12
N ALA B 135 35.15 6.27 -43.38
CA ALA B 135 35.16 7.28 -42.34
C ALA B 135 35.34 8.65 -42.96
N PRO B 136 35.34 9.70 -42.13
CA PRO B 136 35.52 11.04 -42.69
C PRO B 136 36.96 11.24 -43.12
N ALA B 137 37.16 11.75 -44.33
CA ALA B 137 38.50 11.95 -44.82
C ALA B 137 38.87 13.42 -44.93
N SER B 138 40.18 13.64 -44.98
CA SER B 138 40.78 14.94 -45.12
C SER B 138 41.61 14.93 -46.39
N GLY B 139 42.31 16.01 -46.67
CA GLY B 139 43.13 16.04 -47.88
C GLY B 139 42.33 16.37 -49.12
N GLY B 140 41.04 16.57 -48.95
CA GLY B 140 40.21 16.94 -50.09
C GLY B 140 39.66 15.77 -50.88
N ALA B 141 39.32 14.67 -50.22
CA ALA B 141 38.75 13.54 -50.93
C ALA B 141 37.24 13.74 -51.05
N LYS B 142 36.67 13.33 -52.18
CA LYS B 142 35.25 13.51 -52.39
C LYS B 142 34.44 12.70 -51.39
N THR B 143 33.61 13.38 -50.60
CA THR B 143 32.75 12.73 -49.64
C THR B 143 31.37 12.51 -50.21
N ILE B 144 30.86 11.30 -50.12
CA ILE B 144 29.54 11.03 -50.64
C ILE B 144 28.63 10.39 -49.61
N VAL B 145 27.36 10.80 -49.61
CA VAL B 145 26.37 10.25 -48.72
C VAL B 145 25.23 9.64 -49.53
N MET B 146 25.36 8.36 -49.84
CA MET B 146 24.36 7.68 -50.64
C MET B 146 22.97 8.20 -50.32
N GLY B 147 22.25 8.60 -51.36
CA GLY B 147 20.91 9.11 -51.19
C GLY B 147 20.85 10.62 -51.23
N VAL B 148 22.00 11.27 -51.19
CA VAL B 148 22.01 12.72 -51.21
C VAL B 148 22.89 13.31 -52.30
N ASN B 149 24.06 12.72 -52.55
CA ASN B 149 24.94 13.30 -53.58
C ASN B 149 25.82 12.25 -54.28
N GLN B 150 25.30 11.06 -54.54
CA GLN B 150 26.14 10.07 -55.21
C GLN B 150 26.33 10.44 -56.66
N HIS B 151 25.33 11.13 -57.22
CA HIS B 151 25.37 11.55 -58.60
C HIS B 151 26.56 12.43 -58.85
N GLU B 152 27.01 13.16 -57.83
CA GLU B 152 28.17 14.05 -58.01
C GLU B 152 29.47 13.25 -58.15
N TYR B 153 29.39 11.93 -58.06
CA TYR B 153 30.58 11.10 -58.20
C TYR B 153 31.05 11.00 -59.65
N SER B 154 32.32 11.35 -59.88
CA SER B 154 32.93 11.33 -61.21
C SER B 154 33.99 10.24 -61.33
N PRO B 155 33.73 9.24 -62.18
CA PRO B 155 34.65 8.13 -62.39
C PRO B 155 36.04 8.58 -62.83
N ALA B 156 36.12 9.73 -63.47
CA ALA B 156 37.38 10.23 -64.00
C ALA B 156 38.14 11.14 -63.04
N SER B 157 37.44 11.81 -62.14
CA SER B 157 38.13 12.74 -61.25
C SER B 157 38.30 12.22 -59.84
N HIS B 158 37.31 11.48 -59.35
CA HIS B 158 37.32 10.97 -57.98
C HIS B 158 37.85 9.55 -57.87
N HIS B 159 39.01 9.40 -57.23
CA HIS B 159 39.63 8.09 -57.06
C HIS B 159 39.64 7.63 -55.60
N VAL B 160 39.62 8.59 -54.70
CA VAL B 160 39.56 8.30 -53.27
C VAL B 160 38.28 8.91 -52.71
N VAL B 161 37.25 8.09 -52.56
CA VAL B 161 35.98 8.56 -52.04
C VAL B 161 35.82 8.23 -50.55
N SER B 162 35.09 9.10 -49.85
CA SER B 162 34.79 8.94 -48.43
C SER B 162 33.26 8.82 -48.23
N ASN B 163 32.84 7.84 -47.45
CA ASN B 163 31.42 7.60 -47.20
C ASN B 163 30.94 8.44 -46.03
N ALA B 164 31.79 9.35 -45.57
CA ALA B 164 31.48 10.21 -44.43
C ALA B 164 31.44 9.39 -43.14
N SER B 165 30.68 9.85 -42.14
CA SER B 165 30.58 9.13 -40.88
C SER B 165 29.20 8.54 -40.68
N CYS B 166 29.09 7.57 -39.79
CA CYS B 166 27.80 6.97 -39.53
C CYS B 166 26.78 8.07 -39.18
N THR B 167 27.22 9.03 -38.35
CA THR B 167 26.39 10.13 -37.90
C THR B 167 25.94 11.02 -39.04
N THR B 168 26.88 11.44 -39.89
CA THR B 168 26.55 12.29 -41.03
C THR B 168 25.51 11.65 -41.94
N ASN B 169 25.59 10.33 -42.11
CA ASN B 169 24.66 9.60 -42.95
C ASN B 169 23.26 9.57 -42.37
N CYS B 170 23.10 10.11 -41.17
CA CYS B 170 21.77 10.13 -40.58
C CYS B 170 21.17 11.51 -40.69
N LEU B 171 22.01 12.52 -40.48
CA LEU B 171 21.63 13.92 -40.55
C LEU B 171 21.43 14.40 -41.97
N ALA B 172 22.42 14.15 -42.83
CA ALA B 172 22.37 14.60 -44.22
C ALA B 172 21.02 14.29 -44.88
N PRO B 173 20.55 13.05 -44.78
CA PRO B 173 19.26 12.78 -45.43
C PRO B 173 18.18 13.74 -44.95
N ILE B 174 18.02 13.88 -43.63
CA ILE B 174 17.00 14.78 -43.08
C ILE B 174 17.19 16.18 -43.63
N VAL B 175 18.41 16.70 -43.48
CA VAL B 175 18.73 18.03 -43.95
C VAL B 175 18.46 18.16 -45.44
N HIS B 176 18.71 17.09 -46.17
CA HIS B 176 18.48 17.10 -47.61
C HIS B 176 17.03 17.40 -47.92
N VAL B 177 16.12 16.61 -47.35
CA VAL B 177 14.72 16.85 -47.63
C VAL B 177 14.31 18.19 -47.09
N LEU B 178 14.93 18.63 -46.01
CA LEU B 178 14.57 19.92 -45.45
C LEU B 178 14.84 21.03 -46.44
N THR B 179 15.99 20.97 -47.12
CA THR B 179 16.35 22.01 -48.09
C THR B 179 15.67 21.79 -49.45
N LYS B 180 15.54 20.53 -49.87
CA LYS B 180 14.90 20.21 -51.14
C LYS B 180 13.42 20.57 -51.13
N GLU B 181 12.78 20.42 -49.97
CA GLU B 181 11.38 20.75 -49.87
C GLU B 181 11.18 22.22 -49.53
N ASN B 182 12.25 23.00 -49.74
CA ASN B 182 12.26 24.45 -49.53
C ASN B 182 11.85 24.88 -48.13
N PHE B 183 12.14 24.09 -47.10
CA PHE B 183 11.82 24.52 -45.76
C PHE B 183 12.85 25.52 -45.32
N GLY B 184 14.03 25.37 -45.90
CA GLY B 184 15.10 26.27 -45.61
C GLY B 184 15.74 25.96 -44.28
N ILE B 185 16.95 26.45 -44.11
CA ILE B 185 17.66 26.21 -42.89
C ILE B 185 18.67 27.32 -42.63
N GLU B 186 18.16 28.38 -42.00
CA GLU B 186 18.95 29.56 -41.64
C GLU B 186 20.20 29.11 -40.91
N THR B 187 19.98 28.49 -39.76
CA THR B 187 21.06 27.94 -38.95
C THR B 187 20.53 26.71 -38.24
N GLY B 188 21.43 25.89 -37.73
CA GLY B 188 20.97 24.71 -37.05
C GLY B 188 22.05 24.07 -36.20
N LEU B 189 21.65 23.59 -35.03
CA LEU B 189 22.55 22.93 -34.12
C LEU B 189 22.01 21.54 -33.85
N MET B 190 22.88 20.54 -33.82
CA MET B 190 22.41 19.20 -33.57
C MET B 190 23.19 18.51 -32.47
N THR B 191 22.45 17.76 -31.68
CA THR B 191 23.01 16.99 -30.59
C THR B 191 22.84 15.52 -30.91
N THR B 192 23.86 14.70 -30.66
CA THR B 192 23.71 13.29 -30.95
C THR B 192 23.98 12.39 -29.75
N ILE B 193 22.98 11.63 -29.34
CA ILE B 193 23.19 10.67 -28.28
C ILE B 193 23.73 9.43 -28.96
N HIS B 194 25.01 9.17 -28.76
CA HIS B 194 25.70 8.08 -29.45
C HIS B 194 26.07 6.90 -28.55
N SER B 195 26.10 5.71 -29.13
CA SER B 195 26.51 4.52 -28.38
C SER B 195 28.03 4.53 -28.28
N TYR B 196 28.61 3.95 -27.24
CA TYR B 196 30.06 3.97 -27.17
C TYR B 196 30.68 3.17 -28.31
N THR B 197 31.90 3.52 -28.67
CA THR B 197 32.60 2.83 -29.75
C THR B 197 33.88 2.16 -29.28
N ALA B 198 34.60 1.58 -30.24
CA ALA B 198 35.84 0.84 -29.96
C ALA B 198 36.98 1.74 -29.50
N THR B 199 36.90 3.03 -29.78
CA THR B 199 37.97 3.93 -29.36
C THR B 199 37.86 4.28 -27.87
N GLN B 200 36.73 3.93 -27.26
CA GLN B 200 36.54 4.23 -25.85
C GLN B 200 37.13 3.17 -24.94
N LYS B 201 37.18 3.47 -23.65
CA LYS B 201 37.77 2.58 -22.65
C LYS B 201 36.73 2.02 -21.67
N THR B 202 36.90 0.77 -21.28
CA THR B 202 35.98 0.15 -20.33
C THR B 202 36.04 0.82 -18.97
N VAL B 203 37.26 1.05 -18.50
CA VAL B 203 37.49 1.74 -17.23
C VAL B 203 38.32 2.97 -17.52
N ASP B 204 38.24 3.98 -16.66
CA ASP B 204 39.02 5.21 -16.87
C ASP B 204 40.42 4.86 -17.35
N GLY B 205 40.69 5.09 -18.63
CA GLY B 205 42.01 4.78 -19.17
C GLY B 205 42.73 6.00 -19.74
N VAL B 206 43.61 5.78 -20.70
CA VAL B 206 44.37 6.89 -21.28
C VAL B 206 43.80 7.36 -22.61
N SER B 207 43.87 8.68 -22.82
CA SER B 207 43.39 9.33 -24.03
C SER B 207 43.86 10.78 -24.08
N LEU B 208 45.12 10.97 -24.47
CA LEU B 208 45.73 12.31 -24.53
C LEU B 208 45.01 13.29 -25.45
N LYS B 209 44.37 12.81 -26.51
CA LYS B 209 43.68 13.71 -27.43
C LYS B 209 42.29 14.11 -26.91
N ASP B 210 41.55 13.13 -26.39
CA ASP B 210 40.19 13.32 -25.87
C ASP B 210 40.08 12.86 -24.40
N TRP B 211 40.51 13.72 -23.49
CA TRP B 211 40.50 13.41 -22.06
C TRP B 211 39.20 12.76 -21.61
N ARG B 212 38.07 13.39 -21.91
CA ARG B 212 36.78 12.85 -21.50
C ARG B 212 36.56 11.47 -22.10
N GLY B 213 36.93 11.32 -23.36
CA GLY B 213 36.73 10.05 -24.04
C GLY B 213 37.52 8.91 -23.45
N GLY B 214 38.44 9.23 -22.56
CA GLY B 214 39.24 8.18 -21.94
C GLY B 214 38.62 7.64 -20.66
N ARG B 215 37.42 8.09 -20.31
CA ARG B 215 36.74 7.67 -19.08
C ARG B 215 35.79 6.51 -19.30
N ALA B 216 35.57 5.73 -18.24
CA ALA B 216 34.68 4.56 -18.23
C ALA B 216 33.50 4.77 -19.15
N ALA B 217 33.53 4.13 -20.29
CA ALA B 217 32.51 4.30 -21.29
C ALA B 217 31.13 3.80 -20.90
N ALA B 218 31.05 2.61 -20.33
CA ALA B 218 29.76 2.02 -19.99
C ALA B 218 29.14 2.58 -18.71
N VAL B 219 29.75 3.56 -18.08
CA VAL B 219 29.14 4.04 -16.86
C VAL B 219 29.14 5.58 -16.78
N ASN B 220 29.23 6.21 -17.94
CA ASN B 220 29.25 7.66 -17.99
C ASN B 220 28.61 8.20 -19.24
N ILE B 221 28.16 9.45 -19.15
CA ILE B 221 27.64 10.18 -20.30
C ILE B 221 28.81 11.03 -20.71
N ILE B 222 29.45 10.74 -21.83
CA ILE B 222 30.65 11.47 -22.19
C ILE B 222 30.51 12.44 -23.34
N PRO B 223 30.53 13.75 -23.07
CA PRO B 223 30.39 14.67 -24.20
C PRO B 223 31.58 14.54 -25.14
N SER B 224 31.47 15.10 -26.33
CA SER B 224 32.55 15.08 -27.30
C SER B 224 32.18 15.91 -28.51
N THR B 225 33.17 16.30 -29.29
CA THR B 225 32.90 17.10 -30.48
C THR B 225 32.58 16.18 -31.65
N THR B 226 32.09 16.76 -32.74
CA THR B 226 31.76 15.96 -33.91
C THR B 226 31.72 16.83 -35.17
N GLY B 227 32.48 16.42 -36.18
CA GLY B 227 32.49 17.17 -37.41
C GLY B 227 31.31 16.80 -38.29
N ALA B 228 30.57 15.78 -37.86
CA ALA B 228 29.40 15.30 -38.59
C ALA B 228 28.55 16.46 -39.05
N ALA B 229 28.47 17.48 -38.20
CA ALA B 229 27.70 18.68 -38.47
C ALA B 229 28.27 19.42 -39.67
N LYS B 230 29.47 19.98 -39.50
CA LYS B 230 30.11 20.70 -40.60
C LYS B 230 30.11 19.84 -41.86
N ALA B 231 30.51 18.57 -41.69
CA ALA B 231 30.59 17.61 -42.79
C ALA B 231 29.37 17.64 -43.68
N VAL B 232 28.19 17.75 -43.10
CA VAL B 232 27.00 17.79 -43.93
C VAL B 232 27.12 18.95 -44.91
N GLY B 233 28.01 19.88 -44.59
CA GLY B 233 28.25 21.04 -45.43
C GLY B 233 28.93 20.69 -46.74
N MET B 234 29.81 19.69 -46.73
CA MET B 234 30.49 19.27 -47.95
C MET B 234 29.52 18.54 -48.88
N VAL B 235 28.57 17.81 -48.30
CA VAL B 235 27.60 17.06 -49.08
C VAL B 235 26.43 17.92 -49.55
N ILE B 236 26.11 18.95 -48.77
CA ILE B 236 25.02 19.87 -49.12
C ILE B 236 25.51 21.30 -48.97
N PRO B 237 26.24 21.80 -50.00
CA PRO B 237 26.86 23.12 -50.15
C PRO B 237 26.08 24.27 -49.51
N SER B 238 24.77 24.29 -49.70
CA SER B 238 23.96 25.37 -49.17
C SER B 238 23.94 25.42 -47.65
N THR B 239 24.52 24.41 -46.98
CA THR B 239 24.51 24.39 -45.51
C THR B 239 25.87 24.69 -44.90
N LYS B 240 26.84 25.11 -45.71
CA LYS B 240 28.15 25.44 -45.18
C LYS B 240 28.07 26.54 -44.12
N GLY B 241 28.70 26.32 -42.98
CA GLY B 241 28.70 27.34 -41.94
C GLY B 241 27.34 27.64 -41.34
N LYS B 242 26.37 26.79 -41.62
CA LYS B 242 25.03 26.96 -41.08
C LYS B 242 24.74 25.91 -40.01
N LEU B 243 25.55 24.85 -40.02
CA LEU B 243 25.36 23.75 -39.08
C LEU B 243 26.56 23.50 -38.20
N THR B 244 26.28 22.83 -37.09
CA THR B 244 27.28 22.44 -36.11
C THR B 244 26.61 21.68 -35.01
N GLY B 245 27.28 20.69 -34.45
CA GLY B 245 26.66 19.94 -33.39
C GLY B 245 27.67 19.36 -32.42
N MET B 246 27.14 18.65 -31.43
CA MET B 246 27.98 18.02 -30.45
C MET B 246 27.51 16.61 -30.23
N SER B 247 28.27 15.85 -29.47
CA SER B 247 27.93 14.47 -29.22
C SER B 247 27.95 14.11 -27.76
N PHE B 248 27.08 13.19 -27.39
CA PHE B 248 27.02 12.69 -26.03
C PHE B 248 27.11 11.16 -26.08
N ARG B 249 28.29 10.62 -25.77
CA ARG B 249 28.48 9.17 -25.74
C ARG B 249 27.82 8.61 -24.49
N VAL B 250 26.93 7.64 -24.65
CA VAL B 250 26.21 7.04 -23.52
C VAL B 250 26.27 5.51 -23.56
N PRO B 251 26.20 4.87 -22.39
CA PRO B 251 26.24 3.43 -22.06
C PRO B 251 25.36 2.47 -22.91
N THR B 252 25.61 2.37 -24.22
CA THR B 252 24.93 1.39 -25.09
C THR B 252 25.88 0.96 -26.20
N PRO B 253 26.02 -0.36 -26.40
CA PRO B 253 26.89 -0.97 -27.41
C PRO B 253 26.61 -0.49 -28.83
N ASP B 254 25.35 -0.19 -29.13
CA ASP B 254 25.04 0.23 -30.48
C ASP B 254 23.67 0.86 -30.62
N VAL B 255 23.57 1.72 -31.64
CA VAL B 255 22.36 2.47 -32.01
C VAL B 255 22.41 3.85 -31.41
N SER B 256 22.34 4.87 -32.26
CA SER B 256 22.39 6.24 -31.80
C SER B 256 21.21 7.05 -32.31
N VAL B 257 20.95 8.19 -31.68
CA VAL B 257 19.85 9.06 -32.09
C VAL B 257 20.35 10.48 -32.38
N VAL B 258 19.65 11.19 -33.25
CA VAL B 258 20.01 12.56 -33.58
C VAL B 258 18.86 13.51 -33.30
N ASP B 259 19.19 14.56 -32.58
CA ASP B 259 18.28 15.61 -32.19
C ASP B 259 18.65 16.89 -32.92
N LEU B 260 18.08 17.08 -34.11
CA LEU B 260 18.36 18.27 -34.90
C LEU B 260 17.44 19.40 -34.51
N THR B 261 18.06 20.55 -34.26
CA THR B 261 17.35 21.77 -33.86
C THR B 261 17.70 22.87 -34.84
N PHE B 262 16.73 23.34 -35.61
CA PHE B 262 17.00 24.36 -36.63
C PHE B 262 15.89 25.40 -36.77
N ARG B 263 16.23 26.48 -37.45
CA ARG B 263 15.31 27.56 -37.72
C ARG B 263 15.04 27.64 -39.23
N ALA B 264 13.78 27.55 -39.63
CA ALA B 264 13.43 27.59 -41.05
C ALA B 264 13.60 28.99 -41.65
N THR B 265 13.55 29.04 -42.98
CA THR B 265 13.68 30.29 -43.72
C THR B 265 12.33 31.00 -43.84
N ARG B 266 11.27 30.23 -44.06
CA ARG B 266 9.93 30.77 -44.19
C ARG B 266 9.03 30.19 -43.11
N ASP B 267 7.89 30.82 -42.85
CA ASP B 267 7.00 30.24 -41.86
C ASP B 267 6.56 28.86 -42.31
N THR B 268 6.36 27.98 -41.33
CA THR B 268 5.92 26.63 -41.62
C THR B 268 5.43 25.99 -40.33
N SER B 269 5.24 24.68 -40.33
CA SER B 269 4.78 24.02 -39.10
C SER B 269 5.46 22.67 -38.94
N ILE B 270 5.36 22.11 -37.74
CA ILE B 270 5.97 20.81 -37.49
C ILE B 270 5.22 19.71 -38.23
N GLN B 271 3.93 19.90 -38.47
CA GLN B 271 3.16 18.91 -39.20
C GLN B 271 3.57 18.91 -40.67
N GLU B 272 3.86 20.09 -41.20
CA GLU B 272 4.30 20.15 -42.58
C GLU B 272 5.59 19.39 -42.74
N ILE B 273 6.50 19.59 -41.79
CA ILE B 273 7.79 18.93 -41.77
C ILE B 273 7.62 17.42 -41.64
N ASP B 274 6.80 17.04 -40.68
CA ASP B 274 6.50 15.63 -40.39
C ASP B 274 6.01 14.92 -41.65
N LYS B 275 5.10 15.55 -42.39
CA LYS B 275 4.55 14.93 -43.59
C LYS B 275 5.58 14.85 -44.72
N ALA B 276 6.39 15.91 -44.88
CA ALA B 276 7.41 15.93 -45.92
C ALA B 276 8.40 14.77 -45.73
N ILE B 277 8.98 14.68 -44.54
CA ILE B 277 9.93 13.61 -44.27
C ILE B 277 9.31 12.25 -44.59
N LYS B 278 8.11 12.00 -44.10
CA LYS B 278 7.45 10.73 -44.40
C LYS B 278 7.28 10.54 -45.90
N LYS B 279 6.83 11.58 -46.59
CA LYS B 279 6.61 11.55 -48.04
C LYS B 279 7.92 11.22 -48.75
N ALA B 280 8.96 11.98 -48.40
CA ALA B 280 10.27 11.78 -48.98
C ALA B 280 10.75 10.38 -48.70
N ALA B 281 10.46 9.91 -47.50
CA ALA B 281 10.87 8.57 -47.09
C ALA B 281 10.17 7.51 -47.94
N GLN B 282 9.01 7.84 -48.48
CA GLN B 282 8.28 6.87 -49.28
C GLN B 282 8.54 7.06 -50.75
N THR B 283 9.46 7.96 -51.07
CA THR B 283 9.73 8.22 -52.46
C THR B 283 11.22 8.25 -52.79
N TYR B 284 11.76 9.44 -53.05
CA TYR B 284 13.14 9.57 -53.45
C TYR B 284 14.15 9.25 -52.37
N MET B 285 13.70 8.99 -51.15
CA MET B 285 14.64 8.64 -50.10
C MET B 285 14.44 7.21 -49.63
N LYS B 286 13.41 6.55 -50.15
CA LYS B 286 13.12 5.19 -49.76
C LYS B 286 14.38 4.34 -49.79
N GLY B 287 14.61 3.62 -48.71
CA GLY B 287 15.78 2.77 -48.59
C GLY B 287 16.88 3.44 -47.77
N ILE B 288 17.00 4.75 -47.94
CA ILE B 288 17.99 5.53 -47.23
C ILE B 288 17.41 6.18 -45.99
N LEU B 289 16.25 6.80 -46.14
CA LEU B 289 15.58 7.47 -45.04
C LEU B 289 14.22 6.82 -44.77
N GLY B 290 13.97 6.44 -43.53
CA GLY B 290 12.69 5.85 -43.19
C GLY B 290 12.07 6.53 -41.99
N PHE B 291 10.88 6.12 -41.58
CA PHE B 291 10.29 6.72 -40.40
C PHE B 291 9.53 5.71 -39.57
N THR B 292 8.98 6.16 -38.46
CA THR B 292 8.22 5.28 -37.60
C THR B 292 7.13 6.05 -36.86
N ASP B 293 5.99 5.39 -36.64
CA ASP B 293 4.87 5.97 -35.92
C ASP B 293 4.71 5.32 -34.57
N GLU B 294 5.58 4.34 -34.29
CA GLU B 294 5.53 3.57 -33.07
C GLU B 294 6.40 4.17 -31.95
N GLU B 295 6.11 3.74 -30.72
CA GLU B 295 6.84 4.17 -29.53
C GLU B 295 8.11 3.32 -29.37
N LEU B 296 9.12 3.55 -30.21
CA LEU B 296 10.33 2.71 -30.18
C LEU B 296 11.46 3.25 -29.33
N VAL B 297 12.37 2.35 -29.00
CA VAL B 297 13.58 2.67 -28.24
C VAL B 297 14.80 2.11 -28.98
N SER B 298 15.98 2.61 -28.64
CA SER B 298 17.19 2.21 -29.33
C SER B 298 17.20 0.73 -29.82
N ALA B 299 16.95 -0.22 -28.93
CA ALA B 299 17.02 -1.62 -29.34
C ALA B 299 16.13 -1.96 -30.53
N ASP B 300 15.09 -1.17 -30.76
CA ASP B 300 14.17 -1.47 -31.85
C ASP B 300 14.75 -1.15 -33.21
N PHE B 301 15.92 -0.55 -33.23
CA PHE B 301 16.52 -0.21 -34.50
C PHE B 301 17.72 -1.12 -34.80
N ILE B 302 18.05 -2.00 -33.87
CA ILE B 302 19.16 -2.89 -34.13
C ILE B 302 18.92 -3.65 -35.41
N ASN B 303 19.87 -3.55 -36.32
CA ASN B 303 19.82 -4.22 -37.62
C ASN B 303 18.89 -3.53 -38.59
N ASP B 304 18.57 -2.27 -38.32
CA ASP B 304 17.77 -1.51 -39.27
C ASP B 304 18.76 -0.91 -40.25
N ASN B 305 18.68 -1.26 -41.53
CA ASN B 305 19.69 -0.76 -42.46
C ASN B 305 19.36 0.57 -43.15
N ARG B 306 18.44 1.35 -42.61
CA ARG B 306 18.22 2.68 -43.20
C ARG B 306 19.23 3.65 -42.58
N SER B 307 19.79 4.56 -43.38
CA SER B 307 20.77 5.52 -42.86
C SER B 307 20.20 6.40 -41.76
N SER B 308 18.93 6.73 -41.87
CA SER B 308 18.27 7.59 -40.90
C SER B 308 16.80 7.30 -40.84
N VAL B 309 16.31 7.01 -39.64
CA VAL B 309 14.91 6.71 -39.49
C VAL B 309 14.24 7.65 -38.50
N TYR B 310 13.54 8.60 -39.09
CA TYR B 310 12.81 9.68 -38.44
C TYR B 310 11.79 9.20 -37.40
N ASP B 311 11.83 9.83 -36.22
CA ASP B 311 10.88 9.50 -35.14
C ASP B 311 9.68 10.47 -35.13
N SER B 312 8.60 10.07 -35.80
CA SER B 312 7.41 10.91 -35.90
C SER B 312 6.80 11.30 -34.57
N LYS B 313 6.47 10.30 -33.75
CA LYS B 313 5.87 10.59 -32.45
C LYS B 313 6.77 11.49 -31.62
N ALA B 314 8.03 11.11 -31.49
CA ALA B 314 8.94 11.92 -30.71
C ALA B 314 8.96 13.35 -31.20
N THR B 315 9.06 13.54 -32.52
CA THR B 315 9.11 14.89 -33.06
C THR B 315 7.79 15.65 -32.89
N LEU B 316 6.69 15.10 -33.34
CA LEU B 316 5.42 15.79 -33.21
C LEU B 316 5.13 16.18 -31.77
N GLN B 317 5.45 15.28 -30.84
CA GLN B 317 5.13 15.51 -29.43
C GLN B 317 6.05 16.50 -28.70
N ASN B 318 7.25 16.79 -29.18
CA ASN B 318 8.11 17.66 -28.40
C ASN B 318 8.43 18.99 -29.03
N ASN B 319 7.54 19.50 -29.87
CA ASN B 319 7.75 20.79 -30.49
C ASN B 319 6.68 21.75 -30.04
N LEU B 320 7.01 23.04 -29.95
CA LEU B 320 6.03 24.05 -29.54
C LEU B 320 4.76 23.89 -30.38
N PRO B 321 3.61 23.92 -29.72
CA PRO B 321 2.30 23.79 -30.36
C PRO B 321 2.13 24.63 -31.63
N GLY B 322 2.36 25.95 -31.55
CA GLY B 322 2.13 26.76 -32.74
C GLY B 322 3.37 27.37 -33.35
N GLU B 323 4.53 26.84 -33.05
CA GLU B 323 5.78 27.38 -33.60
C GLU B 323 5.78 27.36 -35.12
N LYS B 324 6.49 28.33 -35.72
CA LYS B 324 6.54 28.44 -37.17
C LYS B 324 7.95 28.51 -37.75
N ARG B 325 8.98 28.59 -36.91
CA ARG B 325 10.34 28.67 -37.45
C ARG B 325 11.35 27.81 -36.70
N PHE B 326 11.28 27.83 -35.37
CA PHE B 326 12.21 27.10 -34.51
C PHE B 326 11.72 25.67 -34.29
N PHE B 327 12.45 24.69 -34.86
CA PHE B 327 11.99 23.32 -34.77
C PHE B 327 13.06 22.32 -34.30
N LYS B 328 12.58 21.14 -33.92
CA LYS B 328 13.42 20.05 -33.45
C LYS B 328 13.01 18.73 -34.11
N VAL B 329 13.90 18.14 -34.87
CA VAL B 329 13.59 16.88 -35.53
C VAL B 329 14.44 15.75 -34.97
N VAL B 330 13.80 14.60 -34.71
CA VAL B 330 14.48 13.43 -34.13
C VAL B 330 14.56 12.22 -35.08
N SER B 331 15.77 11.69 -35.27
CA SER B 331 15.92 10.52 -36.13
C SER B 331 16.92 9.54 -35.54
N TRP B 332 16.65 8.24 -35.68
CA TRP B 332 17.55 7.21 -35.16
C TRP B 332 18.39 6.58 -36.25
N TYR B 333 19.43 5.85 -35.84
CA TYR B 333 20.31 5.12 -36.75
C TYR B 333 21.15 4.08 -36.04
N ASP B 334 21.31 2.92 -36.66
CA ASP B 334 22.15 1.86 -36.14
C ASP B 334 23.57 2.16 -36.62
N ASN B 335 24.26 3.02 -35.89
CA ASN B 335 25.58 3.44 -36.27
C ASN B 335 26.40 2.35 -36.96
N GLU B 336 26.32 1.10 -36.51
CA GLU B 336 27.13 0.07 -37.14
C GLU B 336 26.48 -0.51 -38.41
N TRP B 337 25.33 -1.13 -38.25
CA TRP B 337 24.65 -1.80 -39.37
C TRP B 337 24.40 -0.92 -40.59
N ALA B 338 23.66 0.17 -40.42
CA ALA B 338 23.35 1.03 -41.55
C ALA B 338 24.60 1.49 -42.29
N TYR B 339 25.49 2.17 -41.60
CA TYR B 339 26.70 2.69 -42.23
C TYR B 339 27.40 1.61 -43.06
N SER B 340 27.44 0.39 -42.53
CA SER B 340 28.06 -0.72 -43.24
C SER B 340 27.44 -0.92 -44.61
N HIS B 341 26.11 -1.01 -44.67
CA HIS B 341 25.40 -1.19 -45.93
C HIS B 341 25.67 -0.05 -46.90
N ARG B 342 25.78 1.18 -46.39
CA ARG B 342 26.07 2.32 -47.24
C ARG B 342 27.42 2.17 -47.90
N VAL B 343 28.42 1.74 -47.13
CA VAL B 343 29.77 1.55 -47.68
C VAL B 343 29.69 0.69 -48.93
N VAL B 344 29.00 -0.43 -48.77
CA VAL B 344 28.82 -1.38 -49.86
C VAL B 344 28.09 -0.70 -51.02
N ASP B 345 27.00 -0.01 -50.72
CA ASP B 345 26.23 0.68 -51.73
C ASP B 345 27.13 1.61 -52.53
N LEU B 346 27.96 2.37 -51.83
CA LEU B 346 28.84 3.30 -52.52
C LEU B 346 29.76 2.57 -53.46
N VAL B 347 30.34 1.47 -53.00
CA VAL B 347 31.25 0.70 -53.85
C VAL B 347 30.54 0.23 -55.09
N ARG B 348 29.41 -0.46 -54.92
CA ARG B 348 28.65 -0.94 -56.06
C ARG B 348 28.33 0.20 -57.02
N TYR B 349 27.93 1.35 -56.47
CA TYR B 349 27.62 2.49 -57.31
C TYR B 349 28.84 2.90 -58.08
N MET B 350 29.92 3.15 -57.35
CA MET B 350 31.16 3.54 -57.99
C MET B 350 31.53 2.54 -59.10
N ALA B 351 31.50 1.26 -58.75
CA ALA B 351 31.81 0.20 -59.70
C ALA B 351 31.01 0.35 -60.99
N ALA B 352 29.68 0.43 -60.86
CA ALA B 352 28.79 0.57 -61.99
C ALA B 352 29.15 1.78 -62.85
N LYS B 353 29.18 2.96 -62.24
CA LYS B 353 29.49 4.18 -62.98
C LYS B 353 30.90 4.13 -63.59
N ASP B 354 31.84 3.52 -62.89
CA ASP B 354 33.22 3.42 -63.40
C ASP B 354 33.26 2.55 -64.65
N ALA B 355 32.36 1.58 -64.70
CA ALA B 355 32.28 0.67 -65.83
C ALA B 355 31.56 1.32 -67.01
N ALA B 356 30.44 1.96 -66.74
CA ALA B 356 29.64 2.61 -67.78
C ALA B 356 30.43 3.64 -68.55
N SER B 357 31.04 4.60 -67.83
CA SER B 357 31.82 5.65 -68.48
C SER B 357 33.02 5.05 -69.21
N SER B 358 33.16 3.73 -69.10
CA SER B 358 34.25 3.01 -69.73
C SER B 358 35.60 3.46 -69.17
N ALA C 1 15.72 28.01 17.74
CA ALA C 1 14.32 27.59 17.43
C ALA C 1 14.30 26.58 16.28
N PRO C 2 14.77 25.34 16.52
CA PRO C 2 14.81 24.28 15.49
C PRO C 2 13.50 24.17 14.75
N ILE C 3 13.60 24.08 13.44
CA ILE C 3 12.42 23.94 12.60
C ILE C 3 11.82 22.55 12.73
N LYS C 4 10.55 22.46 13.10
CA LYS C 4 9.91 21.18 13.26
C LYS C 4 9.42 20.63 11.92
N VAL C 5 10.11 19.63 11.39
CA VAL C 5 9.66 19.08 10.11
C VAL C 5 9.35 17.59 10.20
N GLY C 6 8.50 17.16 9.28
CA GLY C 6 8.11 15.77 9.18
C GLY C 6 8.21 15.33 7.74
N ILE C 7 8.65 14.11 7.51
CA ILE C 7 8.75 13.62 6.14
C ILE C 7 7.67 12.59 5.89
N ASN C 8 6.82 12.85 4.89
CA ASN C 8 5.78 11.89 4.53
C ASN C 8 6.23 11.11 3.31
N GLY C 9 6.57 9.86 3.54
CA GLY C 9 7.06 9.03 2.48
C GLY C 9 8.57 8.98 2.52
N PHE C 10 9.12 7.87 3.01
CA PHE C 10 10.56 7.70 3.15
C PHE C 10 11.17 6.78 2.09
N GLY C 11 11.16 7.20 0.83
CA GLY C 11 11.77 6.40 -0.22
C GLY C 11 12.99 7.11 -0.75
N ARG C 12 13.40 6.85 -2.00
CA ARG C 12 14.56 7.54 -2.53
C ARG C 12 14.44 9.02 -2.18
N ILE C 13 13.43 9.69 -2.72
CA ILE C 13 13.28 11.10 -2.46
C ILE C 13 13.24 11.39 -0.98
N GLY C 14 12.34 10.73 -0.26
CA GLY C 14 12.24 10.93 1.17
C GLY C 14 13.60 10.95 1.84
N ARG C 15 14.28 9.81 1.81
CA ARG C 15 15.60 9.65 2.43
C ARG C 15 16.62 10.70 1.96
N MET C 16 16.80 10.86 0.64
CA MET C 16 17.76 11.84 0.12
C MET C 16 17.58 13.20 0.81
N VAL C 17 16.35 13.67 0.89
CA VAL C 17 16.09 14.92 1.57
C VAL C 17 16.60 14.85 3.00
N PHE C 18 16.19 13.83 3.75
CA PHE C 18 16.65 13.67 5.13
C PHE C 18 18.18 13.62 5.20
N GLN C 19 18.79 12.78 4.37
CA GLN C 19 20.24 12.69 4.37
C GLN C 19 20.84 14.05 4.10
N ALA C 20 20.21 14.80 3.21
CA ALA C 20 20.72 16.13 2.88
C ALA C 20 20.70 17.01 4.10
N ILE C 21 19.73 16.77 4.99
CA ILE C 21 19.66 17.56 6.21
C ILE C 21 20.85 17.23 7.10
N CYS C 22 21.06 15.93 7.30
CA CYS C 22 22.15 15.44 8.12
C CYS C 22 23.50 15.83 7.55
N ASP C 23 23.64 15.64 6.24
CA ASP C 23 24.88 15.98 5.55
C ASP C 23 25.30 17.43 5.81
N GLN C 24 24.36 18.35 5.71
CA GLN C 24 24.66 19.75 5.95
C GLN C 24 24.92 19.99 7.45
N GLY C 25 24.70 18.96 8.26
CA GLY C 25 24.91 19.09 9.68
C GLY C 25 23.89 19.98 10.35
N LEU C 26 22.63 19.91 9.92
CA LEU C 26 21.55 20.73 10.49
C LEU C 26 20.67 19.91 11.42
N ILE C 27 20.81 18.59 11.36
CA ILE C 27 19.99 17.74 12.20
C ILE C 27 20.12 18.11 13.67
N GLY C 28 18.98 18.23 14.35
CA GLY C 28 18.99 18.56 15.77
C GLY C 28 19.16 20.03 16.06
N THR C 29 20.20 20.65 15.51
CA THR C 29 20.46 22.07 15.74
C THR C 29 19.47 22.96 15.00
N GLU C 30 19.67 23.11 13.68
CA GLU C 30 18.83 23.96 12.83
C GLU C 30 17.46 23.33 12.49
N ILE C 31 17.45 22.09 12.06
CA ILE C 31 16.22 21.41 11.71
C ILE C 31 15.97 20.21 12.59
N ASP C 32 14.76 20.12 13.11
CA ASP C 32 14.36 19.01 13.97
C ASP C 32 13.40 18.09 13.24
N VAL C 33 13.93 17.02 12.64
CA VAL C 33 13.06 16.08 11.99
C VAL C 33 12.40 15.26 13.08
N VAL C 34 11.15 15.56 13.36
CA VAL C 34 10.44 14.89 14.42
C VAL C 34 10.14 13.44 14.08
N ALA C 35 9.76 13.20 12.83
CA ALA C 35 9.41 11.84 12.43
C ALA C 35 9.22 11.72 10.93
N VAL C 36 9.24 10.47 10.47
CA VAL C 36 9.00 10.15 9.08
C VAL C 36 7.80 9.21 8.99
N VAL C 37 7.12 9.22 7.85
CA VAL C 37 5.93 8.41 7.67
C VAL C 37 5.99 7.58 6.40
N ASP C 38 5.78 6.27 6.55
CA ASP C 38 5.83 5.36 5.43
C ASP C 38 4.95 4.14 5.69
N MET C 39 4.84 3.25 4.71
CA MET C 39 4.03 2.06 4.86
C MET C 39 4.69 1.11 5.85
N SER C 40 5.94 1.42 6.17
CA SER C 40 6.71 0.63 7.10
C SER C 40 7.31 1.49 8.17
N THR C 41 7.46 0.93 9.36
CA THR C 41 8.09 1.69 10.43
C THR C 41 9.33 0.94 10.91
N ASN C 42 9.86 0.09 10.04
CA ASN C 42 11.03 -0.71 10.32
C ASN C 42 12.27 0.16 10.25
N ALA C 43 12.66 0.72 11.38
CA ALA C 43 13.84 1.58 11.44
C ALA C 43 15.10 0.87 10.99
N GLU C 44 15.18 -0.42 11.23
CA GLU C 44 16.38 -1.14 10.84
C GLU C 44 16.57 -1.11 9.34
N TYR C 45 15.49 -1.34 8.61
CA TYR C 45 15.58 -1.31 7.17
C TYR C 45 15.93 0.10 6.69
N PHE C 46 15.32 1.13 7.27
CA PHE C 46 15.65 2.50 6.86
C PHE C 46 17.11 2.79 7.17
N ALA C 47 17.55 2.32 8.34
CA ALA C 47 18.93 2.52 8.75
C ALA C 47 19.85 1.91 7.69
N TYR C 48 19.54 0.68 7.30
CA TYR C 48 20.30 -0.01 6.29
C TYR C 48 20.34 0.81 5.02
N GLN C 49 19.16 1.23 4.58
CA GLN C 49 19.03 2.00 3.37
C GLN C 49 19.84 3.28 3.41
N MET C 50 19.99 3.87 4.58
CA MET C 50 20.73 5.12 4.63
C MET C 50 22.21 4.91 4.74
N LYS C 51 22.62 3.76 5.27
CA LYS C 51 24.03 3.49 5.45
C LYS C 51 24.70 2.96 4.20
N HIS C 52 23.92 2.52 3.23
CA HIS C 52 24.50 1.96 2.01
C HIS C 52 23.79 2.45 0.77
N ASP C 53 24.49 3.26 -0.01
CA ASP C 53 23.91 3.82 -1.21
C ASP C 53 24.81 3.59 -2.39
N THR C 54 24.34 2.81 -3.34
CA THR C 54 25.09 2.48 -4.55
C THR C 54 25.76 3.70 -5.18
N VAL C 55 24.98 4.74 -5.45
CA VAL C 55 25.53 5.90 -6.09
C VAL C 55 26.18 6.91 -5.16
N HIS C 56 25.67 7.11 -3.96
CA HIS C 56 26.27 8.14 -3.13
C HIS C 56 27.16 7.61 -2.00
N GLY C 57 27.39 6.30 -1.97
CA GLY C 57 28.25 5.70 -0.96
C GLY C 57 27.73 5.84 0.45
N ARG C 58 28.64 5.67 1.41
CA ARG C 58 28.35 5.77 2.84
C ARG C 58 28.23 7.22 3.30
N PRO C 59 27.36 7.49 4.30
CA PRO C 59 27.10 8.82 4.86
C PRO C 59 28.20 9.28 5.82
N LYS C 60 28.30 10.59 6.04
CA LYS C 60 29.30 11.18 6.94
C LYS C 60 28.81 11.26 8.38
N TYR C 61 27.69 10.61 8.67
CA TYR C 61 27.15 10.60 10.02
C TYR C 61 26.80 9.19 10.42
N THR C 62 26.37 8.99 11.65
CA THR C 62 26.02 7.65 12.06
C THR C 62 24.52 7.50 12.09
N VAL C 63 24.08 6.30 11.73
CA VAL C 63 22.66 5.98 11.76
C VAL C 63 22.44 4.68 12.50
N GLU C 64 21.56 4.71 13.48
CA GLU C 64 21.28 3.51 14.24
C GLU C 64 19.79 3.38 14.48
N ALA C 65 19.31 2.15 14.51
CA ALA C 65 17.90 1.91 14.77
C ALA C 65 17.71 1.48 16.19
N VAL C 66 16.68 2.01 16.83
CA VAL C 66 16.40 1.64 18.20
C VAL C 66 14.93 1.45 18.40
N LYS C 67 14.57 1.02 19.60
CA LYS C 67 13.18 0.78 19.93
C LYS C 67 12.66 1.87 20.84
N SER C 68 11.44 2.34 20.59
CA SER C 68 10.84 3.37 21.43
C SER C 68 10.68 2.84 22.84
N SER C 69 10.43 1.53 22.92
CA SER C 69 10.26 0.80 24.17
C SER C 69 10.74 -0.63 23.98
N PRO C 70 11.46 -1.17 24.96
CA PRO C 70 11.98 -2.53 24.90
C PRO C 70 10.92 -3.57 24.54
N SER C 71 9.65 -3.17 24.56
CA SER C 71 8.55 -4.08 24.27
C SER C 71 8.38 -4.35 22.77
N VAL C 72 8.59 -3.33 21.94
CA VAL C 72 8.42 -3.47 20.49
C VAL C 72 9.28 -4.58 19.91
N GLU C 73 8.72 -5.32 18.95
CA GLU C 73 9.44 -6.42 18.32
C GLU C 73 10.55 -5.91 17.40
N THR C 74 10.24 -4.93 16.57
CA THR C 74 11.23 -4.38 15.65
C THR C 74 11.39 -2.88 15.83
N ALA C 75 12.64 -2.40 15.78
CA ALA C 75 12.94 -0.99 15.93
C ALA C 75 11.96 -0.12 15.17
N ASP C 76 11.68 1.06 15.73
CA ASP C 76 10.74 2.01 15.14
C ASP C 76 11.22 3.44 15.33
N VAL C 77 12.47 3.56 15.77
CA VAL C 77 13.04 4.88 15.97
C VAL C 77 14.41 4.98 15.35
N LEU C 78 14.64 6.09 14.67
CA LEU C 78 15.91 6.34 14.02
C LEU C 78 16.74 7.31 14.83
N VAL C 79 18.03 6.99 15.01
CA VAL C 79 18.90 7.90 15.77
C VAL C 79 20.11 8.33 14.95
N VAL C 80 20.13 9.60 14.57
CA VAL C 80 21.24 10.13 13.79
C VAL C 80 21.94 11.22 14.57
N ASN C 81 23.24 11.06 14.76
CA ASN C 81 24.02 12.00 15.53
C ASN C 81 23.31 12.36 16.83
N GLY C 82 22.76 11.34 17.49
CA GLY C 82 22.09 11.55 18.76
C GLY C 82 20.65 12.03 18.66
N HIS C 83 20.22 12.55 17.52
CA HIS C 83 18.86 13.01 17.39
C HIS C 83 17.91 11.84 17.15
N ARG C 84 16.78 11.82 17.86
CA ARG C 84 15.81 10.76 17.70
C ARG C 84 14.75 11.11 16.66
N ILE C 85 14.48 10.19 15.74
CA ILE C 85 13.44 10.40 14.75
C ILE C 85 12.44 9.28 14.83
N LYS C 86 11.17 9.66 14.98
CA LYS C 86 10.07 8.71 15.07
C LYS C 86 9.67 8.17 13.69
N CYS C 87 9.33 6.89 13.65
CA CYS C 87 8.89 6.27 12.41
C CYS C 87 7.40 6.01 12.51
N VAL C 88 6.60 6.90 11.92
CA VAL C 88 5.15 6.78 12.01
C VAL C 88 4.54 5.98 10.87
N LYS C 89 3.49 5.23 11.18
CA LYS C 89 2.77 4.43 10.19
C LYS C 89 1.94 5.33 9.25
N ALA C 90 2.01 5.05 7.95
CA ALA C 90 1.32 5.84 6.92
C ALA C 90 -0.21 5.77 7.03
N GLN C 91 -0.85 6.70 6.31
CA GLN C 91 -2.31 6.81 6.26
C GLN C 91 -2.77 7.16 4.86
N ARG C 92 -4.01 6.82 4.52
CA ARG C 92 -4.56 7.13 3.20
C ARG C 92 -4.67 8.62 2.97
N ASN C 93 -5.29 9.31 3.92
CA ASN C 93 -5.47 10.75 3.81
C ASN C 93 -4.54 11.51 4.74
N PRO C 94 -3.67 12.35 4.17
CA PRO C 94 -2.72 13.16 4.92
C PRO C 94 -3.33 13.77 6.17
N ALA C 95 -4.62 14.12 6.07
CA ALA C 95 -5.32 14.74 7.18
C ALA C 95 -5.41 13.82 8.40
N ASP C 96 -5.26 12.52 8.19
CA ASP C 96 -5.33 11.58 9.31
C ASP C 96 -3.98 11.42 9.98
N LEU C 97 -3.00 12.22 9.54
CA LEU C 97 -1.64 12.20 10.10
C LEU C 97 -1.59 13.03 11.36
N PRO C 98 -0.93 12.52 12.40
CA PRO C 98 -0.79 13.18 13.71
C PRO C 98 0.19 14.36 13.70
N TRP C 99 0.35 15.06 12.57
CA TRP C 99 1.27 16.20 12.50
C TRP C 99 1.15 17.11 13.72
N GLY C 100 -0.08 17.48 14.05
CA GLY C 100 -0.32 18.36 15.18
C GLY C 100 0.11 17.75 16.48
N LYS C 101 -0.30 16.50 16.70
CA LYS C 101 0.06 15.78 17.91
C LYS C 101 1.58 15.60 18.02
N LEU C 102 2.25 15.39 16.90
CA LEU C 102 3.71 15.23 16.89
C LEU C 102 4.43 16.58 17.01
N GLY C 103 3.72 17.67 16.73
CA GLY C 103 4.31 18.99 16.83
C GLY C 103 5.07 19.41 15.58
N VAL C 104 4.68 18.87 14.43
CA VAL C 104 5.33 19.18 13.18
C VAL C 104 4.74 20.40 12.50
N ASP C 105 5.59 21.29 12.01
CA ASP C 105 5.09 22.49 11.32
C ASP C 105 5.33 22.38 9.83
N TYR C 106 6.53 21.98 9.44
CA TYR C 106 6.84 21.87 8.03
C TYR C 106 6.88 20.44 7.54
N VAL C 107 5.95 20.07 6.69
CA VAL C 107 5.93 18.73 6.17
C VAL C 107 6.44 18.68 4.74
N ILE C 108 7.42 17.81 4.52
CA ILE C 108 7.95 17.59 3.20
C ILE C 108 7.19 16.43 2.59
N GLU C 109 6.36 16.74 1.62
CA GLU C 109 5.52 15.76 0.95
C GLU C 109 6.29 15.08 -0.19
N SER C 110 6.82 13.89 0.09
CA SER C 110 7.60 13.21 -0.93
C SER C 110 7.13 11.78 -1.20
N THR C 111 5.82 11.54 -1.19
CA THR C 111 5.34 10.21 -1.51
C THR C 111 5.06 10.11 -3.00
N GLY C 112 4.80 11.27 -3.62
CA GLY C 112 4.52 11.30 -5.04
C GLY C 112 3.07 11.00 -5.35
N LEU C 113 2.24 10.91 -4.32
CA LEU C 113 0.82 10.61 -4.49
C LEU C 113 -0.06 11.78 -4.13
N PHE C 114 0.55 12.87 -3.66
CA PHE C 114 -0.19 14.05 -3.27
C PHE C 114 0.41 15.29 -3.90
N THR C 115 0.68 15.22 -5.19
CA THR C 115 1.28 16.32 -5.90
C THR C 115 0.23 17.37 -6.27
N ASP C 116 -0.96 17.21 -5.72
CA ASP C 116 -2.03 18.13 -6.00
C ASP C 116 -2.34 19.03 -4.80
N LYS C 117 -2.27 20.33 -5.05
CA LYS C 117 -2.51 21.38 -4.07
C LYS C 117 -3.62 21.03 -3.08
N LEU C 118 -4.75 20.54 -3.57
CA LEU C 118 -5.86 20.22 -2.69
C LEU C 118 -5.57 19.05 -1.78
N LYS C 119 -5.16 17.94 -2.35
CA LYS C 119 -4.86 16.77 -1.54
C LYS C 119 -3.74 17.07 -0.55
N ALA C 120 -2.70 17.74 -1.00
CA ALA C 120 -1.57 18.07 -0.15
C ALA C 120 -1.95 18.94 1.05
N GLU C 121 -2.96 19.79 0.89
CA GLU C 121 -3.40 20.66 1.98
C GLU C 121 -3.87 19.86 3.19
N GLY C 122 -4.18 18.58 2.98
CA GLY C 122 -4.64 17.75 4.07
C GLY C 122 -3.63 17.71 5.22
N HIS C 123 -2.36 17.78 4.85
CA HIS C 123 -1.30 17.77 5.84
C HIS C 123 -1.55 18.88 6.84
N ILE C 124 -1.96 20.04 6.35
CA ILE C 124 -2.24 21.17 7.22
C ILE C 124 -3.43 20.87 8.10
N LYS C 125 -4.46 20.26 7.52
CA LYS C 125 -5.65 19.89 8.29
C LYS C 125 -5.25 18.85 9.33
N GLY C 126 -4.15 18.16 9.05
CA GLY C 126 -3.64 17.17 9.97
C GLY C 126 -2.88 17.82 11.11
N GLY C 127 -2.72 19.14 11.05
CA GLY C 127 -2.01 19.85 12.11
C GLY C 127 -0.78 20.59 11.61
N ALA C 128 -0.38 20.32 10.39
CA ALA C 128 0.78 20.98 9.82
C ALA C 128 0.49 22.44 9.52
N LYS C 129 1.56 23.22 9.42
CA LYS C 129 1.45 24.64 9.15
C LYS C 129 1.84 24.95 7.69
N LYS C 130 2.84 24.22 7.16
CA LYS C 130 3.33 24.40 5.79
C LYS C 130 3.64 23.06 5.13
N VAL C 131 3.59 23.05 3.80
CA VAL C 131 3.87 21.82 3.07
C VAL C 131 4.78 22.08 1.88
N VAL C 132 5.89 21.34 1.79
CA VAL C 132 6.77 21.49 0.65
C VAL C 132 6.74 20.21 -0.17
N ILE C 133 6.17 20.27 -1.37
CA ILE C 133 6.11 19.08 -2.21
C ILE C 133 7.41 18.92 -3.01
N SER C 134 8.01 17.75 -2.90
CA SER C 134 9.28 17.48 -3.58
C SER C 134 9.09 16.97 -4.99
N ALA C 135 8.27 17.68 -5.76
CA ALA C 135 7.98 17.32 -7.16
C ALA C 135 7.10 18.36 -7.78
N PRO C 136 6.89 18.28 -9.11
CA PRO C 136 6.03 19.29 -9.72
C PRO C 136 4.61 19.15 -9.18
N ALA C 137 3.94 20.26 -8.92
CA ALA C 137 2.59 20.14 -8.36
C ALA C 137 1.54 20.83 -9.21
N SER C 138 0.34 20.28 -9.12
CA SER C 138 -0.83 20.78 -9.82
C SER C 138 -1.79 21.42 -8.82
N GLY C 139 -2.91 21.94 -9.28
CA GLY C 139 -3.87 22.55 -8.37
C GLY C 139 -3.57 24.00 -8.04
N GLY C 140 -2.52 24.55 -8.63
CA GLY C 140 -2.19 25.95 -8.38
C GLY C 140 -1.34 26.15 -7.14
N ALA C 141 -0.33 25.31 -6.97
CA ALA C 141 0.55 25.44 -5.83
C ALA C 141 1.77 26.26 -6.22
N LYS C 142 2.06 27.32 -5.48
CA LYS C 142 3.21 28.13 -5.82
C LYS C 142 4.44 27.24 -6.00
N THR C 143 5.18 27.46 -7.08
CA THR C 143 6.37 26.69 -7.38
C THR C 143 7.59 27.57 -7.27
N ILE C 144 8.54 27.17 -6.43
CA ILE C 144 9.73 27.97 -6.27
C ILE C 144 10.98 27.20 -6.65
N VAL C 145 11.97 27.94 -7.16
CA VAL C 145 13.27 27.39 -7.54
C VAL C 145 14.35 28.21 -6.88
N MET C 146 14.79 27.75 -5.72
CA MET C 146 15.81 28.45 -4.96
C MET C 146 16.85 28.99 -5.90
N GLY C 147 17.16 30.28 -5.76
CA GLY C 147 18.15 30.91 -6.61
C GLY C 147 17.55 31.64 -7.79
N VAL C 148 16.23 31.57 -7.89
CA VAL C 148 15.56 32.20 -9.01
C VAL C 148 14.33 32.98 -8.58
N ASN C 149 13.54 32.46 -7.65
CA ASN C 149 12.35 33.21 -7.30
C ASN C 149 11.86 32.97 -5.89
N GLN C 150 12.75 32.59 -4.97
CA GLN C 150 12.30 32.38 -3.60
C GLN C 150 11.65 33.65 -3.04
N HIS C 151 12.13 34.81 -3.48
CA HIS C 151 11.61 36.09 -3.00
C HIS C 151 10.11 36.25 -3.29
N GLU C 152 9.55 35.36 -4.10
CA GLU C 152 8.12 35.46 -4.40
C GLU C 152 7.32 34.60 -3.44
N TYR C 153 7.98 34.05 -2.43
CA TYR C 153 7.27 33.25 -1.45
C TYR C 153 6.53 34.15 -0.48
N SER C 154 5.23 33.95 -0.33
CA SER C 154 4.46 34.75 0.60
C SER C 154 4.02 33.92 1.80
N PRO C 155 4.55 34.26 2.99
CA PRO C 155 4.20 33.53 4.22
C PRO C 155 2.70 33.42 4.45
N ALA C 156 1.98 34.52 4.24
CA ALA C 156 0.54 34.52 4.48
C ALA C 156 -0.28 33.95 3.33
N SER C 157 0.25 33.92 2.10
CA SER C 157 -0.53 33.43 0.97
C SER C 157 -0.21 31.99 0.54
N HIS C 158 1.06 31.60 0.57
CA HIS C 158 1.45 30.26 0.14
C HIS C 158 1.62 29.30 1.31
N HIS C 159 0.81 28.25 1.37
CA HIS C 159 0.94 27.27 2.44
C HIS C 159 1.43 25.94 1.91
N VAL C 160 1.13 25.69 0.63
CA VAL C 160 1.58 24.51 -0.07
C VAL C 160 2.51 24.92 -1.19
N VAL C 161 3.79 24.61 -1.04
CA VAL C 161 4.79 25.00 -2.02
C VAL C 161 5.42 23.80 -2.72
N SER C 162 5.77 24.00 -3.97
CA SER C 162 6.41 22.98 -4.78
C SER C 162 7.82 23.41 -5.17
N ASN C 163 8.76 22.47 -5.06
CA ASN C 163 10.14 22.75 -5.36
C ASN C 163 10.47 22.37 -6.80
N ALA C 164 9.43 22.24 -7.62
CA ALA C 164 9.58 21.86 -9.03
C ALA C 164 10.29 20.53 -9.20
N SER C 165 10.94 20.36 -10.35
CA SER C 165 11.65 19.12 -10.64
C SER C 165 13.16 19.31 -10.69
N CYS C 166 13.88 18.21 -10.53
CA CYS C 166 15.32 18.23 -10.56
C CYS C 166 15.81 18.91 -11.82
N THR C 167 15.13 18.62 -12.93
CA THR C 167 15.50 19.18 -14.22
C THR C 167 15.18 20.67 -14.32
N THR C 168 14.05 21.12 -13.76
CA THR C 168 13.71 22.53 -13.80
C THR C 168 14.71 23.33 -12.97
N ASN C 169 15.17 22.75 -11.87
CA ASN C 169 16.14 23.39 -10.98
C ASN C 169 17.51 23.50 -11.64
N CYS C 170 17.65 22.93 -12.82
CA CYS C 170 18.89 22.98 -13.57
C CYS C 170 18.78 23.96 -14.73
N LEU C 171 17.59 24.00 -15.32
CA LEU C 171 17.32 24.87 -16.45
C LEU C 171 17.02 26.29 -16.01
N ALA C 172 16.13 26.43 -15.03
CA ALA C 172 15.75 27.75 -14.51
C ALA C 172 16.96 28.64 -14.27
N PRO C 173 17.94 28.17 -13.48
CA PRO C 173 19.12 28.99 -13.22
C PRO C 173 19.69 29.56 -14.51
N ILE C 174 20.13 28.71 -15.42
CA ILE C 174 20.68 29.19 -16.69
C ILE C 174 19.77 30.20 -17.37
N VAL C 175 18.52 29.83 -17.57
CA VAL C 175 17.58 30.73 -18.21
C VAL C 175 17.47 32.03 -17.43
N HIS C 176 17.50 31.94 -16.11
CA HIS C 176 17.41 33.13 -15.28
C HIS C 176 18.54 34.13 -15.61
N VAL C 177 19.80 33.67 -15.59
CA VAL C 177 20.89 34.57 -15.91
C VAL C 177 20.81 35.00 -17.36
N LEU C 178 20.40 34.10 -18.25
CA LEU C 178 20.29 34.48 -19.65
C LEU C 178 19.33 35.66 -19.84
N THR C 179 18.27 35.73 -19.04
CA THR C 179 17.32 36.84 -19.14
C THR C 179 17.79 38.06 -18.34
N LYS C 180 18.23 37.82 -17.11
CA LYS C 180 18.69 38.89 -16.23
C LYS C 180 19.88 39.66 -16.81
N GLU C 181 20.75 38.99 -17.55
CA GLU C 181 21.90 39.65 -18.17
C GLU C 181 21.51 40.25 -19.50
N ASN C 182 20.21 40.28 -19.73
CA ASN C 182 19.61 40.88 -20.92
C ASN C 182 20.04 40.26 -22.25
N PHE C 183 20.30 38.95 -22.26
CA PHE C 183 20.64 38.26 -23.50
C PHE C 183 19.36 37.96 -24.22
N GLY C 184 18.28 37.95 -23.45
CA GLY C 184 16.97 37.69 -23.98
C GLY C 184 16.84 36.27 -24.47
N ILE C 185 15.62 35.88 -24.79
CA ILE C 185 15.37 34.54 -25.28
C ILE C 185 14.04 34.51 -26.02
N GLU C 186 14.14 34.63 -27.34
CA GLU C 186 13.01 34.64 -28.26
C GLU C 186 12.24 33.33 -28.15
N THR C 187 12.96 32.25 -28.38
CA THR C 187 12.42 30.92 -28.25
C THR C 187 13.54 29.96 -27.90
N GLY C 188 13.21 28.79 -27.36
CA GLY C 188 14.25 27.86 -27.01
C GLY C 188 13.70 26.46 -26.80
N LEU C 189 14.52 25.49 -27.18
CA LEU C 189 14.19 24.09 -27.03
C LEU C 189 15.28 23.39 -26.25
N MET C 190 14.92 22.69 -25.19
CA MET C 190 15.95 22.02 -24.43
C MET C 190 15.78 20.52 -24.44
N THR C 191 16.91 19.85 -24.63
CA THR C 191 16.96 18.41 -24.62
C THR C 191 17.71 17.99 -23.39
N THR C 192 17.24 16.96 -22.70
CA THR C 192 17.94 16.53 -21.50
C THR C 192 18.28 15.05 -21.54
N ILE C 193 19.57 14.74 -21.42
CA ILE C 193 20.00 13.35 -21.32
C ILE C 193 19.90 13.01 -19.85
N HIS C 194 18.92 12.18 -19.49
CA HIS C 194 18.64 11.87 -18.10
C HIS C 194 18.96 10.43 -17.71
N SER C 195 19.41 10.23 -16.48
CA SER C 195 19.71 8.90 -15.98
C SER C 195 18.38 8.23 -15.73
N TYR C 196 18.34 6.90 -15.76
CA TYR C 196 17.06 6.26 -15.52
C TYR C 196 16.63 6.48 -14.06
N THR C 197 15.33 6.39 -13.82
CA THR C 197 14.82 6.60 -12.48
C THR C 197 14.06 5.41 -11.95
N ALA C 198 13.47 5.60 -10.78
CA ALA C 198 12.74 4.56 -10.10
C ALA C 198 11.48 4.12 -10.84
N THR C 199 10.91 5.03 -11.63
CA THR C 199 9.67 4.70 -12.35
C THR C 199 9.94 3.82 -13.56
N GLN C 200 11.20 3.65 -13.92
CA GLN C 200 11.52 2.83 -15.07
C GLN C 200 11.58 1.35 -14.73
N LYS C 201 11.88 0.53 -15.74
CA LYS C 201 11.89 -0.90 -15.52
C LYS C 201 13.24 -1.53 -15.84
N THR C 202 13.58 -2.58 -15.08
CA THR C 202 14.84 -3.30 -15.26
C THR C 202 14.83 -4.05 -16.57
N VAL C 203 13.71 -4.73 -16.82
CA VAL C 203 13.49 -5.46 -18.06
C VAL C 203 12.12 -5.07 -18.61
N ASP C 204 11.93 -5.18 -19.93
CA ASP C 204 10.66 -4.79 -20.58
C ASP C 204 9.45 -5.13 -19.71
N GLY C 205 8.88 -4.11 -19.08
CA GLY C 205 7.73 -4.33 -18.22
C GLY C 205 6.48 -3.59 -18.63
N VAL C 206 5.58 -3.42 -17.67
CA VAL C 206 4.31 -2.74 -17.90
C VAL C 206 4.39 -1.24 -17.60
N SER C 207 3.79 -0.46 -18.49
CA SER C 207 3.74 0.99 -18.36
C SER C 207 2.64 1.55 -19.28
N LEU C 208 1.40 1.46 -18.84
CA LEU C 208 0.26 1.91 -19.63
C LEU C 208 0.34 3.39 -19.99
N LYS C 209 0.77 4.21 -19.06
CA LYS C 209 0.87 5.65 -19.30
C LYS C 209 2.00 5.97 -20.31
N ASP C 210 3.23 5.63 -19.95
CA ASP C 210 4.41 5.89 -20.79
C ASP C 210 4.94 4.58 -21.40
N TRP C 211 4.45 4.22 -22.58
CA TRP C 211 4.83 2.96 -23.24
C TRP C 211 6.33 2.73 -23.38
N ARG C 212 7.06 3.70 -23.94
CA ARG C 212 8.50 3.53 -24.08
C ARG C 212 9.16 3.44 -22.72
N GLY C 213 8.63 4.19 -21.76
CA GLY C 213 9.19 4.19 -20.41
C GLY C 213 9.10 2.85 -19.73
N GLY C 214 8.40 1.92 -20.36
CA GLY C 214 8.27 0.60 -19.78
C GLY C 214 9.33 -0.36 -20.30
N ARG C 215 10.24 0.14 -21.12
CA ARG C 215 11.27 -0.72 -21.67
C ARG C 215 12.53 -0.76 -20.82
N ALA C 216 13.25 -1.88 -20.91
CA ALA C 216 14.49 -2.08 -20.18
C ALA C 216 15.27 -0.77 -20.11
N ALA C 217 15.39 -0.20 -18.91
CA ALA C 217 16.06 1.07 -18.75
C ALA C 217 17.57 1.02 -18.95
N ALA C 218 18.25 0.11 -18.27
CA ALA C 218 19.70 0.08 -18.34
C ALA C 218 20.28 -0.38 -19.68
N VAL C 219 19.45 -0.67 -20.67
CA VAL C 219 20.02 -1.10 -21.92
C VAL C 219 19.39 -0.44 -23.14
N ASN C 220 18.72 0.68 -22.92
CA ASN C 220 18.06 1.42 -24.00
C ASN C 220 18.15 2.91 -23.82
N ILE C 221 18.03 3.61 -24.94
CA ILE C 221 17.94 5.06 -24.96
C ILE C 221 16.44 5.31 -25.07
N ILE C 222 15.81 5.77 -24.00
CA ILE C 222 14.37 5.92 -24.04
C ILE C 222 13.89 7.38 -23.99
N PRO C 223 13.28 7.84 -25.10
CA PRO C 223 12.76 9.21 -25.22
C PRO C 223 11.51 9.38 -24.38
N SER C 224 11.33 10.56 -23.80
CA SER C 224 10.17 10.84 -23.00
C SER C 224 9.86 12.31 -23.02
N THR C 225 8.71 12.68 -22.51
CA THR C 225 8.36 14.07 -22.48
C THR C 225 8.78 14.65 -21.13
N THR C 226 8.68 15.97 -20.98
CA THR C 226 9.06 16.60 -19.73
C THR C 226 8.49 18.01 -19.63
N GLY C 227 7.78 18.25 -18.54
CA GLY C 227 7.19 19.57 -18.32
C GLY C 227 8.21 20.56 -17.80
N ALA C 228 9.43 20.06 -17.57
CA ALA C 228 10.52 20.88 -17.06
C ALA C 228 10.67 22.19 -17.82
N ALA C 229 10.43 22.15 -19.13
CA ALA C 229 10.54 23.36 -19.92
C ALA C 229 9.43 24.34 -19.58
N LYS C 230 8.19 24.00 -19.94
CA LYS C 230 7.06 24.86 -19.67
C LYS C 230 7.05 25.33 -18.21
N ALA C 231 7.52 24.46 -17.32
CA ALA C 231 7.57 24.75 -15.88
C ALA C 231 8.43 25.98 -15.57
N VAL C 232 9.52 26.16 -16.32
CA VAL C 232 10.34 27.32 -16.08
C VAL C 232 9.55 28.59 -16.42
N GLY C 233 8.42 28.37 -17.09
CA GLY C 233 7.57 29.47 -17.47
C GLY C 233 6.87 30.06 -16.26
N MET C 234 6.53 29.21 -15.30
CA MET C 234 5.87 29.67 -14.10
C MET C 234 6.86 30.36 -13.18
N VAL C 235 8.11 29.92 -13.21
CA VAL C 235 9.14 30.50 -12.37
C VAL C 235 9.69 31.82 -12.93
N ILE C 236 9.75 31.91 -14.25
CA ILE C 236 10.22 33.10 -14.93
C ILE C 236 9.21 33.45 -16.03
N PRO C 237 8.11 34.11 -15.65
CA PRO C 237 6.97 34.52 -16.51
C PRO C 237 7.38 35.06 -17.88
N SER C 238 8.54 35.70 -17.99
CA SER C 238 8.94 36.26 -19.27
C SER C 238 9.18 35.18 -20.32
N THR C 239 9.26 33.92 -19.89
CA THR C 239 9.51 32.82 -20.82
C THR C 239 8.28 31.97 -21.11
N LYS C 240 7.09 32.42 -20.72
CA LYS C 240 5.89 31.62 -21.00
C LYS C 240 5.74 31.38 -22.50
N GLY C 241 5.35 30.17 -22.87
CA GLY C 241 5.15 29.86 -24.28
C GLY C 241 6.40 29.98 -25.13
N LYS C 242 7.56 30.23 -24.53
CA LYS C 242 8.76 30.37 -25.34
C LYS C 242 9.63 29.12 -25.28
N LEU C 243 9.60 28.41 -24.17
CA LEU C 243 10.41 27.21 -24.04
C LEU C 243 9.59 25.96 -24.20
N THR C 244 10.32 24.84 -24.22
CA THR C 244 9.78 23.51 -24.33
C THR C 244 10.93 22.54 -24.56
N GLY C 245 10.74 21.28 -24.22
CA GLY C 245 11.85 20.36 -24.41
C GLY C 245 11.45 18.91 -24.34
N MET C 246 12.44 18.04 -24.47
CA MET C 246 12.20 16.61 -24.41
C MET C 246 13.30 15.95 -23.62
N SER C 247 13.12 14.68 -23.30
CA SER C 247 14.11 13.97 -22.50
C SER C 247 14.56 12.68 -23.16
N PHE C 248 15.79 12.28 -22.82
CA PHE C 248 16.35 11.02 -23.30
C PHE C 248 16.91 10.25 -22.09
N ARG C 249 16.13 9.29 -21.60
CA ARG C 249 16.58 8.48 -20.47
C ARG C 249 17.66 7.51 -20.96
N VAL C 250 18.83 7.53 -20.35
CA VAL C 250 19.90 6.65 -20.78
C VAL C 250 20.40 5.78 -19.63
N PRO C 251 21.17 4.74 -19.95
CA PRO C 251 21.75 3.76 -19.02
C PRO C 251 22.73 4.31 -17.95
N THR C 252 22.25 5.12 -17.02
CA THR C 252 23.08 5.59 -15.91
C THR C 252 22.19 5.76 -14.66
N PRO C 253 22.69 5.32 -13.51
CA PRO C 253 22.00 5.37 -12.21
C PRO C 253 21.81 6.79 -11.67
N ASP C 254 22.60 7.75 -12.13
CA ASP C 254 22.45 9.11 -11.65
C ASP C 254 23.29 10.09 -12.46
N VAL C 255 22.90 11.36 -12.37
CA VAL C 255 23.55 12.45 -13.06
C VAL C 255 23.01 12.64 -14.46
N SER C 256 22.45 13.80 -14.70
CA SER C 256 21.88 14.11 -15.99
C SER C 256 22.48 15.38 -16.52
N VAL C 257 22.24 15.63 -17.80
CA VAL C 257 22.77 16.82 -18.43
C VAL C 257 21.69 17.53 -19.25
N VAL C 258 21.77 18.85 -19.27
CA VAL C 258 20.81 19.61 -20.05
C VAL C 258 21.50 20.29 -21.23
N ASP C 259 20.84 20.18 -22.37
CA ASP C 259 21.30 20.74 -23.62
C ASP C 259 20.29 21.80 -24.05
N LEU C 260 20.58 23.07 -23.73
CA LEU C 260 19.68 24.16 -24.09
C LEU C 260 20.11 24.85 -25.35
N THR C 261 19.17 24.95 -26.28
CA THR C 261 19.37 25.57 -27.58
C THR C 261 18.41 26.72 -27.70
N PHE C 262 18.90 27.94 -27.67
CA PHE C 262 17.99 29.08 -27.74
C PHE C 262 18.48 30.16 -28.70
N ARG C 263 17.59 31.10 -28.98
CA ARG C 263 17.90 32.24 -29.83
C ARG C 263 17.80 33.55 -29.03
N ALA C 264 18.89 34.31 -29.02
CA ALA C 264 18.95 35.58 -28.31
C ALA C 264 18.11 36.65 -28.98
N THR C 265 17.73 37.67 -28.21
CA THR C 265 16.91 38.76 -28.73
C THR C 265 17.75 39.81 -29.44
N ARG C 266 18.98 40.01 -28.98
CA ARG C 266 19.91 40.96 -29.59
C ARG C 266 21.21 40.24 -29.92
N ASP C 267 21.93 40.71 -30.92
CA ASP C 267 23.17 40.05 -31.32
C ASP C 267 24.17 39.98 -30.18
N THR C 268 24.79 38.82 -30.02
CA THR C 268 25.82 38.62 -29.01
C THR C 268 26.76 37.49 -29.43
N SER C 269 27.50 36.93 -28.47
CA SER C 269 28.41 35.84 -28.80
C SER C 269 28.45 34.79 -27.69
N ILE C 270 28.82 33.58 -28.05
CA ILE C 270 28.90 32.51 -27.07
C ILE C 270 29.93 32.84 -26.00
N GLN C 271 30.97 33.60 -26.36
CA GLN C 271 31.98 33.98 -25.37
C GLN C 271 31.36 34.93 -24.34
N GLU C 272 30.48 35.81 -24.82
CA GLU C 272 29.78 36.76 -23.95
C GLU C 272 28.95 35.98 -22.94
N ILE C 273 28.10 35.10 -23.47
CA ILE C 273 27.24 34.25 -22.65
C ILE C 273 28.07 33.45 -21.66
N ASP C 274 29.15 32.85 -22.16
CA ASP C 274 30.03 32.06 -21.32
C ASP C 274 30.50 32.87 -20.12
N LYS C 275 31.00 34.06 -20.38
CA LYS C 275 31.49 34.90 -19.28
C LYS C 275 30.37 35.27 -18.31
N ALA C 276 29.20 35.62 -18.82
CA ALA C 276 28.09 35.99 -17.94
C ALA C 276 27.76 34.86 -16.96
N ILE C 277 27.49 33.68 -17.50
CA ILE C 277 27.17 32.52 -16.69
C ILE C 277 28.21 32.33 -15.58
N LYS C 278 29.49 32.33 -15.96
CA LYS C 278 30.60 32.17 -15.00
C LYS C 278 30.57 33.26 -13.92
N LYS C 279 30.30 34.49 -14.35
CA LYS C 279 30.24 35.62 -13.44
C LYS C 279 29.11 35.40 -12.47
N ALA C 280 27.90 35.18 -13.00
CA ALA C 280 26.72 34.97 -12.17
C ALA C 280 26.95 33.82 -11.20
N ALA C 281 27.75 32.85 -11.62
CA ALA C 281 28.04 31.69 -10.78
C ALA C 281 28.96 32.03 -9.62
N GLN C 282 29.70 33.11 -9.74
CA GLN C 282 30.59 33.50 -8.67
C GLN C 282 29.93 34.56 -7.79
N THR C 283 28.75 35.03 -8.20
CA THR C 283 28.08 36.07 -7.44
C THR C 283 26.67 35.71 -6.98
N TYR C 284 25.64 36.31 -7.59
CA TYR C 284 24.25 36.12 -7.18
C TYR C 284 23.67 34.74 -7.45
N MET C 285 24.48 33.80 -7.92
CA MET C 285 23.95 32.47 -8.14
C MET C 285 24.77 31.45 -7.36
N LYS C 286 25.88 31.91 -6.79
CA LYS C 286 26.78 31.04 -6.05
C LYS C 286 26.02 30.11 -5.14
N GLY C 287 26.36 28.83 -5.20
CA GLY C 287 25.68 27.83 -4.41
C GLY C 287 24.61 27.10 -5.20
N ILE C 288 23.90 27.85 -6.05
CA ILE C 288 22.85 27.30 -6.89
C ILE C 288 23.39 26.91 -8.26
N LEU C 289 24.07 27.85 -8.91
CA LEU C 289 24.66 27.65 -10.23
C LEU C 289 26.18 27.61 -10.16
N GLY C 290 26.78 26.61 -10.79
CA GLY C 290 28.23 26.47 -10.81
C GLY C 290 28.72 26.20 -12.23
N PHE C 291 30.04 26.23 -12.44
CA PHE C 291 30.58 25.95 -13.77
C PHE C 291 31.85 25.13 -13.70
N THR C 292 32.41 24.80 -14.85
CA THR C 292 33.62 24.01 -14.85
C THR C 292 34.39 24.11 -16.17
N ASP C 293 35.69 24.32 -16.06
CA ASP C 293 36.55 24.42 -17.23
C ASP C 293 37.22 23.09 -17.52
N GLU C 294 36.88 22.08 -16.73
CA GLU C 294 37.51 20.77 -16.87
C GLU C 294 36.78 19.83 -17.84
N GLU C 295 37.52 18.81 -18.28
CA GLU C 295 36.99 17.78 -19.19
C GLU C 295 36.28 16.71 -18.35
N LEU C 296 35.16 17.08 -17.75
CA LEU C 296 34.44 16.16 -16.88
C LEU C 296 33.39 15.34 -17.60
N VAL C 297 33.00 14.25 -16.95
CA VAL C 297 31.98 13.34 -17.44
C VAL C 297 30.96 13.12 -16.33
N SER C 298 29.76 12.69 -16.68
CA SER C 298 28.68 12.51 -15.69
C SER C 298 29.18 12.10 -14.28
N ALA C 299 30.02 11.07 -14.19
CA ALA C 299 30.49 10.58 -12.88
C ALA C 299 31.14 11.65 -12.03
N ASP C 300 31.67 12.70 -12.65
CA ASP C 300 32.35 13.74 -11.89
C ASP C 300 31.40 14.65 -11.12
N PHE C 301 30.10 14.53 -11.38
CA PHE C 301 29.16 15.41 -10.70
C PHE C 301 28.42 14.71 -9.56
N ILE C 302 28.73 13.43 -9.36
CA ILE C 302 28.10 12.68 -8.27
C ILE C 302 28.40 13.30 -6.92
N ASN C 303 27.36 13.74 -6.24
CA ASN C 303 27.46 14.37 -4.93
C ASN C 303 27.80 15.84 -5.04
N ASP C 304 27.49 16.43 -6.19
CA ASP C 304 27.68 17.86 -6.41
C ASP C 304 26.35 18.51 -6.07
N ASN C 305 26.28 19.30 -5.01
CA ASN C 305 24.99 19.84 -4.63
C ASN C 305 24.60 21.16 -5.30
N ARG C 306 25.13 21.45 -6.48
CA ARG C 306 24.71 22.67 -7.17
C ARG C 306 23.54 22.35 -8.11
N SER C 307 22.49 23.16 -8.07
CA SER C 307 21.32 22.92 -8.90
C SER C 307 21.69 22.67 -10.35
N SER C 308 22.61 23.49 -10.86
CA SER C 308 23.04 23.39 -12.23
C SER C 308 24.48 23.82 -12.39
N VAL C 309 25.32 22.95 -12.93
CA VAL C 309 26.71 23.31 -13.12
C VAL C 309 27.07 23.34 -14.61
N TYR C 310 27.19 24.57 -15.09
CA TYR C 310 27.50 24.90 -16.49
C TYR C 310 28.82 24.33 -16.96
N ASP C 311 28.80 23.72 -18.15
CA ASP C 311 30.01 23.15 -18.77
C ASP C 311 30.60 24.14 -19.77
N SER C 312 31.62 24.89 -19.35
CA SER C 312 32.23 25.88 -20.22
C SER C 312 32.81 25.27 -21.51
N LYS C 313 33.80 24.39 -21.38
CA LYS C 313 34.43 23.78 -22.54
C LYS C 313 33.39 23.23 -23.50
N ALA C 314 32.59 22.29 -23.02
CA ALA C 314 31.59 21.68 -23.86
C ALA C 314 30.81 22.74 -24.64
N THR C 315 30.57 23.88 -24.01
CA THR C 315 29.81 24.93 -24.66
C THR C 315 30.65 25.70 -25.67
N LEU C 316 31.73 26.28 -25.20
CA LEU C 316 32.61 27.06 -26.04
C LEU C 316 33.10 26.27 -27.24
N GLN C 317 33.16 24.95 -27.12
CA GLN C 317 33.67 24.11 -28.20
C GLN C 317 32.60 23.59 -29.18
N ASN C 318 31.32 23.81 -28.91
CA ASN C 318 30.33 23.21 -29.78
C ASN C 318 29.30 24.18 -30.33
N ASN C 319 29.71 25.41 -30.61
CA ASN C 319 28.79 26.39 -31.18
C ASN C 319 29.33 26.91 -32.51
N LEU C 320 28.49 27.61 -33.27
CA LEU C 320 28.96 28.18 -34.53
C LEU C 320 29.97 29.29 -34.24
N PRO C 321 31.16 29.20 -34.84
CA PRO C 321 32.27 30.16 -34.70
C PRO C 321 31.85 31.63 -34.58
N GLY C 322 31.00 32.13 -35.48
CA GLY C 322 30.63 33.53 -35.36
C GLY C 322 29.15 33.78 -35.18
N GLU C 323 28.42 32.82 -34.64
CA GLU C 323 26.98 33.03 -34.46
C GLU C 323 26.75 34.16 -33.48
N LYS C 324 25.62 34.84 -33.67
CA LYS C 324 25.27 35.96 -32.83
C LYS C 324 23.89 35.80 -32.20
N ARG C 325 23.17 34.73 -32.52
CA ARG C 325 21.81 34.54 -31.98
C ARG C 325 21.50 33.10 -31.58
N PHE C 326 21.72 32.16 -32.48
CA PHE C 326 21.42 30.76 -32.23
C PHE C 326 22.51 30.12 -31.37
N PHE C 327 22.18 29.80 -30.12
CA PHE C 327 23.19 29.23 -29.22
C PHE C 327 22.77 27.93 -28.53
N LYS C 328 23.78 27.25 -28.01
CA LYS C 328 23.60 26.01 -27.28
C LYS C 328 24.41 26.06 -25.99
N VAL C 329 23.73 26.02 -24.84
CA VAL C 329 24.42 26.03 -23.55
C VAL C 329 24.23 24.68 -22.87
N VAL C 330 25.32 24.11 -22.37
CA VAL C 330 25.30 22.79 -21.72
C VAL C 330 25.53 22.88 -20.21
N SER C 331 24.73 22.17 -19.42
CA SER C 331 24.91 22.21 -17.97
C SER C 331 24.52 20.90 -17.33
N TRP C 332 25.27 20.49 -16.31
CA TRP C 332 25.01 19.24 -15.63
C TRP C 332 24.24 19.43 -14.33
N TYR C 333 23.92 18.31 -13.69
CA TYR C 333 23.24 18.29 -12.41
C TYR C 333 23.02 16.88 -11.92
N ASP C 334 23.32 16.67 -10.64
CA ASP C 334 23.12 15.39 -9.97
C ASP C 334 21.64 15.34 -9.58
N ASN C 335 20.82 14.85 -10.52
CA ASN C 335 19.37 14.82 -10.33
C ASN C 335 18.93 14.45 -8.94
N GLU C 336 19.61 13.54 -8.27
CA GLU C 336 19.16 13.17 -6.93
C GLU C 336 19.70 14.13 -5.87
N TRP C 337 21.02 14.07 -5.66
CA TRP C 337 21.73 14.87 -4.65
C TRP C 337 21.30 16.33 -4.62
N ALA C 338 21.56 17.06 -5.70
CA ALA C 338 21.22 18.47 -5.77
C ALA C 338 19.78 18.74 -5.34
N TYR C 339 18.84 18.23 -6.11
CA TYR C 339 17.45 18.46 -5.80
C TYR C 339 17.18 18.32 -4.30
N SER C 340 17.74 17.29 -3.69
CA SER C 340 17.53 17.09 -2.26
C SER C 340 18.00 18.32 -1.48
N HIS C 341 19.18 18.80 -1.78
CA HIS C 341 19.65 19.94 -1.07
C HIS C 341 18.74 21.14 -1.23
N ARG C 342 18.23 21.34 -2.44
CA ARG C 342 17.34 22.46 -2.66
C ARG C 342 16.08 22.34 -1.79
N VAL C 343 15.51 21.15 -1.71
CA VAL C 343 14.30 20.98 -0.89
C VAL C 343 14.56 21.50 0.50
N VAL C 344 15.68 21.12 1.09
CA VAL C 344 16.05 21.58 2.41
C VAL C 344 16.15 23.09 2.44
N ASP C 345 16.90 23.64 1.50
CA ASP C 345 17.05 25.09 1.42
C ASP C 345 15.71 25.80 1.43
N LEU C 346 14.78 25.32 0.60
CA LEU C 346 13.47 25.94 0.52
C LEU C 346 12.81 25.94 1.87
N VAL C 347 12.85 24.80 2.55
CA VAL C 347 12.22 24.73 3.84
C VAL C 347 12.82 25.78 4.75
N ARG C 348 14.14 25.80 4.87
CA ARG C 348 14.81 26.78 5.72
C ARG C 348 14.40 28.20 5.37
N TYR C 349 14.33 28.48 4.08
CA TYR C 349 13.95 29.81 3.59
C TYR C 349 12.54 30.14 4.04
N MET C 350 11.63 29.19 3.82
CA MET C 350 10.24 29.39 4.20
C MET C 350 10.16 29.64 5.68
N ALA C 351 10.87 28.80 6.44
CA ALA C 351 10.90 28.89 7.89
C ALA C 351 11.36 30.26 8.35
N ALA C 352 12.49 30.70 7.80
CA ALA C 352 13.06 31.99 8.14
C ALA C 352 12.07 33.11 7.85
N LYS C 353 11.48 33.08 6.66
CA LYS C 353 10.54 34.10 6.25
C LYS C 353 9.23 34.00 7.02
N ASP C 354 8.75 32.79 7.27
CA ASP C 354 7.52 32.67 8.02
C ASP C 354 7.69 33.28 9.40
N ALA C 355 8.85 33.02 9.99
CA ALA C 355 9.16 33.50 11.32
C ALA C 355 9.25 35.00 11.33
N ALA C 356 10.06 35.53 10.43
CA ALA C 356 10.26 36.97 10.33
C ALA C 356 8.94 37.73 10.30
N SER C 357 8.06 37.38 9.37
CA SER C 357 6.78 38.06 9.25
C SER C 357 5.89 37.83 10.46
N SER C 358 6.41 37.10 11.45
CA SER C 358 5.69 36.78 12.68
C SER C 358 4.45 35.97 12.40
N ALA D 1 -6.90 -32.36 -33.05
CA ALA D 1 -7.64 -31.86 -31.85
C ALA D 1 -6.84 -30.77 -31.15
N PRO D 2 -6.84 -29.55 -31.73
CA PRO D 2 -6.12 -28.39 -31.20
C PRO D 2 -6.33 -28.23 -29.71
N ILE D 3 -5.22 -28.20 -28.97
CA ILE D 3 -5.27 -28.05 -27.52
C ILE D 3 -5.83 -26.69 -27.11
N LYS D 4 -6.83 -26.69 -26.25
CA LYS D 4 -7.44 -25.44 -25.81
C LYS D 4 -6.74 -24.90 -24.59
N VAL D 5 -5.81 -23.96 -24.79
CA VAL D 5 -5.08 -23.40 -23.66
C VAL D 5 -5.42 -21.94 -23.40
N GLY D 6 -5.28 -21.56 -22.14
CA GLY D 6 -5.51 -20.20 -21.72
C GLY D 6 -4.33 -19.69 -20.92
N ILE D 7 -4.03 -18.41 -20.97
CA ILE D 7 -2.91 -17.88 -20.23
C ILE D 7 -3.37 -16.91 -19.17
N ASN D 8 -3.17 -17.24 -17.90
CA ASN D 8 -3.55 -16.31 -16.83
C ASN D 8 -2.32 -15.50 -16.39
N GLY D 9 -2.32 -14.23 -16.77
CA GLY D 9 -1.21 -13.36 -16.47
C GLY D 9 -0.38 -13.13 -17.71
N PHE D 10 -0.48 -11.94 -18.31
CA PHE D 10 0.25 -11.66 -19.55
C PHE D 10 1.42 -10.69 -19.36
N GLY D 11 2.37 -11.07 -18.51
CA GLY D 11 3.56 -10.26 -18.29
C GLY D 11 4.74 -10.86 -19.02
N ARG D 12 5.97 -10.60 -18.57
CA ARG D 12 7.14 -11.18 -19.24
C ARG D 12 6.95 -12.66 -19.46
N ILE D 13 6.70 -13.39 -18.37
CA ILE D 13 6.50 -14.82 -18.45
C ILE D 13 5.38 -15.16 -19.41
N GLY D 14 4.20 -14.58 -19.14
CA GLY D 14 3.05 -14.82 -19.97
C GLY D 14 3.34 -14.68 -21.45
N ARG D 15 3.68 -13.47 -21.88
CA ARG D 15 3.98 -13.23 -23.28
C ARG D 15 5.00 -14.22 -23.79
N MET D 16 6.12 -14.33 -23.11
CA MET D 16 7.18 -15.24 -23.52
C MET D 16 6.61 -16.59 -23.92
N VAL D 17 5.82 -17.18 -23.03
CA VAL D 17 5.21 -18.47 -23.34
C VAL D 17 4.38 -18.40 -24.61
N PHE D 18 3.51 -17.40 -24.71
CA PHE D 18 2.70 -17.26 -25.91
C PHE D 18 3.60 -17.19 -27.13
N GLN D 19 4.58 -16.30 -27.09
CA GLN D 19 5.51 -16.13 -28.19
C GLN D 19 6.21 -17.42 -28.51
N ALA D 20 6.50 -18.21 -27.48
CA ALA D 20 7.15 -19.49 -27.69
C ALA D 20 6.27 -20.39 -28.56
N ILE D 21 4.97 -20.36 -28.29
CA ILE D 21 4.02 -21.13 -29.06
C ILE D 21 4.02 -20.65 -30.51
N CYS D 22 3.70 -19.38 -30.71
CA CYS D 22 3.68 -18.80 -32.05
C CYS D 22 4.97 -19.13 -32.79
N ASP D 23 6.08 -18.89 -32.10
CA ASP D 23 7.42 -19.11 -32.64
C ASP D 23 7.60 -20.54 -33.15
N GLN D 24 7.02 -21.49 -32.44
CA GLN D 24 7.11 -22.89 -32.83
C GLN D 24 6.11 -23.24 -33.94
N GLY D 25 5.33 -22.26 -34.38
CA GLY D 25 4.37 -22.48 -35.45
C GLY D 25 3.21 -23.39 -35.06
N LEU D 26 2.92 -23.43 -33.77
CA LEU D 26 1.84 -24.25 -33.23
C LEU D 26 0.55 -23.46 -33.11
N ILE D 27 0.65 -22.14 -33.19
CA ILE D 27 -0.53 -21.30 -33.03
C ILE D 27 -1.61 -21.65 -34.06
N GLY D 28 -2.80 -21.96 -33.57
CA GLY D 28 -3.92 -22.30 -34.43
C GLY D 28 -3.99 -23.78 -34.81
N THR D 29 -2.87 -24.33 -35.29
CA THR D 29 -2.81 -25.73 -35.69
C THR D 29 -2.78 -26.66 -34.46
N GLU D 30 -1.60 -26.79 -33.84
CA GLU D 30 -1.42 -27.65 -32.67
C GLU D 30 -2.08 -27.06 -31.42
N ILE D 31 -1.67 -25.86 -31.04
CA ILE D 31 -2.22 -25.21 -29.86
C ILE D 31 -3.15 -24.08 -30.21
N ASP D 32 -4.29 -24.04 -29.53
CA ASP D 32 -5.29 -23.00 -29.73
C ASP D 32 -5.38 -22.13 -28.50
N VAL D 33 -4.76 -20.96 -28.54
CA VAL D 33 -4.85 -20.07 -27.40
C VAL D 33 -6.17 -19.36 -27.48
N VAL D 34 -7.11 -19.82 -26.67
CA VAL D 34 -8.42 -19.22 -26.68
C VAL D 34 -8.38 -17.79 -26.19
N ALA D 35 -7.71 -17.55 -25.05
CA ALA D 35 -7.66 -16.20 -24.51
C ALA D 35 -6.61 -16.04 -23.42
N VAL D 36 -6.18 -14.80 -23.22
CA VAL D 36 -5.21 -14.46 -22.19
C VAL D 36 -5.90 -13.59 -21.15
N VAL D 37 -5.46 -13.67 -19.90
CA VAL D 37 -6.09 -12.91 -18.83
C VAL D 37 -5.10 -11.99 -18.14
N ASP D 38 -5.50 -10.73 -17.91
CA ASP D 38 -4.62 -9.79 -17.23
C ASP D 38 -5.38 -8.52 -16.80
N MET D 39 -4.80 -7.75 -15.89
CA MET D 39 -5.38 -6.51 -15.38
C MET D 39 -5.80 -5.55 -16.51
N SER D 40 -5.33 -5.80 -17.72
CA SER D 40 -5.71 -4.95 -18.85
C SER D 40 -6.11 -5.80 -20.05
N THR D 41 -6.96 -5.23 -20.91
CA THR D 41 -7.41 -5.93 -22.09
C THR D 41 -7.06 -5.13 -23.33
N ASN D 42 -6.21 -4.14 -23.16
CA ASN D 42 -5.80 -3.32 -24.29
C ASN D 42 -4.95 -4.12 -25.26
N ALA D 43 -5.60 -4.77 -26.20
CA ALA D 43 -4.92 -5.58 -27.19
C ALA D 43 -3.86 -4.79 -27.93
N GLU D 44 -4.10 -3.50 -28.14
CA GLU D 44 -3.11 -2.71 -28.84
C GLU D 44 -1.78 -2.75 -28.10
N TYR D 45 -1.84 -2.52 -26.78
CA TYR D 45 -0.65 -2.56 -25.96
C TYR D 45 0.00 -3.92 -26.08
N PHE D 46 -0.77 -4.98 -25.89
CA PHE D 46 -0.19 -6.32 -26.01
C PHE D 46 0.52 -6.48 -27.35
N ALA D 47 -0.12 -6.04 -28.41
CA ALA D 47 0.49 -6.13 -29.72
C ALA D 47 1.85 -5.42 -29.72
N TYR D 48 1.87 -4.23 -29.13
CA TYR D 48 3.09 -3.47 -29.05
C TYR D 48 4.17 -4.29 -28.33
N GLN D 49 3.83 -4.76 -27.14
CA GLN D 49 4.75 -5.55 -26.33
C GLN D 49 5.26 -6.80 -27.04
N MET D 50 4.49 -7.32 -27.98
CA MET D 50 4.92 -8.53 -28.67
C MET D 50 5.79 -8.22 -29.87
N LYS D 51 5.43 -7.18 -30.60
CA LYS D 51 6.18 -6.81 -31.79
C LYS D 51 7.56 -6.24 -31.50
N HIS D 52 7.81 -5.80 -30.26
CA HIS D 52 9.12 -5.21 -29.92
C HIS D 52 9.68 -5.72 -28.62
N ASP D 53 10.83 -6.37 -28.69
CA ASP D 53 11.49 -6.90 -27.51
C ASP D 53 12.93 -6.44 -27.46
N THR D 54 13.30 -5.76 -26.38
CA THR D 54 14.67 -5.28 -26.27
C THR D 54 15.68 -6.40 -26.37
N VAL D 55 15.37 -7.56 -25.83
CA VAL D 55 16.30 -8.69 -25.81
C VAL D 55 16.15 -9.71 -26.93
N HIS D 56 14.92 -10.08 -27.27
CA HIS D 56 14.71 -11.12 -28.29
C HIS D 56 14.48 -10.59 -29.70
N GLY D 57 14.16 -9.31 -29.84
CA GLY D 57 13.97 -8.77 -31.17
C GLY D 57 12.53 -8.83 -31.64
N ARG D 58 12.38 -8.76 -32.96
CA ARG D 58 11.07 -8.80 -33.58
C ARG D 58 10.62 -10.25 -33.84
N PRO D 59 9.35 -10.54 -33.61
CA PRO D 59 8.80 -11.87 -33.81
C PRO D 59 8.71 -12.23 -35.29
N LYS D 60 8.72 -13.52 -35.60
CA LYS D 60 8.67 -14.02 -36.97
C LYS D 60 7.22 -14.12 -37.47
N TYR D 61 6.30 -13.54 -36.72
CA TYR D 61 4.89 -13.57 -37.09
C TYR D 61 4.29 -12.17 -37.08
N THR D 62 3.07 -12.05 -37.59
CA THR D 62 2.39 -10.77 -37.64
C THR D 62 1.34 -10.69 -36.55
N VAL D 63 1.39 -9.61 -35.76
CA VAL D 63 0.44 -9.42 -34.68
C VAL D 63 -0.33 -8.15 -34.90
N GLU D 64 -1.63 -8.23 -34.74
CA GLU D 64 -2.46 -7.06 -34.91
C GLU D 64 -3.55 -7.03 -33.86
N ALA D 65 -4.02 -5.85 -33.50
CA ALA D 65 -5.08 -5.72 -32.52
C ALA D 65 -6.38 -5.31 -33.21
N VAL D 66 -7.49 -5.86 -32.72
CA VAL D 66 -8.80 -5.57 -33.28
C VAL D 66 -9.84 -5.54 -32.18
N LYS D 67 -11.04 -5.14 -32.57
CA LYS D 67 -12.14 -5.07 -31.63
C LYS D 67 -13.11 -6.22 -31.84
N SER D 68 -13.60 -6.78 -30.74
CA SER D 68 -14.55 -7.88 -30.83
C SER D 68 -15.85 -7.40 -31.49
N SER D 69 -16.21 -6.15 -31.18
CA SER D 69 -17.40 -5.49 -31.73
C SER D 69 -17.04 -4.05 -32.09
N PRO D 70 -17.39 -3.60 -33.31
CA PRO D 70 -17.03 -2.22 -33.64
C PRO D 70 -17.53 -1.24 -32.58
N SER D 71 -18.26 -1.79 -31.62
CA SER D 71 -18.84 -1.03 -30.52
C SER D 71 -17.80 -0.62 -29.47
N VAL D 72 -16.85 -1.51 -29.18
CA VAL D 72 -15.82 -1.22 -28.17
C VAL D 72 -14.89 -0.08 -28.61
N GLU D 73 -14.43 0.71 -27.62
CA GLU D 73 -13.55 1.86 -27.86
C GLU D 73 -12.10 1.44 -28.16
N THR D 74 -11.58 0.49 -27.38
CA THR D 74 -10.22 0.00 -27.55
C THR D 74 -10.18 -1.50 -27.82
N ALA D 75 -9.36 -1.90 -28.80
CA ALA D 75 -9.19 -3.30 -29.19
C ALA D 75 -9.18 -4.21 -27.99
N ASP D 76 -9.71 -5.41 -28.16
CA ASP D 76 -9.77 -6.36 -27.07
C ASP D 76 -9.52 -7.76 -27.59
N VAL D 77 -8.90 -7.82 -28.77
CA VAL D 77 -8.60 -9.08 -29.39
C VAL D 77 -7.27 -9.06 -30.14
N LEU D 78 -6.51 -10.12 -29.95
CA LEU D 78 -5.24 -10.25 -30.62
C LEU D 78 -5.38 -11.19 -31.80
N VAL D 79 -4.75 -10.84 -32.91
CA VAL D 79 -4.79 -11.68 -34.09
C VAL D 79 -3.39 -12.08 -34.51
N VAL D 80 -3.02 -13.32 -34.22
CA VAL D 80 -1.70 -13.82 -34.57
C VAL D 80 -1.81 -14.83 -35.72
N ASN D 81 -1.12 -14.53 -36.82
CA ASN D 81 -1.15 -15.37 -38.01
C ASN D 81 -2.58 -15.77 -38.33
N GLY D 82 -3.51 -14.83 -38.13
CA GLY D 82 -4.91 -15.08 -38.40
C GLY D 82 -5.70 -15.52 -37.17
N HIS D 83 -5.09 -16.37 -36.35
CA HIS D 83 -5.75 -16.87 -35.15
C HIS D 83 -6.20 -15.72 -34.24
N ARG D 84 -7.43 -15.81 -33.74
CA ARG D 84 -7.99 -14.79 -32.85
C ARG D 84 -7.83 -15.15 -31.37
N ILE D 85 -7.24 -14.24 -30.60
CA ILE D 85 -7.08 -14.47 -29.17
C ILE D 85 -7.82 -13.42 -28.38
N LYS D 86 -8.69 -13.86 -27.47
CA LYS D 86 -9.50 -12.99 -26.63
C LYS D 86 -8.73 -12.43 -25.44
N CYS D 87 -8.99 -11.17 -25.11
CA CYS D 87 -8.33 -10.54 -23.96
C CYS D 87 -9.29 -10.39 -22.79
N VAL D 88 -9.44 -11.45 -22.01
CA VAL D 88 -10.33 -11.45 -20.85
C VAL D 88 -9.82 -10.58 -19.70
N LYS D 89 -10.76 -10.05 -18.92
CA LYS D 89 -10.44 -9.23 -17.77
C LYS D 89 -9.99 -10.10 -16.62
N ALA D 90 -9.05 -9.62 -15.81
CA ALA D 90 -8.54 -10.40 -14.69
C ALA D 90 -9.55 -10.48 -13.55
N GLN D 91 -9.42 -11.51 -12.72
CA GLN D 91 -10.29 -11.75 -11.57
C GLN D 91 -9.46 -11.94 -10.29
N ARG D 92 -10.08 -11.79 -9.12
CA ARG D 92 -9.36 -11.97 -7.86
C ARG D 92 -9.09 -13.44 -7.61
N ASN D 93 -10.12 -14.25 -7.79
CA ASN D 93 -9.98 -15.67 -7.59
C ASN D 93 -10.10 -16.41 -8.92
N PRO D 94 -9.13 -17.28 -9.22
CA PRO D 94 -9.08 -18.07 -10.44
C PRO D 94 -10.40 -18.78 -10.76
N ALA D 95 -11.14 -19.16 -9.73
CA ALA D 95 -12.40 -19.87 -9.92
C ALA D 95 -13.49 -18.99 -10.57
N ASP D 96 -13.30 -17.66 -10.52
CA ASP D 96 -14.26 -16.73 -11.12
C ASP D 96 -13.96 -16.51 -12.60
N LEU D 97 -13.09 -17.33 -13.16
CA LEU D 97 -12.73 -17.20 -14.57
C LEU D 97 -13.60 -18.09 -15.44
N PRO D 98 -14.03 -17.59 -16.61
CA PRO D 98 -14.88 -18.31 -17.55
C PRO D 98 -14.11 -19.36 -18.36
N TRP D 99 -13.22 -20.09 -17.69
CA TRP D 99 -12.42 -21.12 -18.35
C TRP D 99 -13.30 -22.15 -19.04
N GLY D 100 -14.36 -22.56 -18.35
CA GLY D 100 -15.29 -23.54 -18.92
C GLY D 100 -16.09 -22.95 -20.07
N LYS D 101 -16.70 -21.79 -19.80
CA LYS D 101 -17.48 -21.06 -20.79
C LYS D 101 -16.63 -20.76 -22.01
N LEU D 102 -15.34 -20.53 -21.79
CA LEU D 102 -14.42 -20.21 -22.88
C LEU D 102 -13.98 -21.44 -23.64
N GLY D 103 -14.04 -22.59 -22.98
CA GLY D 103 -13.61 -23.81 -23.63
C GLY D 103 -12.13 -24.03 -23.48
N VAL D 104 -11.59 -23.57 -22.35
CA VAL D 104 -10.16 -23.70 -22.06
C VAL D 104 -9.91 -24.91 -21.21
N ASP D 105 -9.13 -25.86 -21.72
CA ASP D 105 -8.82 -27.08 -20.97
C ASP D 105 -7.54 -26.93 -20.17
N TYR D 106 -6.48 -26.46 -20.83
CA TYR D 106 -5.18 -26.26 -20.19
C TYR D 106 -4.92 -24.79 -19.91
N VAL D 107 -4.75 -24.45 -18.63
CA VAL D 107 -4.48 -23.07 -18.26
C VAL D 107 -3.08 -22.90 -17.73
N ILE D 108 -2.36 -22.02 -18.39
CA ILE D 108 -1.02 -21.69 -17.99
C ILE D 108 -1.11 -20.58 -16.95
N GLU D 109 -0.70 -20.90 -15.73
CA GLU D 109 -0.75 -19.94 -14.63
C GLU D 109 0.60 -19.22 -14.48
N SER D 110 0.65 -17.98 -14.95
CA SER D 110 1.91 -17.25 -14.89
C SER D 110 1.79 -15.88 -14.25
N THR D 111 0.91 -15.75 -13.27
CA THR D 111 0.77 -14.46 -12.59
C THR D 111 1.73 -14.39 -11.41
N GLY D 112 2.08 -15.57 -10.89
CA GLY D 112 2.98 -15.63 -9.75
C GLY D 112 2.24 -15.45 -8.45
N LEU D 113 0.94 -15.21 -8.55
CA LEU D 113 0.10 -15.00 -7.37
C LEU D 113 -0.68 -16.25 -7.01
N PHE D 114 -0.45 -17.33 -7.76
CA PHE D 114 -1.15 -18.57 -7.47
C PHE D 114 -0.20 -19.73 -7.62
N THR D 115 0.93 -19.62 -6.91
CA THR D 115 1.96 -20.65 -6.95
C THR D 115 1.67 -21.76 -5.96
N ASP D 116 0.50 -21.70 -5.33
CA ASP D 116 0.11 -22.71 -4.35
C ASP D 116 -0.95 -23.66 -4.90
N LYS D 117 -0.60 -24.95 -4.86
CA LYS D 117 -1.46 -26.04 -5.33
C LYS D 117 -2.94 -25.78 -5.11
N LEU D 118 -3.29 -25.36 -3.90
CA LEU D 118 -4.68 -25.08 -3.58
C LEU D 118 -5.23 -23.96 -4.44
N LYS D 119 -4.74 -22.75 -4.19
CA LYS D 119 -5.19 -21.58 -4.95
C LYS D 119 -5.24 -21.85 -6.44
N ALA D 120 -4.20 -22.52 -6.95
CA ALA D 120 -4.12 -22.83 -8.37
C ALA D 120 -5.30 -23.67 -8.85
N GLU D 121 -5.75 -24.59 -8.02
CA GLU D 121 -6.87 -25.45 -8.38
C GLU D 121 -8.11 -24.62 -8.69
N GLY D 122 -8.08 -23.36 -8.25
CA GLY D 122 -9.21 -22.48 -8.50
C GLY D 122 -9.59 -22.53 -9.97
N HIS D 123 -8.59 -22.50 -10.83
CA HIS D 123 -8.80 -22.53 -12.28
C HIS D 123 -9.71 -23.68 -12.68
N ILE D 124 -9.45 -24.87 -12.14
CA ILE D 124 -10.27 -26.02 -12.48
C ILE D 124 -11.72 -25.77 -12.06
N LYS D 125 -11.91 -25.25 -10.84
CA LYS D 125 -13.25 -24.96 -10.38
C LYS D 125 -13.90 -23.92 -11.28
N GLY D 126 -13.06 -23.28 -12.08
CA GLY D 126 -13.53 -22.27 -13.01
C GLY D 126 -13.86 -22.89 -14.34
N GLY D 127 -13.66 -24.20 -14.43
CA GLY D 127 -13.96 -24.90 -15.66
C GLY D 127 -12.75 -25.48 -16.33
N ALA D 128 -11.57 -25.25 -15.75
CA ALA D 128 -10.33 -25.74 -16.33
C ALA D 128 -10.08 -27.21 -16.02
N LYS D 129 -9.39 -27.88 -16.94
CA LYS D 129 -9.08 -29.28 -16.80
C LYS D 129 -7.72 -29.50 -16.11
N LYS D 130 -6.68 -28.87 -16.66
CA LYS D 130 -5.33 -28.98 -16.11
C LYS D 130 -4.70 -27.60 -15.93
N VAL D 131 -3.74 -27.51 -15.01
CA VAL D 131 -3.06 -26.24 -14.78
C VAL D 131 -1.56 -26.42 -14.68
N VAL D 132 -0.82 -25.67 -15.50
CA VAL D 132 0.64 -25.73 -15.51
C VAL D 132 1.24 -24.43 -14.98
N ILE D 133 1.84 -24.51 -13.80
CA ILE D 133 2.44 -23.34 -13.16
C ILE D 133 3.80 -23.01 -13.75
N SER D 134 3.92 -21.79 -14.28
CA SER D 134 5.15 -21.32 -14.90
C SER D 134 6.12 -20.82 -13.86
N ALA D 135 6.21 -21.54 -12.76
CA ALA D 135 7.10 -21.18 -11.67
C ALA D 135 7.10 -22.26 -10.61
N PRO D 136 8.05 -22.18 -9.66
CA PRO D 136 8.07 -23.20 -8.62
C PRO D 136 6.79 -23.16 -7.83
N ALA D 137 6.25 -24.33 -7.47
CA ALA D 137 5.02 -24.35 -6.72
C ALA D 137 5.13 -25.09 -5.41
N SER D 138 4.17 -24.82 -4.54
CA SER D 138 4.07 -25.43 -3.22
C SER D 138 2.76 -26.21 -3.17
N GLY D 139 2.26 -26.47 -1.97
CA GLY D 139 1.01 -27.20 -1.85
C GLY D 139 1.11 -28.65 -2.29
N GLY D 140 2.29 -29.07 -2.71
CA GLY D 140 2.48 -30.45 -3.13
C GLY D 140 2.06 -30.73 -4.57
N ALA D 141 2.41 -29.81 -5.47
CA ALA D 141 2.07 -29.99 -6.86
C ALA D 141 3.20 -30.71 -7.56
N LYS D 142 2.85 -31.68 -8.39
CA LYS D 142 3.86 -32.45 -9.10
C LYS D 142 4.74 -31.54 -9.93
N THR D 143 6.04 -31.55 -9.64
CA THR D 143 6.96 -30.71 -10.38
C THR D 143 7.64 -31.52 -11.46
N ILE D 144 7.66 -30.98 -12.67
CA ILE D 144 8.25 -31.70 -13.79
C ILE D 144 9.27 -30.85 -14.52
N VAL D 145 10.28 -31.53 -15.06
CA VAL D 145 11.32 -30.90 -15.84
C VAL D 145 11.48 -31.65 -17.16
N MET D 146 11.02 -31.05 -18.25
CA MET D 146 11.13 -31.71 -19.53
C MET D 146 12.54 -32.24 -19.77
N GLY D 147 12.61 -33.55 -20.04
CA GLY D 147 13.87 -34.19 -20.33
C GLY D 147 14.45 -34.90 -19.13
N VAL D 148 13.76 -34.85 -18.00
CA VAL D 148 14.26 -35.47 -16.77
C VAL D 148 13.23 -36.35 -16.04
N ASN D 149 11.96 -35.93 -16.01
CA ASN D 149 10.99 -36.73 -15.28
C ASN D 149 9.57 -36.53 -15.79
N GLN D 150 9.41 -36.11 -17.05
CA GLN D 150 8.07 -35.91 -17.56
C GLN D 150 7.29 -37.21 -17.54
N HIS D 151 8.02 -38.33 -17.61
CA HIS D 151 7.42 -39.65 -17.61
C HIS D 151 6.72 -39.95 -16.30
N GLU D 152 6.96 -39.15 -15.27
CA GLU D 152 6.31 -39.39 -13.99
C GLU D 152 4.95 -38.68 -13.95
N TYR D 153 4.51 -38.16 -15.09
CA TYR D 153 3.23 -37.47 -15.15
C TYR D 153 2.06 -38.43 -15.19
N SER D 154 1.14 -38.26 -14.24
CA SER D 154 -0.05 -39.11 -14.16
C SER D 154 -1.30 -38.35 -14.55
N PRO D 155 -1.82 -38.62 -15.74
CA PRO D 155 -3.03 -37.94 -16.23
C PRO D 155 -4.20 -38.00 -15.25
N ALA D 156 -4.33 -39.12 -14.54
CA ALA D 156 -5.44 -39.31 -13.62
C ALA D 156 -5.21 -38.71 -12.24
N SER D 157 -3.97 -38.43 -11.89
CA SER D 157 -3.68 -37.92 -10.55
C SER D 157 -3.20 -36.46 -10.55
N HIS D 158 -2.34 -36.10 -11.51
CA HIS D 158 -1.76 -34.77 -11.60
C HIS D 158 -2.61 -33.79 -12.41
N HIS D 159 -3.29 -32.89 -11.69
CA HIS D 159 -4.15 -31.89 -12.32
C HIS D 159 -3.56 -30.49 -12.22
N VAL D 160 -2.52 -30.35 -11.40
CA VAL D 160 -1.79 -29.10 -11.24
C VAL D 160 -0.30 -29.40 -11.28
N VAL D 161 0.34 -29.02 -12.38
CA VAL D 161 1.76 -29.28 -12.57
C VAL D 161 2.60 -28.00 -12.55
N SER D 162 3.86 -28.15 -12.12
CA SER D 162 4.82 -27.05 -12.05
C SER D 162 6.02 -27.33 -12.95
N ASN D 163 6.29 -26.42 -13.88
CA ASN D 163 7.43 -26.59 -14.77
C ASN D 163 8.73 -26.12 -14.07
N ALA D 164 8.66 -26.00 -12.74
CA ALA D 164 9.82 -25.56 -11.96
C ALA D 164 10.31 -24.17 -12.37
N SER D 165 11.55 -23.86 -12.01
CA SER D 165 12.14 -22.56 -12.32
C SER D 165 13.08 -22.65 -13.51
N CYS D 166 13.37 -21.48 -14.09
CA CYS D 166 14.26 -21.43 -15.24
C CYS D 166 15.64 -22.01 -14.89
N THR D 167 16.12 -21.71 -13.69
CA THR D 167 17.42 -22.19 -13.25
C THR D 167 17.42 -23.71 -13.04
N THR D 168 16.34 -24.23 -12.49
CA THR D 168 16.27 -25.66 -12.27
C THR D 168 16.36 -26.40 -13.60
N ASN D 169 15.58 -25.94 -14.58
CA ASN D 169 15.56 -26.58 -15.90
C ASN D 169 16.94 -26.59 -16.56
N CYS D 170 17.89 -25.96 -15.90
CA CYS D 170 19.25 -25.91 -16.41
C CYS D 170 20.17 -26.87 -15.66
N LEU D 171 19.94 -26.97 -14.35
CA LEU D 171 20.75 -27.81 -13.49
C LEU D 171 20.34 -29.26 -13.57
N ALA D 172 19.03 -29.47 -13.50
CA ALA D 172 18.44 -30.81 -13.53
C ALA D 172 19.03 -31.67 -14.65
N PRO D 173 18.98 -31.18 -15.90
CA PRO D 173 19.54 -31.97 -16.99
C PRO D 173 20.94 -32.43 -16.67
N ILE D 174 21.82 -31.51 -16.32
CA ILE D 174 23.19 -31.88 -15.99
C ILE D 174 23.21 -32.92 -14.86
N VAL D 175 22.57 -32.59 -13.74
CA VAL D 175 22.53 -33.52 -12.61
C VAL D 175 21.95 -34.85 -13.05
N HIS D 176 20.97 -34.79 -13.93
CA HIS D 176 20.35 -36.00 -14.43
C HIS D 176 21.38 -36.92 -15.07
N VAL D 177 22.05 -36.46 -16.12
CA VAL D 177 23.04 -37.33 -16.75
C VAL D 177 24.13 -37.72 -15.75
N LEU D 178 24.66 -36.78 -14.99
CA LEU D 178 25.71 -37.10 -14.01
C LEU D 178 25.32 -38.30 -13.15
N THR D 179 24.03 -38.44 -12.85
CA THR D 179 23.59 -39.55 -12.02
C THR D 179 23.31 -40.80 -12.85
N LYS D 180 22.67 -40.61 -14.00
CA LYS D 180 22.34 -41.74 -14.86
C LYS D 180 23.59 -42.41 -15.41
N GLU D 181 24.60 -41.62 -15.74
CA GLU D 181 25.85 -42.18 -16.25
C GLU D 181 26.68 -42.75 -15.11
N ASN D 182 26.02 -42.92 -13.97
CA ASN D 182 26.61 -43.49 -12.77
C ASN D 182 27.88 -42.78 -12.29
N PHE D 183 27.94 -41.46 -12.44
CA PHE D 183 29.08 -40.71 -11.94
C PHE D 183 28.91 -40.49 -10.45
N GLY D 184 27.65 -40.62 -10.03
CA GLY D 184 27.32 -40.43 -8.63
C GLY D 184 27.49 -38.99 -8.21
N ILE D 185 26.76 -38.61 -7.17
CA ILE D 185 26.84 -37.24 -6.67
C ILE D 185 26.61 -37.19 -5.16
N GLU D 186 27.70 -37.39 -4.43
CA GLU D 186 27.74 -37.36 -2.98
C GLU D 186 27.07 -36.09 -2.47
N THR D 187 27.64 -34.95 -2.82
CA THR D 187 27.10 -33.64 -2.46
C THR D 187 27.45 -32.64 -3.53
N GLY D 188 26.82 -31.48 -3.48
CA GLY D 188 27.11 -30.48 -4.48
C GLY D 188 26.53 -29.14 -4.15
N LEU D 189 27.27 -28.11 -4.54
CA LEU D 189 26.87 -26.73 -4.35
C LEU D 189 26.95 -26.03 -5.68
N MET D 190 25.88 -25.37 -6.08
CA MET D 190 25.93 -24.69 -7.35
C MET D 190 25.76 -23.20 -7.20
N THR D 191 26.54 -22.48 -7.96
CA THR D 191 26.47 -21.04 -7.99
C THR D 191 25.94 -20.63 -9.33
N THR D 192 24.94 -19.75 -9.35
CA THR D 192 24.41 -19.28 -10.62
C THR D 192 24.56 -17.75 -10.81
N ILE D 193 25.25 -17.35 -11.87
CA ILE D 193 25.35 -15.94 -12.20
C ILE D 193 24.12 -15.63 -13.05
N HIS D 194 23.14 -14.99 -12.43
CA HIS D 194 21.86 -14.71 -13.07
C HIS D 194 21.70 -13.26 -13.56
N SER D 195 21.00 -13.09 -14.68
CA SER D 195 20.76 -11.76 -15.20
C SER D 195 19.67 -11.15 -14.35
N TYR D 196 19.63 -9.84 -14.21
CA TYR D 196 18.56 -9.29 -13.39
C TYR D 196 17.19 -9.58 -13.99
N THR D 197 16.17 -9.54 -13.13
CA THR D 197 14.82 -9.84 -13.56
C THR D 197 13.85 -8.71 -13.27
N ALA D 198 12.59 -8.92 -13.64
CA ALA D 198 11.53 -7.95 -13.46
C ALA D 198 11.34 -7.56 -11.99
N THR D 199 11.58 -8.49 -11.06
CA THR D 199 11.36 -8.15 -9.65
C THR D 199 12.39 -7.16 -9.11
N GLN D 200 13.53 -7.03 -9.76
CA GLN D 200 14.55 -6.12 -9.31
C GLN D 200 14.21 -4.66 -9.61
N LYS D 201 14.97 -3.75 -9.00
CA LYS D 201 14.77 -2.31 -9.15
C LYS D 201 15.87 -1.62 -9.98
N THR D 202 15.49 -0.63 -10.79
CA THR D 202 16.47 0.10 -11.58
C THR D 202 17.41 0.87 -10.69
N VAL D 203 16.84 1.59 -9.72
CA VAL D 203 17.62 2.33 -8.75
C VAL D 203 17.28 1.81 -7.36
N ASP D 204 18.11 2.13 -6.36
CA ASP D 204 17.84 1.66 -5.02
C ASP D 204 16.38 1.86 -4.62
N GLY D 205 15.64 0.76 -4.50
CA GLY D 205 14.23 0.86 -4.16
C GLY D 205 13.84 0.05 -2.94
N VAL D 206 12.53 -0.14 -2.77
CA VAL D 206 11.97 -0.86 -1.64
C VAL D 206 11.92 -2.36 -1.87
N SER D 207 12.34 -3.11 -0.86
CA SER D 207 12.34 -4.56 -0.94
C SER D 207 12.39 -5.16 0.47
N LEU D 208 11.30 -5.05 1.21
CA LEU D 208 11.25 -5.58 2.58
C LEU D 208 11.50 -7.08 2.70
N LYS D 209 11.29 -7.86 1.63
CA LYS D 209 11.54 -9.30 1.71
C LYS D 209 13.00 -9.63 1.36
N ASP D 210 13.50 -8.99 0.30
CA ASP D 210 14.87 -9.21 -0.18
C ASP D 210 15.64 -7.88 -0.21
N TRP D 211 16.17 -7.47 0.94
CA TRP D 211 16.90 -6.21 1.04
C TRP D 211 17.90 -6.00 -0.10
N ARG D 212 18.76 -6.99 -0.34
CA ARG D 212 19.71 -6.82 -1.40
C ARG D 212 19.01 -6.64 -2.74
N GLY D 213 18.06 -7.52 -3.00
CA GLY D 213 17.32 -7.48 -4.25
C GLY D 213 16.72 -6.13 -4.54
N GLY D 214 16.69 -5.23 -3.56
CA GLY D 214 16.11 -3.92 -3.80
C GLY D 214 17.12 -2.88 -4.27
N ARG D 215 18.37 -3.28 -4.52
CA ARG D 215 19.40 -2.35 -4.92
C ARG D 215 19.58 -2.26 -6.42
N ALA D 216 19.98 -1.09 -6.90
CA ALA D 216 20.16 -0.84 -8.35
C ALA D 216 20.67 -2.10 -9.05
N ALA D 217 19.79 -2.71 -9.84
CA ALA D 217 20.07 -3.97 -10.52
C ALA D 217 21.15 -3.92 -11.60
N ALA D 218 21.17 -2.91 -12.47
CA ALA D 218 22.16 -2.90 -13.55
C ALA D 218 23.50 -2.30 -13.16
N VAL D 219 23.74 -2.03 -11.88
CA VAL D 219 25.02 -1.45 -11.50
C VAL D 219 25.65 -2.16 -10.29
N ASN D 220 25.18 -3.37 -9.99
CA ASN D 220 25.69 -4.12 -8.84
C ASN D 220 25.69 -5.62 -9.07
N ILE D 221 26.46 -6.31 -8.22
CA ILE D 221 26.46 -7.75 -8.17
C ILE D 221 25.67 -8.05 -6.92
N ILE D 222 24.47 -8.61 -7.07
CA ILE D 222 23.58 -8.84 -5.93
C ILE D 222 23.35 -10.29 -5.55
N PRO D 223 23.90 -10.73 -4.41
CA PRO D 223 23.71 -12.11 -3.99
C PRO D 223 22.25 -12.38 -3.67
N SER D 224 21.87 -13.65 -3.62
CA SER D 224 20.52 -14.05 -3.26
C SER D 224 20.46 -15.55 -3.08
N THR D 225 19.40 -16.01 -2.43
CA THR D 225 19.19 -17.44 -2.21
C THR D 225 18.41 -18.03 -3.39
N THR D 226 18.33 -19.36 -3.46
CA THR D 226 17.60 -19.95 -4.58
C THR D 226 17.30 -21.42 -4.34
N GLY D 227 16.01 -21.75 -4.36
CA GLY D 227 15.62 -23.13 -4.15
C GLY D 227 15.94 -23.99 -5.35
N ALA D 228 16.30 -23.35 -6.47
CA ALA D 228 16.62 -24.05 -7.71
C ALA D 228 17.43 -25.32 -7.45
N ALA D 229 18.35 -25.25 -6.48
CA ALA D 229 19.15 -26.42 -6.16
C ALA D 229 18.30 -27.46 -5.45
N LYS D 230 17.88 -27.19 -4.22
CA LYS D 230 17.05 -28.15 -3.48
C LYS D 230 15.92 -28.67 -4.36
N ALA D 231 15.39 -27.80 -5.20
CA ALA D 231 14.28 -28.16 -6.09
C ALA D 231 14.64 -29.31 -7.01
N VAL D 232 15.88 -29.34 -7.47
CA VAL D 232 16.30 -30.43 -8.34
C VAL D 232 16.06 -31.75 -7.64
N GLY D 233 15.90 -31.65 -6.33
CA GLY D 233 15.66 -32.84 -5.53
C GLY D 233 14.30 -33.46 -5.82
N MET D 234 13.30 -32.61 -6.04
CA MET D 234 11.94 -33.07 -6.33
C MET D 234 11.84 -33.75 -7.67
N VAL D 235 12.71 -33.37 -8.59
CA VAL D 235 12.71 -33.96 -9.91
C VAL D 235 13.62 -35.18 -9.94
N ILE D 236 14.69 -35.11 -9.16
CA ILE D 236 15.65 -36.19 -9.06
C ILE D 236 15.85 -36.54 -7.59
N PRO D 237 14.95 -37.38 -7.03
CA PRO D 237 14.90 -37.87 -5.65
C PRO D 237 16.27 -38.19 -5.02
N SER D 238 17.07 -38.97 -5.74
CA SER D 238 18.37 -39.39 -5.23
C SER D 238 19.29 -38.23 -4.86
N THR D 239 18.86 -36.99 -5.05
CA THR D 239 19.73 -35.86 -4.72
C THR D 239 19.16 -34.97 -3.61
N LYS D 240 18.13 -35.45 -2.92
CA LYS D 240 17.58 -34.67 -1.83
C LYS D 240 18.62 -34.50 -0.73
N GLY D 241 18.74 -33.30 -0.19
CA GLY D 241 19.70 -33.03 0.88
C GLY D 241 21.15 -33.10 0.41
N LYS D 242 21.36 -33.34 -0.87
CA LYS D 242 22.71 -33.43 -1.39
C LYS D 242 23.09 -32.15 -2.12
N LEU D 243 22.09 -31.44 -2.63
CA LEU D 243 22.32 -30.23 -3.41
C LEU D 243 21.74 -28.97 -2.79
N THR D 244 22.38 -27.87 -3.12
CA THR D 244 22.01 -26.55 -2.65
C THR D 244 22.85 -25.52 -3.38
N GLY D 245 22.34 -24.31 -3.53
CA GLY D 245 23.12 -23.30 -4.22
C GLY D 245 22.68 -21.88 -3.93
N MET D 246 23.47 -20.94 -4.44
CA MET D 246 23.16 -19.53 -4.28
C MET D 246 23.22 -18.86 -5.61
N SER D 247 22.78 -17.61 -5.65
CA SER D 247 22.78 -16.90 -6.90
C SER D 247 23.44 -15.53 -6.80
N PHE D 248 23.88 -15.03 -7.93
CA PHE D 248 24.50 -13.73 -8.01
C PHE D 248 23.84 -12.93 -9.16
N ARG D 249 22.96 -11.99 -8.82
CA ARG D 249 22.33 -11.18 -9.85
C ARG D 249 23.36 -10.19 -10.40
N VAL D 250 23.57 -10.20 -11.71
CA VAL D 250 24.53 -9.28 -12.32
C VAL D 250 23.91 -8.50 -13.47
N PRO D 251 24.48 -7.34 -13.80
CA PRO D 251 24.11 -6.36 -14.82
C PRO D 251 23.81 -6.87 -16.25
N THR D 252 23.03 -7.92 -16.44
CA THR D 252 22.66 -8.25 -17.82
C THR D 252 21.15 -8.47 -17.89
N PRO D 253 20.51 -8.02 -18.99
CA PRO D 253 19.07 -8.14 -19.21
C PRO D 253 18.59 -9.58 -19.43
N ASP D 254 19.49 -10.49 -19.81
CA ASP D 254 19.07 -11.87 -20.05
C ASP D 254 20.26 -12.81 -20.22
N VAL D 255 19.98 -14.10 -20.08
CA VAL D 255 20.96 -15.19 -20.19
C VAL D 255 21.75 -15.34 -18.89
N SER D 256 21.73 -16.55 -18.33
CA SER D 256 22.43 -16.80 -17.09
C SER D 256 23.31 -18.04 -17.22
N VAL D 257 24.23 -18.20 -16.28
CA VAL D 257 25.11 -19.35 -16.32
C VAL D 257 25.13 -20.08 -14.99
N VAL D 258 25.24 -21.42 -15.07
CA VAL D 258 25.26 -22.29 -13.90
C VAL D 258 26.63 -22.93 -13.67
N ASP D 259 27.16 -22.71 -12.47
CA ASP D 259 28.45 -23.26 -12.09
C ASP D 259 28.26 -24.32 -11.00
N LEU D 260 28.16 -25.58 -11.42
CA LEU D 260 27.95 -26.65 -10.46
C LEU D 260 29.23 -27.31 -10.04
N THR D 261 29.43 -27.34 -8.74
CA THR D 261 30.58 -27.97 -8.11
C THR D 261 30.09 -29.17 -7.32
N PHE D 262 30.64 -30.34 -7.58
CA PHE D 262 30.17 -31.54 -6.87
C PHE D 262 31.25 -32.59 -6.75
N ARG D 263 31.03 -33.51 -5.82
CA ARG D 263 31.93 -34.63 -5.59
C ARG D 263 31.27 -35.94 -6.06
N ALA D 264 31.99 -36.71 -6.87
CA ALA D 264 31.47 -37.95 -7.42
C ALA D 264 31.48 -39.07 -6.38
N THR D 265 30.85 -40.18 -6.74
CA THR D 265 30.77 -41.35 -5.88
C THR D 265 31.97 -42.27 -6.08
N ARG D 266 32.38 -42.42 -7.33
CA ARG D 266 33.54 -43.24 -7.66
C ARG D 266 34.58 -42.41 -8.37
N ASP D 267 35.81 -42.92 -8.46
CA ASP D 267 36.84 -42.19 -9.15
C ASP D 267 36.52 -42.08 -10.63
N THR D 268 36.77 -40.91 -11.18
CA THR D 268 36.52 -40.64 -12.58
C THR D 268 37.35 -39.45 -13.02
N SER D 269 37.12 -38.92 -14.22
CA SER D 269 37.91 -37.78 -14.69
C SER D 269 37.04 -36.72 -15.36
N ILE D 270 37.57 -35.50 -15.46
CA ILE D 270 36.81 -34.43 -16.06
C ILE D 270 36.52 -34.74 -17.52
N GLN D 271 37.40 -35.50 -18.16
CA GLN D 271 37.20 -35.86 -19.55
C GLN D 271 36.02 -36.84 -19.66
N GLU D 272 35.98 -37.82 -18.77
CA GLU D 272 34.88 -38.78 -18.77
C GLU D 272 33.54 -38.05 -18.73
N ILE D 273 33.48 -37.10 -17.79
CA ILE D 273 32.30 -36.28 -17.59
C ILE D 273 31.99 -35.48 -18.85
N ASP D 274 33.02 -34.85 -19.40
CA ASP D 274 32.84 -34.05 -20.60
C ASP D 274 32.25 -34.87 -21.74
N LYS D 275 32.75 -36.09 -21.91
CA LYS D 275 32.26 -36.94 -22.99
C LYS D 275 30.83 -37.42 -22.70
N ALA D 276 30.59 -37.76 -21.45
CA ALA D 276 29.28 -38.25 -21.05
C ALA D 276 28.19 -37.20 -21.30
N ILE D 277 28.50 -35.92 -21.04
CA ILE D 277 27.51 -34.88 -21.24
C ILE D 277 27.19 -34.69 -22.73
N LYS D 278 28.25 -34.57 -23.54
CA LYS D 278 28.09 -34.41 -24.99
C LYS D 278 27.31 -35.58 -25.57
N LYS D 279 27.71 -36.79 -25.17
CA LYS D 279 27.05 -37.98 -25.64
C LYS D 279 25.57 -37.92 -25.31
N ALA D 280 25.25 -37.50 -24.10
CA ALA D 280 23.85 -37.41 -23.69
C ALA D 280 23.14 -36.31 -24.46
N ALA D 281 23.85 -35.22 -24.68
CA ALA D 281 23.29 -34.08 -25.39
C ALA D 281 22.95 -34.43 -26.83
N GLN D 282 23.62 -35.44 -27.37
CA GLN D 282 23.36 -35.86 -28.75
C GLN D 282 22.36 -37.02 -28.82
N THR D 283 21.88 -37.50 -27.68
CA THR D 283 20.98 -38.63 -27.67
C THR D 283 19.72 -38.39 -26.85
N TYR D 284 19.60 -39.02 -25.69
CA TYR D 284 18.39 -38.89 -24.88
C TYR D 284 18.17 -37.49 -24.31
N MET D 285 19.12 -36.58 -24.52
CA MET D 285 18.98 -35.23 -23.99
C MET D 285 18.91 -34.17 -25.10
N LYS D 286 18.97 -34.61 -26.36
CA LYS D 286 18.91 -33.68 -27.48
C LYS D 286 17.60 -32.91 -27.41
N GLY D 287 17.69 -31.60 -27.59
CA GLY D 287 16.51 -30.75 -27.50
C GLY D 287 16.45 -30.04 -26.17
N ILE D 288 16.92 -30.74 -25.14
CA ILE D 288 16.93 -30.23 -23.78
C ILE D 288 18.32 -29.79 -23.31
N LEU D 289 19.30 -30.64 -23.55
CA LEU D 289 20.65 -30.35 -23.11
C LEU D 289 21.62 -30.36 -24.27
N GLY D 290 22.21 -29.21 -24.55
CA GLY D 290 23.18 -29.14 -25.63
C GLY D 290 24.54 -28.74 -25.11
N PHE D 291 25.53 -28.62 -25.99
CA PHE D 291 26.84 -28.22 -25.55
C PHE D 291 27.52 -27.35 -26.59
N THR D 292 28.76 -26.96 -26.33
CA THR D 292 29.48 -26.15 -27.28
C THR D 292 30.97 -26.13 -26.97
N ASP D 293 31.77 -26.25 -28.01
CA ASP D 293 33.22 -26.22 -27.91
C ASP D 293 33.75 -24.85 -28.25
N GLU D 294 32.85 -23.88 -28.43
CA GLU D 294 33.25 -22.52 -28.81
C GLU D 294 33.41 -21.58 -27.64
N GLU D 295 34.24 -20.57 -27.87
CA GLU D 295 34.53 -19.55 -26.90
C GLU D 295 33.37 -18.58 -26.80
N LEU D 296 32.24 -19.04 -26.30
CA LEU D 296 31.06 -18.18 -26.25
C LEU D 296 30.97 -17.30 -25.01
N VAL D 297 30.03 -16.36 -25.08
CA VAL D 297 29.74 -15.42 -24.02
C VAL D 297 28.24 -15.29 -23.90
N SER D 298 27.74 -14.79 -22.77
CA SER D 298 26.29 -14.68 -22.57
C SER D 298 25.51 -14.36 -23.84
N ALA D 299 25.83 -13.25 -24.50
CA ALA D 299 25.11 -12.84 -25.71
C ALA D 299 24.92 -13.98 -26.72
N ASP D 300 25.92 -14.83 -26.86
CA ASP D 300 25.85 -15.91 -27.83
C ASP D 300 24.75 -16.91 -27.57
N PHE D 301 24.11 -16.88 -26.41
CA PHE D 301 23.06 -17.86 -26.15
C PHE D 301 21.67 -17.26 -26.21
N ILE D 302 21.57 -16.00 -26.59
CA ILE D 302 20.23 -15.43 -26.69
C ILE D 302 19.41 -16.20 -27.72
N ASN D 303 18.15 -16.45 -27.37
CA ASN D 303 17.24 -17.19 -28.23
C ASN D 303 17.65 -18.65 -28.42
N ASP D 304 18.48 -19.14 -27.51
CA ASP D 304 18.87 -20.54 -27.52
C ASP D 304 17.81 -21.28 -26.69
N ASN D 305 16.91 -21.99 -27.35
CA ASN D 305 15.83 -22.65 -26.62
C ASN D 305 16.21 -23.94 -25.89
N ARG D 306 17.48 -24.31 -25.85
CA ARG D 306 17.87 -25.49 -25.09
C ARG D 306 17.78 -25.18 -23.61
N SER D 307 17.27 -26.11 -22.81
CA SER D 307 17.15 -25.84 -21.38
C SER D 307 18.50 -25.58 -20.75
N SER D 308 19.51 -26.31 -21.20
CA SER D 308 20.85 -26.14 -20.65
C SER D 308 21.92 -26.45 -21.70
N VAL D 309 22.82 -25.51 -21.95
CA VAL D 309 23.87 -25.76 -22.92
C VAL D 309 25.26 -25.73 -22.26
N TYR D 310 25.74 -26.93 -22.00
CA TYR D 310 27.03 -27.23 -21.36
C TYR D 310 28.21 -26.56 -22.06
N ASP D 311 29.07 -25.90 -21.28
CA ASP D 311 30.25 -25.24 -21.84
C ASP D 311 31.52 -26.10 -21.66
N SER D 312 31.83 -26.89 -22.70
CA SER D 312 32.98 -27.81 -22.72
C SER D 312 34.31 -27.11 -22.47
N LYS D 313 34.66 -26.12 -23.29
CA LYS D 313 35.94 -25.44 -23.11
C LYS D 313 36.10 -24.90 -21.70
N ALA D 314 35.06 -24.23 -21.20
CA ALA D 314 35.09 -23.65 -19.86
C ALA D 314 35.34 -24.72 -18.81
N THR D 315 34.58 -25.81 -18.93
CA THR D 315 34.68 -26.91 -17.98
C THR D 315 36.02 -27.60 -18.04
N LEU D 316 36.40 -28.07 -19.21
CA LEU D 316 37.68 -28.76 -19.33
C LEU D 316 38.86 -27.91 -18.87
N GLN D 317 38.85 -26.61 -19.19
CA GLN D 317 39.96 -25.72 -18.85
C GLN D 317 40.03 -25.26 -17.40
N ASN D 318 38.99 -25.45 -16.59
CA ASN D 318 39.08 -24.91 -15.23
C ASN D 318 38.91 -25.91 -14.11
N ASN D 319 39.35 -27.14 -14.35
CA ASN D 319 39.29 -28.17 -13.34
C ASN D 319 40.68 -28.63 -13.00
N LEU D 320 40.84 -29.32 -11.88
CA LEU D 320 42.17 -29.82 -11.50
C LEU D 320 42.66 -30.85 -12.52
N PRO D 321 43.91 -30.71 -12.97
CA PRO D 321 44.58 -31.57 -13.94
C PRO D 321 44.35 -33.08 -13.72
N GLY D 322 44.59 -33.60 -12.53
CA GLY D 322 44.40 -35.04 -12.34
C GLY D 322 43.32 -35.40 -11.33
N GLU D 323 42.40 -34.48 -11.04
CA GLU D 323 41.34 -34.72 -10.04
C GLU D 323 40.47 -35.90 -10.42
N LYS D 324 39.95 -36.59 -9.39
CA LYS D 324 39.12 -37.77 -9.59
C LYS D 324 37.74 -37.69 -8.90
N ARG D 325 37.47 -36.67 -8.09
CA ARG D 325 36.17 -36.61 -7.42
C ARG D 325 35.56 -35.20 -7.35
N PHE D 326 36.40 -34.20 -7.09
CA PHE D 326 35.95 -32.82 -6.96
C PHE D 326 35.95 -32.13 -8.32
N PHE D 327 34.77 -31.95 -8.92
CA PHE D 327 34.68 -31.34 -10.25
C PHE D 327 33.72 -30.17 -10.33
N LYS D 328 33.94 -29.35 -11.35
CA LYS D 328 33.13 -28.18 -11.62
C LYS D 328 32.61 -28.24 -13.05
N VAL D 329 31.31 -28.07 -13.21
CA VAL D 329 30.69 -28.12 -14.53
C VAL D 329 29.96 -26.81 -14.84
N VAL D 330 30.24 -26.23 -15.99
CA VAL D 330 29.64 -24.96 -16.38
C VAL D 330 28.60 -25.11 -17.49
N SER D 331 27.45 -24.48 -17.31
CA SER D 331 26.39 -24.57 -18.30
C SER D 331 25.59 -23.27 -18.42
N TRP D 332 25.33 -22.84 -19.65
CA TRP D 332 24.57 -21.60 -19.91
C TRP D 332 23.09 -21.85 -20.15
N TYR D 333 22.30 -20.79 -20.03
CA TYR D 333 20.87 -20.88 -20.28
C TYR D 333 20.21 -19.52 -20.40
N ASP D 334 19.30 -19.44 -21.36
CA ASP D 334 18.52 -18.25 -21.62
C ASP D 334 17.31 -18.31 -20.72
N ASN D 335 17.49 -17.83 -19.50
CA ASN D 335 16.43 -17.85 -18.51
C ASN D 335 15.06 -17.43 -19.06
N GLU D 336 15.00 -16.58 -20.06
CA GLU D 336 13.69 -16.19 -20.55
C GLU D 336 13.18 -17.11 -21.66
N TRP D 337 13.96 -17.23 -22.73
CA TRP D 337 13.59 -18.00 -23.91
C TRP D 337 13.37 -19.50 -23.63
N ALA D 338 14.43 -20.23 -23.30
CA ALA D 338 14.31 -21.67 -23.06
C ALA D 338 13.15 -22.02 -22.12
N TYR D 339 13.13 -21.47 -20.92
CA TYR D 339 12.05 -21.80 -19.99
C TYR D 339 10.70 -21.71 -20.69
N SER D 340 10.50 -20.65 -21.48
CA SER D 340 9.23 -20.47 -22.17
C SER D 340 8.90 -21.65 -23.08
N HIS D 341 9.90 -22.18 -23.78
CA HIS D 341 9.64 -23.31 -24.66
C HIS D 341 9.28 -24.55 -23.86
N ARG D 342 9.96 -24.81 -22.75
CA ARG D 342 9.64 -25.97 -21.94
C ARG D 342 8.18 -25.91 -21.44
N VAL D 343 7.73 -24.74 -21.01
CA VAL D 343 6.36 -24.64 -20.53
C VAL D 343 5.42 -25.16 -21.61
N VAL D 344 5.69 -24.73 -22.83
CA VAL D 344 4.89 -25.17 -23.96
C VAL D 344 5.03 -26.66 -24.13
N ASP D 345 6.27 -27.14 -24.09
CA ASP D 345 6.52 -28.55 -24.24
C ASP D 345 5.74 -29.35 -23.19
N LEU D 346 5.79 -28.90 -21.95
CA LEU D 346 5.10 -29.60 -20.89
C LEU D 346 3.60 -29.69 -21.18
N VAL D 347 3.01 -28.58 -21.60
CA VAL D 347 1.59 -28.56 -21.90
C VAL D 347 1.24 -29.54 -23.01
N ARG D 348 2.04 -29.55 -24.06
CA ARG D 348 1.79 -30.49 -25.15
C ARG D 348 1.92 -31.93 -24.65
N TYR D 349 2.98 -32.19 -23.88
CA TYR D 349 3.18 -33.53 -23.33
C TYR D 349 1.95 -33.97 -22.57
N MET D 350 1.61 -33.24 -21.53
CA MET D 350 0.44 -33.57 -20.74
C MET D 350 -0.77 -33.78 -21.65
N ALA D 351 -0.95 -32.87 -22.59
CA ALA D 351 -2.07 -32.94 -23.52
C ALA D 351 -2.11 -34.28 -24.25
N ALA D 352 -0.97 -34.65 -24.83
CA ALA D 352 -0.86 -35.89 -25.57
C ALA D 352 -1.16 -37.10 -24.70
N LYS D 353 -0.60 -37.10 -23.49
CA LYS D 353 -0.82 -38.21 -22.59
C LYS D 353 -2.24 -38.18 -22.03
N ASP D 354 -2.73 -37.01 -21.67
CA ASP D 354 -4.08 -36.90 -21.14
C ASP D 354 -5.09 -37.38 -22.18
N ALA D 355 -4.74 -37.21 -23.44
CA ALA D 355 -5.60 -37.62 -24.54
C ALA D 355 -5.48 -39.12 -24.78
N ALA D 356 -4.26 -39.65 -24.64
CA ALA D 356 -3.98 -41.07 -24.86
C ALA D 356 -4.70 -41.96 -23.85
N SER D 357 -4.62 -41.63 -22.56
CA SER D 357 -5.27 -42.42 -21.52
C SER D 357 -6.78 -42.19 -21.52
N SER D 358 -7.26 -41.47 -22.53
CA SER D 358 -8.69 -41.16 -22.67
C SER D 358 -9.21 -40.43 -21.44
N ALA E 1 -40.33 35.40 58.91
CA ALA E 1 -41.77 35.04 58.74
C ALA E 1 -41.96 33.93 57.71
N PRO E 2 -41.51 32.69 58.03
CA PRO E 2 -41.62 31.55 57.13
C PRO E 2 -43.07 31.31 56.70
N ILE E 3 -43.29 31.19 55.40
CA ILE E 3 -44.62 30.95 54.89
C ILE E 3 -45.18 29.65 55.41
N LYS E 4 -46.41 29.68 55.92
CA LYS E 4 -47.06 28.49 56.47
C LYS E 4 -47.88 27.78 55.40
N VAL E 5 -47.37 26.68 54.88
CA VAL E 5 -48.09 25.98 53.83
C VAL E 5 -48.40 24.54 54.19
N GLY E 6 -49.45 24.03 53.54
CA GLY E 6 -49.88 22.67 53.72
C GLY E 6 -50.11 22.04 52.37
N ILE E 7 -49.76 20.78 52.21
CA ILE E 7 -49.94 20.11 50.94
C ILE E 7 -51.10 19.12 51.00
N ASN E 8 -52.12 19.36 50.20
CA ASN E 8 -53.23 18.42 50.19
C ASN E 8 -53.00 17.44 49.06
N GLY E 9 -52.84 16.17 49.40
CA GLY E 9 -52.55 15.18 48.39
C GLY E 9 -51.05 15.01 48.26
N PHE E 10 -50.55 13.82 48.56
CA PHE E 10 -49.11 13.56 48.51
C PHE E 10 -48.74 12.47 47.52
N GLY E 11 -49.14 12.66 46.26
CA GLY E 11 -48.79 11.73 45.21
C GLY E 11 -47.63 12.29 44.40
N ARG E 12 -47.52 11.95 43.12
CA ARG E 12 -46.42 12.47 42.31
C ARG E 12 -46.33 14.00 42.40
N ILE E 13 -47.40 14.69 42.04
CA ILE E 13 -47.38 16.14 42.05
C ILE E 13 -47.08 16.68 43.43
N GLY E 14 -47.78 16.14 44.43
CA GLY E 14 -47.59 16.59 45.79
C GLY E 14 -46.14 16.53 46.25
N ARG E 15 -45.53 15.36 46.13
CA ARG E 15 -44.15 15.17 46.53
C ARG E 15 -43.24 16.09 45.74
N MET E 16 -43.33 16.00 44.42
CA MET E 16 -42.52 16.82 43.54
C MET E 16 -42.46 18.25 44.06
N VAL E 17 -43.61 18.76 44.49
CA VAL E 17 -43.69 20.11 45.02
C VAL E 17 -42.90 20.22 46.33
N PHE E 18 -43.14 19.26 47.23
CA PHE E 18 -42.44 19.29 48.48
C PHE E 18 -40.94 19.22 48.22
N GLN E 19 -40.54 18.27 47.40
CA GLN E 19 -39.14 18.08 47.05
C GLN E 19 -38.55 19.36 46.46
N ALA E 20 -39.27 19.98 45.54
CA ALA E 20 -38.83 21.22 44.92
C ALA E 20 -38.54 22.28 46.00
N ILE E 21 -39.26 22.22 47.11
CA ILE E 21 -39.05 23.17 48.20
C ILE E 21 -37.77 22.85 48.93
N CYS E 22 -37.64 21.58 49.33
CA CYS E 22 -36.46 21.13 50.05
C CYS E 22 -35.22 21.37 49.23
N ASP E 23 -35.36 21.13 47.92
CA ASP E 23 -34.28 21.28 46.96
C ASP E 23 -33.78 22.71 46.83
N GLN E 24 -34.67 23.68 46.84
CA GLN E 24 -34.25 25.07 46.75
C GLN E 24 -33.70 25.53 48.11
N GLY E 25 -33.65 24.62 49.09
CA GLY E 25 -33.15 24.95 50.41
C GLY E 25 -34.06 25.89 51.18
N LEU E 26 -35.33 25.94 50.79
CA LEU E 26 -36.31 26.82 51.42
C LEU E 26 -36.89 26.22 52.70
N ILE E 27 -36.98 24.91 52.72
CA ILE E 27 -37.54 24.19 53.86
C ILE E 27 -37.02 24.74 55.20
N GLY E 28 -37.96 25.18 56.04
CA GLY E 28 -37.63 25.69 57.34
C GLY E 28 -37.40 27.20 57.37
N THR E 29 -36.46 27.66 56.58
CA THR E 29 -36.14 29.07 56.56
C THR E 29 -37.21 29.93 55.86
N GLU E 30 -37.35 29.76 54.55
CA GLU E 30 -38.32 30.52 53.76
C GLU E 30 -39.73 29.94 53.82
N ILE E 31 -39.83 28.62 53.74
CA ILE E 31 -41.13 27.95 53.76
C ILE E 31 -41.23 26.98 54.94
N ASP E 32 -42.40 26.95 55.56
CA ASP E 32 -42.67 26.06 56.67
C ASP E 32 -43.76 25.08 56.30
N VAL E 33 -43.39 23.93 55.76
CA VAL E 33 -44.39 22.93 55.41
C VAL E 33 -44.89 22.29 56.69
N VAL E 34 -45.96 22.85 57.24
CA VAL E 34 -46.52 22.37 58.48
C VAL E 34 -46.97 20.91 58.40
N ALA E 35 -47.75 20.58 57.38
CA ALA E 35 -48.21 19.21 57.23
C ALA E 35 -48.65 18.91 55.80
N VAL E 36 -48.75 17.62 55.51
CA VAL E 36 -49.20 17.14 54.23
C VAL E 36 -50.36 16.22 54.47
N VAL E 37 -51.37 16.28 53.61
CA VAL E 37 -52.56 15.46 53.77
C VAL E 37 -52.65 14.42 52.67
N ASP E 38 -53.11 13.22 53.02
CA ASP E 38 -53.27 12.13 52.06
C ASP E 38 -54.00 10.96 52.71
N MET E 39 -54.53 10.06 51.88
CA MET E 39 -55.25 8.89 52.34
C MET E 39 -54.46 8.10 53.37
N SER E 40 -53.15 8.27 53.36
CA SER E 40 -52.26 7.57 54.27
C SER E 40 -51.38 8.54 55.06
N THR E 41 -50.94 8.12 56.24
CA THR E 41 -50.07 8.98 57.03
C THR E 41 -48.81 8.22 57.36
N ASN E 42 -48.53 7.22 56.54
CA ASN E 42 -47.33 6.39 56.70
C ASN E 42 -46.07 7.16 56.33
N ALA E 43 -45.54 7.91 57.26
CA ALA E 43 -44.35 8.70 56.99
C ALA E 43 -43.22 7.84 56.41
N GLU E 44 -43.05 6.63 56.93
CA GLU E 44 -41.99 5.77 56.43
C GLU E 44 -42.12 5.54 54.94
N TYR E 45 -43.34 5.25 54.47
CA TYR E 45 -43.55 5.03 53.05
C TYR E 45 -43.26 6.29 52.27
N PHE E 46 -43.69 7.44 52.77
CA PHE E 46 -43.42 8.69 52.08
C PHE E 46 -41.90 8.90 51.97
N ALA E 47 -41.21 8.73 53.10
CA ALA E 47 -39.75 8.86 53.16
C ALA E 47 -39.11 8.05 52.06
N TYR E 48 -39.53 6.79 51.95
CA TYR E 48 -39.04 5.85 50.95
C TYR E 48 -39.29 6.40 49.55
N GLN E 49 -40.52 6.82 49.29
CA GLN E 49 -40.89 7.37 47.99
C GLN E 49 -40.06 8.57 47.63
N MET E 50 -39.66 9.35 48.63
CA MET E 50 -38.86 10.54 48.36
C MET E 50 -37.39 10.22 48.13
N LYS E 51 -36.81 9.37 48.97
CA LYS E 51 -35.39 9.01 48.85
C LYS E 51 -35.13 8.12 47.65
N HIS E 52 -36.17 7.66 46.95
CA HIS E 52 -35.95 6.78 45.82
C HIS E 52 -36.78 7.12 44.61
N ASP E 53 -36.20 7.93 43.72
CA ASP E 53 -36.89 8.31 42.49
C ASP E 53 -36.16 7.73 41.28
N THR E 54 -36.92 7.03 40.45
CA THR E 54 -36.40 6.38 39.24
C THR E 54 -35.84 7.42 38.25
N VAL E 55 -36.53 8.55 38.11
CA VAL E 55 -36.17 9.59 37.16
C VAL E 55 -35.29 10.69 37.73
N HIS E 56 -35.70 11.29 38.84
CA HIS E 56 -34.93 12.41 39.39
C HIS E 56 -33.83 11.96 40.34
N GLY E 57 -33.81 10.66 40.64
CA GLY E 57 -32.77 10.11 41.50
C GLY E 57 -32.93 10.40 42.99
N ARG E 58 -31.77 10.42 43.67
CA ARG E 58 -31.70 10.66 45.11
C ARG E 58 -31.68 12.15 45.45
N PRO E 59 -32.37 12.54 46.54
CA PRO E 59 -32.48 13.91 47.03
C PRO E 59 -31.21 14.35 47.73
N LYS E 60 -30.88 15.64 47.62
CA LYS E 60 -29.68 16.19 48.22
C LYS E 60 -29.83 16.44 49.71
N TYR E 61 -30.99 16.08 50.25
CA TYR E 61 -31.27 16.30 51.66
C TYR E 61 -31.57 14.98 52.35
N THR E 62 -31.62 15.01 53.68
CA THR E 62 -31.92 13.81 54.44
C THR E 62 -33.40 13.76 54.78
N VAL E 63 -33.97 12.57 54.67
CA VAL E 63 -35.38 12.36 54.96
C VAL E 63 -35.55 11.15 55.86
N GLU E 64 -36.18 11.38 57.01
CA GLU E 64 -36.41 10.32 57.95
C GLU E 64 -37.82 10.40 58.55
N ALA E 65 -38.42 9.23 58.74
CA ALA E 65 -39.76 9.16 59.31
C ALA E 65 -39.68 8.97 60.81
N VAL E 66 -40.52 9.69 61.55
CA VAL E 66 -40.51 9.56 63.00
C VAL E 66 -41.92 9.49 63.56
N LYS E 67 -42.02 9.19 64.83
CA LYS E 67 -43.31 9.10 65.51
C LYS E 67 -43.55 10.34 66.37
N SER E 68 -44.78 10.88 66.28
CA SER E 68 -45.12 12.05 67.08
C SER E 68 -45.11 11.69 68.54
N SER E 69 -45.46 10.44 68.82
CA SER E 69 -45.49 9.85 70.15
C SER E 69 -44.96 8.44 70.09
N PRO E 70 -44.05 8.07 71.01
CA PRO E 70 -43.52 6.71 71.00
C PRO E 70 -44.59 5.63 71.04
N SER E 71 -45.84 6.04 71.25
CA SER E 71 -46.97 5.13 71.36
C SER E 71 -47.56 4.77 69.99
N VAL E 72 -47.29 5.58 68.97
CA VAL E 72 -47.86 5.29 67.65
C VAL E 72 -47.21 4.06 67.03
N GLU E 73 -48.00 3.27 66.33
CA GLU E 73 -47.52 2.04 65.71
C GLU E 73 -46.60 2.33 64.54
N THR E 74 -47.01 3.24 63.67
CA THR E 74 -46.22 3.60 62.49
C THR E 74 -45.98 5.09 62.42
N ALA E 75 -44.76 5.47 62.03
CA ALA E 75 -44.38 6.86 61.91
C ALA E 75 -45.46 7.67 61.23
N ASP E 76 -45.71 8.85 61.75
CA ASP E 76 -46.73 9.74 61.20
C ASP E 76 -46.18 11.15 61.01
N VAL E 77 -44.87 11.27 61.16
CA VAL E 77 -44.19 12.55 61.00
C VAL E 77 -42.98 12.41 60.08
N LEU E 78 -42.82 13.41 59.21
CA LEU E 78 -41.72 13.47 58.26
C LEU E 78 -40.73 14.53 58.68
N VAL E 79 -39.44 14.19 58.72
CA VAL E 79 -38.42 15.15 59.14
C VAL E 79 -37.40 15.37 58.04
N VAL E 80 -37.36 16.59 57.54
CA VAL E 80 -36.43 16.96 56.48
C VAL E 80 -35.49 18.08 56.91
N ASN E 81 -34.21 17.76 56.99
CA ASN E 81 -33.18 18.71 57.41
C ASN E 81 -33.50 19.36 58.74
N GLY E 82 -34.03 18.58 59.66
CA GLY E 82 -34.35 19.10 60.98
C GLY E 82 -35.78 19.58 61.10
N HIS E 83 -36.39 19.94 59.99
CA HIS E 83 -37.76 20.42 60.03
C HIS E 83 -38.72 19.24 60.11
N ARG E 84 -39.74 19.38 60.96
CA ARG E 84 -40.75 18.35 61.17
C ARG E 84 -42.01 18.64 60.36
N ILE E 85 -42.50 17.63 59.65
CA ILE E 85 -43.72 17.78 58.85
C ILE E 85 -44.75 16.72 59.24
N LYS E 86 -45.88 17.18 59.76
CA LYS E 86 -46.96 16.31 60.19
C LYS E 86 -47.65 15.66 59.00
N CYS E 87 -47.97 14.38 59.12
CA CYS E 87 -48.70 13.68 58.07
C CYS E 87 -50.14 13.50 58.54
N VAL E 88 -51.02 14.38 58.10
CA VAL E 88 -52.43 14.40 58.49
C VAL E 88 -53.30 13.49 57.61
N LYS E 89 -54.34 12.92 58.22
CA LYS E 89 -55.25 12.05 57.49
C LYS E 89 -56.17 12.85 56.57
N ALA E 90 -56.44 12.29 55.40
CA ALA E 90 -57.28 12.92 54.39
C ALA E 90 -58.76 13.03 54.81
N GLN E 91 -59.47 13.96 54.19
CA GLN E 91 -60.89 14.20 54.44
C GLN E 91 -61.66 14.35 53.12
N ARG E 92 -62.96 14.07 53.14
CA ARG E 92 -63.80 14.20 51.95
C ARG E 92 -63.91 15.64 51.51
N ASN E 93 -64.36 16.50 52.43
CA ASN E 93 -64.51 17.91 52.13
C ASN E 93 -63.35 18.71 52.75
N PRO E 94 -62.61 19.46 51.91
CA PRO E 94 -61.49 20.26 52.37
C PRO E 94 -61.84 21.08 53.60
N ALA E 95 -63.07 21.54 53.66
CA ALA E 95 -63.53 22.35 54.78
C ALA E 95 -63.38 21.61 56.12
N ASP E 96 -63.28 20.29 56.08
CA ASP E 96 -63.12 19.52 57.32
C ASP E 96 -61.65 19.37 57.69
N LEU E 97 -60.75 19.98 56.91
CA LEU E 97 -59.32 19.90 57.21
C LEU E 97 -58.93 20.92 58.27
N PRO E 98 -58.07 20.51 59.21
CA PRO E 98 -57.59 21.33 60.33
C PRO E 98 -56.57 22.43 59.94
N TRP E 99 -56.73 23.02 58.76
CA TRP E 99 -55.83 24.07 58.28
C TRP E 99 -55.64 25.17 59.32
N GLY E 100 -56.73 25.73 59.81
CA GLY E 100 -56.62 26.76 60.81
C GLY E 100 -56.00 26.26 62.11
N LYS E 101 -56.39 25.07 62.53
CA LYS E 101 -55.88 24.50 63.77
C LYS E 101 -54.40 24.17 63.66
N LEU E 102 -53.93 24.00 62.42
CA LEU E 102 -52.52 23.69 62.19
C LEU E 102 -51.73 24.97 61.96
N GLY E 103 -52.44 26.02 61.59
CA GLY E 103 -51.78 27.28 61.35
C GLY E 103 -51.32 27.42 59.92
N VAL E 104 -52.02 26.74 59.02
CA VAL E 104 -51.69 26.77 57.59
C VAL E 104 -52.40 27.92 56.87
N ASP E 105 -51.62 28.73 56.16
CA ASP E 105 -52.17 29.85 55.41
C ASP E 105 -52.26 29.53 53.92
N TYR E 106 -51.21 28.92 53.38
CA TYR E 106 -51.20 28.59 51.96
C TYR E 106 -51.29 27.09 51.75
N VAL E 107 -52.41 26.66 51.16
CA VAL E 107 -52.62 25.25 50.90
C VAL E 107 -52.37 24.95 49.45
N ILE E 108 -51.52 23.96 49.21
CA ILE E 108 -51.22 23.53 47.85
C ILE E 108 -52.17 22.40 47.49
N GLU E 109 -53.10 22.68 46.59
CA GLU E 109 -54.09 21.70 46.20
C GLU E 109 -53.59 20.84 45.05
N SER E 110 -53.10 19.65 45.38
CA SER E 110 -52.56 18.74 44.37
C SER E 110 -53.17 17.34 44.43
N THR E 111 -54.48 17.26 44.60
CA THR E 111 -55.12 15.95 44.62
C THR E 111 -55.74 15.68 43.27
N GLY E 112 -56.06 16.76 42.56
CA GLY E 112 -56.68 16.63 41.27
C GLY E 112 -58.17 16.40 41.39
N LEU E 113 -58.69 16.50 42.61
CA LEU E 113 -60.10 16.28 42.85
C LEU E 113 -60.83 17.57 43.18
N PHE E 114 -60.10 18.66 43.38
CA PHE E 114 -60.72 19.94 43.70
C PHE E 114 -60.21 21.01 42.75
N THR E 115 -60.28 20.70 41.46
CA THR E 115 -59.82 21.61 40.42
C THR E 115 -60.87 22.66 40.09
N ASP E 116 -61.83 22.85 40.99
CA ASP E 116 -62.88 23.83 40.78
C ASP E 116 -62.84 24.93 41.81
N LYS E 117 -62.84 26.17 41.33
CA LYS E 117 -62.82 27.38 42.15
C LYS E 117 -63.66 27.25 43.42
N LEU E 118 -64.87 26.72 43.31
CA LEU E 118 -65.75 26.58 44.46
C LEU E 118 -65.26 25.51 45.43
N LYS E 119 -65.19 24.28 44.96
CA LYS E 119 -64.74 23.18 45.82
C LYS E 119 -63.41 23.49 46.51
N ALA E 120 -62.48 24.10 45.79
CA ALA E 120 -61.17 24.44 46.34
C ALA E 120 -61.27 25.43 47.50
N GLU E 121 -62.28 26.28 47.49
CA GLU E 121 -62.47 27.29 48.53
C GLU E 121 -62.75 26.68 49.89
N GLY E 122 -63.10 25.39 49.89
CA GLY E 122 -63.34 24.72 51.15
C GLY E 122 -62.11 24.80 52.04
N HIS E 123 -60.93 24.72 51.44
CA HIS E 123 -59.68 24.79 52.19
C HIS E 123 -59.64 26.05 53.01
N ILE E 124 -60.12 27.13 52.41
CA ILE E 124 -60.17 28.40 53.11
C ILE E 124 -61.16 28.31 54.26
N LYS E 125 -62.33 27.73 53.98
CA LYS E 125 -63.35 27.56 54.98
C LYS E 125 -62.83 26.64 56.09
N GLY E 126 -61.70 26.02 55.83
CA GLY E 126 -61.10 25.14 56.81
C GLY E 126 -60.04 25.83 57.62
N GLY E 127 -59.89 27.14 57.40
CA GLY E 127 -58.90 27.92 58.11
C GLY E 127 -57.79 28.44 57.21
N ALA E 128 -57.70 27.92 56.01
CA ALA E 128 -56.68 28.37 55.07
C ALA E 128 -56.96 29.79 54.62
N LYS E 129 -55.89 30.52 54.30
CA LYS E 129 -55.99 31.90 53.85
C LYS E 129 -55.98 31.99 52.32
N LYS E 130 -55.16 31.17 51.67
CA LYS E 130 -55.04 31.14 50.21
C LYS E 130 -54.87 29.71 49.71
N VAL E 131 -55.16 29.47 48.44
CA VAL E 131 -55.01 28.11 47.89
C VAL E 131 -54.44 28.11 46.48
N VAL E 132 -53.36 27.37 46.27
CA VAL E 132 -52.80 27.26 44.93
C VAL E 132 -53.13 25.89 44.36
N ILE E 133 -53.72 25.84 43.18
CA ILE E 133 -54.08 24.56 42.59
C ILE E 133 -53.02 24.14 41.57
N SER E 134 -52.32 23.05 41.88
CA SER E 134 -51.27 22.56 41.03
C SER E 134 -51.84 21.85 39.81
N ALA E 135 -52.74 22.53 39.11
CA ALA E 135 -53.38 22.00 37.92
C ALA E 135 -54.36 23.01 37.35
N PRO E 136 -54.78 22.81 36.10
CA PRO E 136 -55.73 23.77 35.56
C PRO E 136 -57.01 23.79 36.40
N ALA E 137 -57.58 24.96 36.59
CA ALA E 137 -58.79 25.07 37.39
C ALA E 137 -59.95 25.71 36.64
N SER E 138 -61.16 25.33 37.03
CA SER E 138 -62.38 25.86 36.45
C SER E 138 -63.08 26.78 37.45
N GLY E 139 -64.35 27.07 37.23
CA GLY E 139 -65.07 27.92 38.16
C GLY E 139 -64.57 29.35 38.18
N GLY E 140 -63.62 29.67 37.30
CA GLY E 140 -63.13 31.03 37.21
C GLY E 140 -62.10 31.40 38.26
N ALA E 141 -61.07 30.59 38.42
CA ALA E 141 -60.03 30.94 39.37
C ALA E 141 -58.87 31.60 38.60
N LYS E 142 -58.25 32.60 39.20
CA LYS E 142 -57.13 33.31 38.55
C LYS E 142 -55.99 32.36 38.18
N THR E 143 -55.76 32.19 36.88
CA THR E 143 -54.66 31.33 36.44
C THR E 143 -53.42 32.18 36.24
N ILE E 144 -52.29 31.71 36.74
CA ILE E 144 -51.07 32.47 36.59
C ILE E 144 -49.91 31.59 36.11
N VAL E 145 -49.02 32.17 35.33
CA VAL E 145 -47.85 31.48 34.82
C VAL E 145 -46.63 32.32 35.16
N MET E 146 -45.89 31.90 36.17
CA MET E 146 -44.72 32.64 36.61
C MET E 146 -43.84 33.07 35.44
N GLY E 147 -43.56 34.38 35.38
CA GLY E 147 -42.73 34.92 34.32
C GLY E 147 -43.54 35.47 33.16
N VAL E 148 -44.87 35.39 33.26
CA VAL E 148 -45.75 35.88 32.19
C VAL E 148 -46.83 36.82 32.69
N ASN E 149 -47.40 36.54 33.86
CA ASN E 149 -48.48 37.41 34.36
C ASN E 149 -48.71 37.30 35.87
N GLN E 150 -47.67 37.05 36.65
CA GLN E 150 -47.85 36.98 38.10
C GLN E 150 -48.23 38.34 38.64
N HIS E 151 -47.83 39.38 37.91
CA HIS E 151 -48.13 40.74 38.31
C HIS E 151 -49.64 40.99 38.29
N GLU E 152 -50.39 40.11 37.64
CA GLU E 152 -51.84 40.25 37.57
C GLU E 152 -52.48 39.63 38.80
N TYR E 153 -51.66 39.29 39.80
CA TYR E 153 -52.16 38.71 41.03
C TYR E 153 -52.61 39.79 41.99
N SER E 154 -53.83 39.68 42.51
CA SER E 154 -54.35 40.67 43.46
C SER E 154 -54.55 40.06 44.86
N PRO E 155 -53.68 40.44 45.82
CA PRO E 155 -53.73 39.95 47.19
C PRO E 155 -55.11 40.02 47.84
N ALA E 156 -55.97 40.91 47.36
CA ALA E 156 -57.29 41.06 47.98
C ALA E 156 -58.43 40.49 47.13
N SER E 157 -58.15 40.12 45.88
CA SER E 157 -59.22 39.61 45.04
C SER E 157 -59.11 38.12 44.78
N HIS E 158 -57.90 37.65 44.55
CA HIS E 158 -57.63 36.26 44.25
C HIS E 158 -57.20 35.47 45.48
N HIS E 159 -58.02 34.50 45.87
CA HIS E 159 -57.74 33.67 47.03
C HIS E 159 -57.46 32.24 46.61
N VAL E 160 -57.98 31.90 45.44
CA VAL E 160 -57.76 30.60 44.84
C VAL E 160 -57.12 30.81 43.47
N VAL E 161 -55.83 30.53 43.42
CA VAL E 161 -55.04 30.69 42.21
C VAL E 161 -54.69 29.34 41.60
N SER E 162 -54.56 29.33 40.27
CA SER E 162 -54.20 28.14 39.52
C SER E 162 -52.86 28.37 38.83
N ASN E 163 -51.97 27.38 38.89
CA ASN E 163 -50.66 27.48 38.27
C ASN E 163 -50.67 26.86 36.88
N ALA E 164 -51.88 26.73 36.33
CA ALA E 164 -52.09 26.16 34.99
C ALA E 164 -51.56 24.73 34.89
N SER E 165 -51.15 24.35 33.68
CA SER E 165 -50.62 23.01 33.42
C SER E 165 -49.13 23.05 33.09
N CYS E 166 -48.46 21.91 33.21
CA CYS E 166 -47.03 21.83 32.92
C CYS E 166 -46.77 22.24 31.48
N THR E 167 -47.65 21.81 30.58
CA THR E 167 -47.56 22.13 29.16
C THR E 167 -47.74 23.62 28.92
N THR E 168 -48.78 24.19 29.52
CA THR E 168 -49.04 25.63 29.36
C THR E 168 -47.88 26.45 29.92
N ASN E 169 -47.21 25.94 30.95
CA ASN E 169 -46.09 26.67 31.54
C ASN E 169 -44.89 26.71 30.60
N CYS E 170 -44.95 25.89 29.56
CA CYS E 170 -43.88 25.85 28.57
C CYS E 170 -44.24 26.72 27.37
N LEU E 171 -45.47 26.58 26.90
CA LEU E 171 -45.93 27.35 25.78
C LEU E 171 -45.93 28.86 26.09
N ALA E 172 -46.77 29.27 27.03
CA ALA E 172 -46.94 30.66 27.43
C ALA E 172 -45.65 31.48 27.35
N PRO E 173 -44.57 31.05 28.02
CA PRO E 173 -43.35 31.85 27.93
C PRO E 173 -42.99 32.19 26.48
N ILE E 174 -42.94 31.18 25.63
CA ILE E 174 -42.60 31.39 24.23
C ILE E 174 -43.55 32.42 23.60
N VAL E 175 -44.85 32.14 23.69
CA VAL E 175 -45.85 33.04 23.11
C VAL E 175 -45.75 34.42 23.73
N HIS E 176 -45.36 34.49 24.99
CA HIS E 176 -45.23 35.78 25.66
C HIS E 176 -44.19 36.65 24.97
N VAL E 177 -43.00 36.09 24.75
CA VAL E 177 -41.97 36.90 24.10
C VAL E 177 -42.31 37.14 22.64
N LEU E 178 -42.90 36.14 21.99
CA LEU E 178 -43.29 36.29 20.59
C LEU E 178 -44.21 37.48 20.39
N THR E 179 -45.05 37.77 21.38
CA THR E 179 -45.98 38.89 21.29
C THR E 179 -45.35 40.17 21.81
N LYS E 180 -44.57 40.06 22.88
CA LYS E 180 -43.91 41.21 23.46
C LYS E 180 -42.85 41.80 22.52
N GLU E 181 -42.08 40.94 21.85
CA GLU E 181 -41.07 41.41 20.91
C GLU E 181 -41.74 41.81 19.58
N ASN E 182 -43.03 42.07 19.66
CA ASN E 182 -43.89 42.49 18.56
C ASN E 182 -43.77 41.68 17.28
N PHE E 183 -43.62 40.35 17.40
CA PHE E 183 -43.57 39.51 16.21
C PHE E 183 -44.98 39.22 15.78
N GLY E 184 -45.89 39.38 16.73
CA GLY E 184 -47.29 39.14 16.47
C GLY E 184 -47.57 37.67 16.29
N ILE E 185 -48.84 37.29 16.34
CA ILE E 185 -49.19 35.89 16.18
C ILE E 185 -50.63 35.76 15.70
N GLU E 186 -50.80 35.89 14.38
CA GLU E 186 -52.11 35.80 13.73
C GLU E 186 -52.89 34.59 14.23
N THR E 187 -52.36 33.41 13.95
CA THR E 187 -52.96 32.16 14.41
C THR E 187 -51.84 31.20 14.80
N GLY E 188 -52.18 30.11 15.46
CA GLY E 188 -51.13 29.20 15.86
C GLY E 188 -51.65 27.83 16.27
N LEU E 189 -50.90 26.82 15.88
CA LEU E 189 -51.20 25.45 16.21
C LEU E 189 -50.00 24.80 16.87
N MET E 190 -50.18 24.22 18.05
CA MET E 190 -49.04 23.60 18.71
C MET E 190 -49.27 22.14 19.04
N THR E 191 -48.30 21.32 18.65
CA THR E 191 -48.33 19.91 18.93
C THR E 191 -47.37 19.67 20.06
N THR E 192 -47.67 18.70 20.91
CA THR E 192 -46.78 18.42 22.03
C THR E 192 -46.51 16.94 22.20
N ILE E 193 -45.24 16.56 22.15
CA ILE E 193 -44.88 15.18 22.41
C ILE E 193 -44.67 15.05 23.91
N HIS E 194 -45.65 14.44 24.59
CA HIS E 194 -45.64 14.32 26.04
C HIS E 194 -45.31 12.91 26.54
N SER E 195 -44.55 12.86 27.63
CA SER E 195 -44.19 11.59 28.26
C SER E 195 -45.42 11.06 28.98
N TYR E 196 -45.56 9.74 29.08
CA TYR E 196 -46.74 9.22 29.78
C TYR E 196 -46.75 9.66 31.22
N THR E 197 -47.95 9.79 31.77
CA THR E 197 -48.12 10.24 33.13
C THR E 197 -48.74 9.15 33.99
N ALA E 198 -49.18 9.53 35.19
CA ALA E 198 -49.79 8.61 36.13
C ALA E 198 -51.16 8.08 35.64
N THR E 199 -51.99 8.98 35.11
CA THR E 199 -53.33 8.60 34.64
C THR E 199 -53.30 7.54 33.54
N GLN E 200 -52.13 7.22 33.01
CA GLN E 200 -52.03 6.22 31.93
C GLN E 200 -51.85 4.81 32.46
N LYS E 201 -52.23 3.82 31.63
CA LYS E 201 -52.16 2.41 31.98
C LYS E 201 -50.92 1.70 31.43
N THR E 202 -50.39 0.77 32.23
CA THR E 202 -49.22 -0.02 31.85
C THR E 202 -49.60 -0.98 30.73
N VAL E 203 -50.82 -1.52 30.85
CA VAL E 203 -51.40 -2.42 29.86
C VAL E 203 -52.79 -1.88 29.48
N ASP E 204 -53.39 -2.35 28.39
CA ASP E 204 -54.72 -1.86 27.98
C ASP E 204 -55.72 -1.94 29.14
N GLY E 205 -55.79 -0.87 29.93
CA GLY E 205 -56.70 -0.82 31.06
C GLY E 205 -57.98 -0.06 30.77
N VAL E 206 -58.63 0.42 31.83
CA VAL E 206 -59.88 1.15 31.71
C VAL E 206 -59.69 2.68 31.77
N SER E 207 -60.50 3.39 30.98
CA SER E 207 -60.52 4.86 30.87
C SER E 207 -61.75 5.30 30.07
N LEU E 208 -62.89 5.39 30.75
CA LEU E 208 -64.18 5.76 30.15
C LEU E 208 -64.20 7.15 29.52
N LYS E 209 -63.38 8.06 30.03
CA LYS E 209 -63.34 9.44 29.51
C LYS E 209 -62.45 9.54 28.25
N ASP E 210 -61.19 9.16 28.39
CA ASP E 210 -60.26 9.19 27.27
C ASP E 210 -59.96 7.77 26.80
N TRP E 211 -60.74 7.30 25.82
CA TRP E 211 -60.59 5.96 25.28
C TRP E 211 -59.15 5.61 24.96
N ARG E 212 -58.50 6.44 24.17
CA ARG E 212 -57.11 6.18 23.81
C ARG E 212 -56.22 6.09 25.05
N GLY E 213 -56.39 7.06 25.95
CA GLY E 213 -55.61 7.15 27.17
C GLY E 213 -55.57 5.90 28.04
N GLY E 214 -56.41 4.93 27.75
CA GLY E 214 -56.41 3.71 28.54
C GLY E 214 -55.56 2.61 27.93
N ARG E 215 -54.98 2.90 26.77
CA ARG E 215 -54.14 1.94 26.07
C ARG E 215 -52.72 1.88 26.65
N ALA E 216 -52.08 0.73 26.51
CA ALA E 216 -50.71 0.52 27.00
C ALA E 216 -49.83 1.74 26.65
N ALA E 217 -49.54 2.54 27.67
CA ALA E 217 -48.76 3.76 27.51
C ALA E 217 -47.30 3.52 27.12
N ALA E 218 -46.69 2.44 27.60
CA ALA E 218 -45.28 2.20 27.34
C ALA E 218 -45.00 1.56 25.99
N VAL E 219 -46.03 1.34 25.19
CA VAL E 219 -45.79 0.69 23.90
C VAL E 219 -46.60 1.35 22.75
N ASN E 220 -47.11 2.54 22.98
CA ASN E 220 -47.91 3.21 21.94
C ASN E 220 -47.75 4.70 21.92
N ILE E 221 -48.04 5.26 20.76
CA ILE E 221 -48.10 6.69 20.57
C ILE E 221 -49.56 7.01 20.76
N ILE E 222 -49.90 7.79 21.78
CA ILE E 222 -51.30 8.03 22.05
C ILE E 222 -51.73 9.49 21.88
N PRO E 223 -52.58 9.76 20.88
CA PRO E 223 -53.06 11.12 20.63
C PRO E 223 -54.05 11.54 21.70
N SER E 224 -54.15 12.83 21.95
CA SER E 224 -55.09 13.33 22.94
C SER E 224 -55.24 14.84 22.80
N THR E 225 -56.30 15.40 23.35
CA THR E 225 -56.48 16.84 23.25
C THR E 225 -55.80 17.55 24.42
N THR E 226 -55.75 18.86 24.37
CA THR E 226 -55.11 19.60 25.45
C THR E 226 -55.55 21.05 25.49
N GLY E 227 -55.98 21.47 26.67
CA GLY E 227 -56.43 22.84 26.83
C GLY E 227 -55.27 23.78 27.02
N ALA E 228 -54.08 23.22 27.17
CA ALA E 228 -52.88 24.02 27.36
C ALA E 228 -52.84 25.16 26.36
N ALA E 229 -53.37 24.89 25.16
CA ALA E 229 -53.40 25.88 24.09
C ALA E 229 -54.37 27.02 24.42
N LYS E 230 -55.66 26.70 24.51
CA LYS E 230 -56.65 27.72 24.84
C LYS E 230 -56.27 28.42 26.14
N ALA E 231 -55.74 27.63 27.06
CA ALA E 231 -55.31 28.12 28.37
C ALA E 231 -54.39 29.33 28.26
N VAL E 232 -53.44 29.28 27.33
CA VAL E 232 -52.54 30.42 27.18
C VAL E 232 -53.36 31.66 26.86
N GLY E 233 -54.56 31.45 26.34
CA GLY E 233 -55.45 32.56 26.03
C GLY E 233 -55.86 33.34 27.27
N MET E 234 -55.93 32.65 28.40
CA MET E 234 -56.29 33.31 29.65
C MET E 234 -55.10 34.10 30.17
N VAL E 235 -53.91 33.50 30.11
CA VAL E 235 -52.71 34.16 30.61
C VAL E 235 -52.28 35.29 29.67
N ILE E 236 -52.54 35.12 28.39
CA ILE E 236 -52.21 36.13 27.38
C ILE E 236 -53.44 36.38 26.51
N PRO E 237 -54.34 37.26 26.98
CA PRO E 237 -55.60 37.66 26.33
C PRO E 237 -55.51 37.88 24.82
N SER E 238 -54.52 38.63 24.35
CA SER E 238 -54.42 38.93 22.91
C SER E 238 -54.45 37.66 22.03
N THR E 239 -54.24 36.48 22.61
CA THR E 239 -54.21 35.26 21.82
C THR E 239 -55.50 34.46 21.89
N LYS E 240 -56.50 34.96 22.63
CA LYS E 240 -57.76 34.23 22.73
C LYS E 240 -58.22 33.80 21.34
N GLY E 241 -58.78 32.60 21.27
CA GLY E 241 -59.31 32.06 20.01
C GLY E 241 -58.31 32.04 18.86
N LYS E 242 -57.03 32.33 19.14
CA LYS E 242 -56.00 32.33 18.10
C LYS E 242 -55.13 31.07 18.12
N LEU E 243 -54.98 30.45 19.28
CA LEU E 243 -54.19 29.24 19.44
C LEU E 243 -55.06 28.01 19.66
N THR E 244 -54.41 26.86 19.64
CA THR E 244 -55.04 25.56 19.85
C THR E 244 -54.08 24.45 19.46
N GLY E 245 -54.16 23.29 20.10
CA GLY E 245 -53.24 22.25 19.73
C GLY E 245 -53.63 20.89 20.24
N MET E 246 -52.80 19.90 19.93
CA MET E 246 -53.04 18.55 20.39
C MET E 246 -51.81 17.99 21.09
N SER E 247 -51.93 16.77 21.58
CA SER E 247 -50.84 16.12 22.28
C SER E 247 -50.62 14.72 21.80
N PHE E 248 -49.41 14.23 22.00
CA PHE E 248 -49.04 12.87 21.63
C PHE E 248 -48.28 12.20 22.75
N ARG E 249 -48.97 11.36 23.52
CA ARG E 249 -48.33 10.65 24.62
C ARG E 249 -47.41 9.59 24.07
N VAL E 250 -46.19 9.54 24.59
CA VAL E 250 -45.21 8.56 24.10
C VAL E 250 -44.57 7.80 25.28
N PRO E 251 -43.94 6.64 25.00
CA PRO E 251 -43.25 5.74 25.94
C PRO E 251 -42.00 6.31 26.65
N THR E 252 -42.09 7.45 27.32
CA THR E 252 -40.94 7.97 28.09
C THR E 252 -41.38 8.40 29.47
N PRO E 253 -40.55 8.12 30.49
CA PRO E 253 -40.83 8.46 31.90
C PRO E 253 -40.99 9.95 32.18
N ASP E 254 -40.19 10.78 31.52
CA ASP E 254 -40.27 12.21 31.78
C ASP E 254 -39.66 13.04 30.65
N VAL E 255 -39.98 14.34 30.67
CA VAL E 255 -39.50 15.31 29.69
C VAL E 255 -40.36 15.32 28.45
N SER E 256 -41.00 16.45 28.21
CA SER E 256 -41.85 16.58 27.05
C SER E 256 -41.36 17.71 26.18
N VAL E 257 -41.83 17.76 24.94
CA VAL E 257 -41.40 18.81 24.02
C VAL E 257 -42.57 19.47 23.29
N VAL E 258 -42.49 20.78 23.10
CA VAL E 258 -43.54 21.51 22.42
C VAL E 258 -43.10 22.00 21.04
N ASP E 259 -43.94 21.72 20.05
CA ASP E 259 -43.69 22.10 18.67
C ASP E 259 -44.72 23.15 18.24
N LEU E 260 -44.42 24.42 18.50
CA LEU E 260 -45.33 25.51 18.15
C LEU E 260 -45.16 26.01 16.72
N THR E 261 -46.27 25.97 15.98
CA THR E 261 -46.32 26.42 14.59
C THR E 261 -47.25 27.62 14.48
N PHE E 262 -46.73 28.78 14.08
CA PHE E 262 -47.58 29.95 14.00
C PHE E 262 -47.21 30.84 12.84
N ARG E 263 -48.08 31.81 12.56
CA ARG E 263 -47.88 32.79 11.49
C ARG E 263 -47.75 34.17 12.10
N ALA E 264 -46.65 34.86 11.81
CA ALA E 264 -46.42 36.18 12.37
C ALA E 264 -47.33 37.23 11.74
N THR E 265 -47.50 38.34 12.46
CA THR E 265 -48.35 39.44 12.00
C THR E 265 -47.64 40.22 10.90
N ARG E 266 -46.36 40.50 11.13
CA ARG E 266 -45.55 41.23 10.17
C ARG E 266 -44.46 40.33 9.61
N ASP E 267 -43.78 40.78 8.58
CA ASP E 267 -42.71 39.99 8.00
C ASP E 267 -41.46 40.02 8.87
N THR E 268 -40.84 38.85 9.02
CA THR E 268 -39.64 38.72 9.83
C THR E 268 -38.87 37.47 9.43
N SER E 269 -37.89 37.07 10.22
CA SER E 269 -37.08 35.89 9.90
C SER E 269 -36.89 34.98 11.12
N ILE E 270 -36.74 33.68 10.85
CA ILE E 270 -36.55 32.75 11.94
C ILE E 270 -35.34 33.13 12.78
N GLN E 271 -34.35 33.77 12.15
CA GLN E 271 -33.15 34.20 12.87
C GLN E 271 -33.48 35.29 13.86
N GLU E 272 -34.34 36.23 13.46
CA GLU E 272 -34.75 37.29 14.35
C GLU E 272 -35.41 36.67 15.58
N ILE E 273 -36.37 35.79 15.28
CA ILE E 273 -37.10 35.07 16.31
C ILE E 273 -36.14 34.36 17.25
N ASP E 274 -35.20 33.61 16.68
CA ASP E 274 -34.22 32.91 17.47
C ASP E 274 -33.55 33.83 18.46
N LYS E 275 -32.87 34.84 17.92
CA LYS E 275 -32.16 35.81 18.75
C LYS E 275 -33.06 36.42 19.81
N ALA E 276 -34.26 36.84 19.43
CA ALA E 276 -35.18 37.44 20.40
C ALA E 276 -35.36 36.52 21.60
N ILE E 277 -35.76 35.28 21.33
CA ILE E 277 -35.98 34.30 22.39
C ILE E 277 -34.72 34.14 23.24
N LYS E 278 -33.55 34.09 22.60
CA LYS E 278 -32.32 33.95 23.37
C LYS E 278 -32.11 35.18 24.24
N LYS E 279 -32.35 36.34 23.65
CA LYS E 279 -32.18 37.59 24.39
C LYS E 279 -33.10 37.60 25.62
N ALA E 280 -34.39 37.37 25.39
CA ALA E 280 -35.37 37.36 26.47
C ALA E 280 -34.94 36.36 27.55
N ALA E 281 -34.51 35.18 27.14
CA ALA E 281 -34.07 34.18 28.10
C ALA E 281 -32.99 34.72 29.00
N GLN E 282 -32.12 35.56 28.46
CA GLN E 282 -31.02 36.13 29.25
C GLN E 282 -31.44 37.38 30.01
N THR E 283 -32.71 37.78 29.89
CA THR E 283 -33.13 39.01 30.56
C THR E 283 -34.41 38.87 31.39
N TYR E 284 -35.53 39.39 30.87
CA TYR E 284 -36.80 39.38 31.57
C TYR E 284 -37.48 38.02 31.63
N MET E 285 -36.79 36.97 31.21
CA MET E 285 -37.35 35.62 31.27
C MET E 285 -36.37 34.66 31.92
N LYS E 286 -35.23 35.16 32.35
CA LYS E 286 -34.23 34.31 32.98
C LYS E 286 -34.83 33.55 34.15
N GLY E 287 -34.53 32.27 34.24
CA GLY E 287 -35.08 31.46 35.31
C GLY E 287 -36.34 30.76 34.88
N ILE E 288 -37.09 31.38 33.97
CA ILE E 288 -38.33 30.83 33.47
C ILE E 288 -38.14 30.20 32.09
N LEU E 289 -37.48 30.93 31.21
CA LEU E 289 -37.23 30.47 29.86
C LEU E 289 -35.74 30.40 29.60
N GLY E 290 -35.28 29.27 29.05
CA GLY E 290 -33.88 29.10 28.74
C GLY E 290 -33.71 28.58 27.33
N PHE E 291 -32.46 28.41 26.88
CA PHE E 291 -32.26 27.88 25.53
C PHE E 291 -31.03 27.00 25.46
N THR E 292 -30.81 26.41 24.29
CA THR E 292 -29.67 25.53 24.11
C THR E 292 -29.22 25.44 22.65
N ASP E 293 -27.92 25.62 22.46
CA ASP E 293 -27.28 25.54 21.16
C ASP E 293 -26.77 24.15 20.92
N GLU E 294 -26.92 23.29 21.92
CA GLU E 294 -26.43 21.93 21.83
C GLU E 294 -27.39 20.95 21.18
N GLU E 295 -26.87 19.74 20.94
CA GLU E 295 -27.62 18.64 20.32
C GLU E 295 -28.18 17.76 21.43
N LEU E 296 -29.17 18.26 22.14
CA LEU E 296 -29.73 17.50 23.25
C LEU E 296 -30.87 16.61 22.86
N VAL E 297 -31.25 15.78 23.81
CA VAL E 297 -32.37 14.84 23.70
C VAL E 297 -33.16 14.86 25.01
N SER E 298 -34.35 14.29 25.00
CA SER E 298 -35.19 14.31 26.20
C SER E 298 -34.36 14.17 27.46
N ALA E 299 -33.69 13.04 27.61
CA ALA E 299 -32.88 12.77 28.79
C ALA E 299 -32.06 13.99 29.28
N ASP E 300 -31.53 14.78 28.35
CA ASP E 300 -30.68 15.91 28.71
C ASP E 300 -31.39 17.02 29.49
N PHE E 301 -32.71 17.03 29.51
CA PHE E 301 -33.41 18.09 30.22
C PHE E 301 -33.91 17.66 31.57
N ILE E 302 -33.72 16.40 31.93
CA ILE E 302 -34.17 15.94 33.24
C ILE E 302 -33.56 16.79 34.36
N ASN E 303 -34.42 17.20 35.28
CA ASN E 303 -34.07 18.04 36.44
C ASN E 303 -33.82 19.49 36.05
N ASP E 304 -34.13 19.84 34.81
CA ASP E 304 -34.00 21.21 34.35
C ASP E 304 -35.19 21.97 34.92
N ASN E 305 -34.96 22.96 35.77
CA ASN E 305 -36.10 23.62 36.37
C ASN E 305 -36.65 24.80 35.59
N ARG E 306 -36.19 25.01 34.37
CA ARG E 306 -36.77 26.09 33.57
C ARG E 306 -38.16 25.66 33.09
N SER E 307 -39.08 26.60 32.95
CA SER E 307 -40.44 26.28 32.51
C SER E 307 -40.44 25.89 31.03
N SER E 308 -39.54 26.53 30.28
CA SER E 308 -39.42 26.28 28.86
C SER E 308 -38.01 26.56 28.37
N VAL E 309 -37.36 25.53 27.84
CA VAL E 309 -36.02 25.68 27.34
C VAL E 309 -36.00 25.51 25.81
N TYR E 310 -35.94 26.65 25.12
CA TYR E 310 -35.94 26.74 23.66
C TYR E 310 -34.72 26.04 23.01
N ASP E 311 -35.01 25.29 21.95
CA ASP E 311 -34.00 24.54 21.21
C ASP E 311 -33.61 25.30 19.92
N SER E 312 -32.49 26.03 20.00
CA SER E 312 -31.98 26.85 18.90
C SER E 312 -31.70 26.06 17.62
N LYS E 313 -30.85 25.04 17.68
CA LYS E 313 -30.50 24.24 16.51
C LYS E 313 -31.72 23.58 15.88
N ALA E 314 -32.51 22.90 16.70
CA ALA E 314 -33.70 22.23 16.18
C ALA E 314 -34.52 23.21 15.37
N THR E 315 -34.71 24.40 15.94
CA THR E 315 -35.51 25.46 15.33
C THR E 315 -34.90 26.00 14.05
N LEU E 316 -33.67 26.48 14.16
CA LEU E 316 -32.93 27.05 13.03
C LEU E 316 -32.82 26.09 11.84
N GLN E 317 -32.65 24.81 12.12
CA GLN E 317 -32.47 23.79 11.10
C GLN E 317 -33.77 23.24 10.48
N ASN E 318 -34.94 23.55 11.02
CA ASN E 318 -36.14 22.94 10.41
C ASN E 318 -37.20 23.92 9.94
N ASN E 319 -36.76 25.08 9.48
CA ASN E 319 -37.68 26.07 8.97
C ASN E 319 -37.41 26.33 7.50
N LEU E 320 -38.37 26.94 6.80
CA LEU E 320 -38.18 27.28 5.41
C LEU E 320 -37.11 28.37 5.32
N PRO E 321 -36.07 28.15 4.51
CA PRO E 321 -34.93 29.03 4.26
C PRO E 321 -35.30 30.53 4.10
N GLY E 322 -36.29 30.85 3.27
CA GLY E 322 -36.63 32.26 3.10
C GLY E 322 -38.01 32.65 3.60
N GLU E 323 -38.57 31.89 4.53
CA GLU E 323 -39.90 32.21 5.05
C GLU E 323 -39.87 33.47 5.90
N LYS E 324 -40.97 34.24 5.86
CA LYS E 324 -41.06 35.48 6.62
C LYS E 324 -42.26 35.52 7.55
N ARG E 325 -43.14 34.52 7.50
CA ARG E 325 -44.32 34.51 8.36
C ARG E 325 -44.59 33.15 9.03
N PHE E 326 -44.71 32.09 8.24
CA PHE E 326 -44.98 30.74 8.73
C PHE E 326 -43.76 30.16 9.45
N PHE E 327 -43.85 29.97 10.77
CA PHE E 327 -42.71 29.46 11.55
C PHE E 327 -43.03 28.32 12.52
N LYS E 328 -41.96 27.72 13.01
CA LYS E 328 -42.01 26.60 13.95
C LYS E 328 -40.95 26.78 15.02
N VAL E 329 -41.37 26.82 16.28
CA VAL E 329 -40.42 26.95 17.36
C VAL E 329 -40.50 25.75 18.27
N VAL E 330 -39.37 25.15 18.58
CA VAL E 330 -39.32 23.96 19.42
C VAL E 330 -38.79 24.27 20.80
N SER E 331 -39.49 23.79 21.83
CA SER E 331 -39.06 24.03 23.20
C SER E 331 -39.33 22.83 24.12
N TRP E 332 -38.35 22.50 24.95
CA TRP E 332 -38.44 21.36 25.88
C TRP E 332 -38.83 21.82 27.27
N TYR E 333 -39.28 20.86 28.07
CA TYR E 333 -39.67 21.10 29.46
C TYR E 333 -39.79 19.79 30.24
N ASP E 334 -39.24 19.81 31.45
CA ASP E 334 -39.32 18.67 32.36
C ASP E 334 -40.68 18.75 33.05
N ASN E 335 -41.69 18.15 32.42
CA ASN E 335 -43.06 18.22 32.89
C ASN E 335 -43.21 18.10 34.40
N GLU E 336 -42.40 17.27 35.04
CA GLU E 336 -42.54 17.12 36.49
C GLU E 336 -41.76 18.18 37.26
N TRP E 337 -40.43 18.06 37.21
CA TRP E 337 -39.49 18.92 37.90
C TRP E 337 -39.78 20.43 37.75
N ALA E 338 -39.86 20.91 36.51
CA ALA E 338 -40.09 22.33 36.27
C ALA E 338 -41.37 22.81 36.92
N TYR E 339 -42.50 22.25 36.51
CA TYR E 339 -43.79 22.66 37.05
C TYR E 339 -43.75 22.76 38.56
N SER E 340 -43.19 21.75 39.19
CA SER E 340 -43.10 21.74 40.64
C SER E 340 -42.43 23.03 41.18
N HIS E 341 -41.30 23.42 40.60
CA HIS E 341 -40.62 24.62 41.05
C HIS E 341 -41.47 25.86 40.86
N ARG E 342 -42.17 25.92 39.74
CA ARG E 342 -43.02 27.06 39.45
C ARG E 342 -44.08 27.22 40.56
N VAL E 343 -44.71 26.11 40.94
CA VAL E 343 -45.72 26.14 41.99
C VAL E 343 -45.17 26.80 43.23
N VAL E 344 -43.97 26.38 43.63
CA VAL E 344 -43.32 26.94 44.79
C VAL E 344 -43.06 28.42 44.57
N ASP E 345 -42.64 28.78 43.37
CA ASP E 345 -42.40 30.19 43.07
C ASP E 345 -43.69 30.99 43.26
N LEU E 346 -44.77 30.49 42.66
CA LEU E 346 -46.07 31.14 42.78
C LEU E 346 -46.40 31.36 44.24
N VAL E 347 -46.34 30.30 45.03
CA VAL E 347 -46.65 30.44 46.43
C VAL E 347 -45.78 31.51 47.09
N ARG E 348 -44.48 31.50 46.78
CA ARG E 348 -43.59 32.49 47.37
C ARG E 348 -43.97 33.90 46.94
N TYR E 349 -44.42 34.02 45.69
CA TYR E 349 -44.81 35.31 45.15
C TYR E 349 -46.03 35.84 45.86
N MET E 350 -47.10 35.06 45.83
CA MET E 350 -48.33 35.46 46.49
C MET E 350 -48.07 35.85 47.93
N ALA E 351 -47.31 35.01 48.63
CA ALA E 351 -46.98 35.26 50.03
C ALA E 351 -46.34 36.62 50.19
N ALA E 352 -45.34 36.89 49.34
CA ALA E 352 -44.62 38.15 49.36
C ALA E 352 -45.55 39.33 49.16
N LYS E 353 -46.35 39.24 48.09
CA LYS E 353 -47.28 40.29 47.76
C LYS E 353 -48.41 40.39 48.79
N ASP E 354 -48.92 39.26 49.26
CA ASP E 354 -49.99 39.30 50.26
C ASP E 354 -49.52 39.99 51.53
N ALA E 355 -48.25 39.79 51.86
CA ALA E 355 -47.66 40.39 53.04
C ALA E 355 -47.47 41.89 52.86
N ALA E 356 -46.90 42.27 51.72
CA ALA E 356 -46.65 43.68 51.40
C ALA E 356 -47.93 44.52 51.47
N SER E 357 -48.99 44.07 50.82
CA SER E 357 -50.25 44.81 50.81
C SER E 357 -50.90 44.82 52.20
N SER E 358 -50.22 44.17 53.16
CA SER E 358 -50.70 44.08 54.54
C SER E 358 -52.04 43.34 54.61
N ALA F 1 -77.56 -27.95 26.64
CA ALA F 1 -77.77 -27.28 27.95
C ALA F 1 -76.70 -26.22 28.20
N PRO F 2 -76.84 -25.03 27.59
CA PRO F 2 -75.90 -23.91 27.72
C PRO F 2 -75.67 -23.50 29.16
N ILE F 3 -74.40 -23.54 29.58
CA ILE F 3 -74.01 -23.16 30.94
C ILE F 3 -74.28 -21.68 31.18
N LYS F 4 -75.07 -21.37 32.20
CA LYS F 4 -75.38 -19.98 32.53
C LYS F 4 -74.28 -19.40 33.40
N VAL F 5 -73.51 -18.45 32.88
CA VAL F 5 -72.42 -17.87 33.66
C VAL F 5 -72.52 -16.36 33.77
N GLY F 6 -71.86 -15.84 34.80
CA GLY F 6 -71.82 -14.41 35.03
C GLY F 6 -70.39 -13.99 35.35
N ILE F 7 -69.99 -12.80 34.94
CA ILE F 7 -68.64 -12.34 35.22
C ILE F 7 -68.62 -11.17 36.18
N ASN F 8 -68.06 -11.38 37.37
CA ASN F 8 -67.97 -10.27 38.32
C ASN F 8 -66.62 -9.60 38.18
N GLY F 9 -66.64 -8.35 37.73
CA GLY F 9 -65.41 -7.62 37.50
C GLY F 9 -64.98 -7.74 36.06
N PHE F 10 -65.19 -6.69 35.27
CA PHE F 10 -64.83 -6.73 33.87
C PHE F 10 -63.54 -5.99 33.57
N GLY F 11 -62.50 -6.31 34.34
CA GLY F 11 -61.21 -5.69 34.12
C GLY F 11 -60.41 -6.50 33.13
N ARG F 12 -59.09 -6.37 33.15
CA ARG F 12 -58.26 -7.14 32.22
C ARG F 12 -58.62 -8.63 32.27
N ILE F 13 -58.67 -9.17 33.49
CA ILE F 13 -58.97 -10.58 33.68
C ILE F 13 -60.38 -10.91 33.18
N GLY F 14 -61.36 -10.14 33.66
CA GLY F 14 -62.73 -10.37 33.24
C GLY F 14 -62.86 -10.49 31.73
N ARG F 15 -62.55 -9.41 31.03
CA ARG F 15 -62.64 -9.41 29.57
C ARG F 15 -61.88 -10.59 28.98
N MET F 16 -60.61 -10.74 29.35
CA MET F 16 -59.78 -11.85 28.84
C MET F 16 -60.55 -13.17 28.89
N VAL F 17 -61.20 -13.44 30.01
CA VAL F 17 -61.98 -14.67 30.14
C VAL F 17 -63.12 -14.66 29.13
N PHE F 18 -63.86 -13.56 29.08
CA PHE F 18 -64.98 -13.45 28.16
C PHE F 18 -64.50 -13.66 26.72
N GLN F 19 -63.42 -13.00 26.36
CA GLN F 19 -62.85 -13.12 25.02
C GLN F 19 -62.50 -14.55 24.72
N ALA F 20 -61.94 -15.23 25.72
CA ALA F 20 -61.57 -16.62 25.60
C ALA F 20 -62.78 -17.46 25.21
N ILE F 21 -63.89 -17.23 25.89
CA ILE F 21 -65.12 -17.96 25.60
C ILE F 21 -65.49 -17.80 24.12
N CYS F 22 -65.73 -16.55 23.71
CA CYS F 22 -66.08 -16.21 22.34
C CYS F 22 -65.02 -16.74 21.36
N ASP F 23 -63.76 -16.55 21.73
CA ASP F 23 -62.63 -16.99 20.90
C ASP F 23 -62.70 -18.49 20.61
N GLN F 24 -63.10 -19.28 21.60
CA GLN F 24 -63.20 -20.73 21.42
C GLN F 24 -64.49 -21.11 20.70
N GLY F 25 -65.32 -20.11 20.41
CA GLY F 25 -66.59 -20.34 19.71
C GLY F 25 -67.62 -21.04 20.58
N LEU F 26 -67.59 -20.73 21.87
CA LEU F 26 -68.52 -21.31 22.84
C LEU F 26 -69.68 -20.37 23.12
N ILE F 27 -69.45 -19.08 22.94
CA ILE F 27 -70.47 -18.07 23.18
C ILE F 27 -71.80 -18.46 22.52
N GLY F 28 -72.80 -18.71 23.36
CA GLY F 28 -74.11 -19.07 22.85
C GLY F 28 -74.39 -20.56 22.87
N THR F 29 -73.54 -21.36 22.26
CA THR F 29 -73.76 -22.81 22.22
C THR F 29 -73.44 -23.48 23.55
N GLU F 30 -72.16 -23.64 23.83
CA GLU F 30 -71.67 -24.28 25.05
C GLU F 30 -71.91 -23.43 26.29
N ILE F 31 -71.53 -22.16 26.21
CA ILE F 31 -71.64 -21.22 27.31
C ILE F 31 -72.52 -20.03 26.96
N ASP F 32 -73.32 -19.60 27.94
CA ASP F 32 -74.24 -18.48 27.79
C ASP F 32 -73.90 -17.38 28.80
N VAL F 33 -73.10 -16.40 28.36
CA VAL F 33 -72.74 -15.31 29.25
C VAL F 33 -73.94 -14.41 29.46
N VAL F 34 -74.68 -14.64 30.53
CA VAL F 34 -75.88 -13.88 30.82
C VAL F 34 -75.61 -12.39 31.05
N ALA F 35 -74.63 -12.08 31.90
CA ALA F 35 -74.33 -10.68 32.20
C ALA F 35 -72.98 -10.51 32.89
N VAL F 36 -72.46 -9.29 32.86
CA VAL F 36 -71.19 -8.95 33.48
C VAL F 36 -71.41 -7.88 34.53
N VAL F 37 -70.64 -7.91 35.61
CA VAL F 37 -70.81 -6.93 36.70
C VAL F 37 -69.57 -6.06 36.89
N ASP F 38 -69.77 -4.75 37.01
CA ASP F 38 -68.66 -3.83 37.17
C ASP F 38 -69.13 -2.45 37.64
N MET F 39 -68.17 -1.57 37.93
CA MET F 39 -68.43 -0.21 38.41
C MET F 39 -69.19 0.61 37.40
N SER F 40 -69.07 0.23 36.13
CA SER F 40 -69.75 0.93 35.04
C SER F 40 -70.55 -0.05 34.19
N THR F 41 -71.60 0.45 33.56
CA THR F 41 -72.43 -0.36 32.69
C THR F 41 -72.44 0.24 31.30
N ASN F 42 -71.35 0.92 30.96
CA ASN F 42 -71.21 1.53 29.64
C ASN F 42 -70.72 0.49 28.65
N ALA F 43 -71.67 -0.14 27.97
CA ALA F 43 -71.37 -1.18 26.99
C ALA F 43 -70.44 -0.65 25.92
N GLU F 44 -70.67 0.60 25.50
CA GLU F 44 -69.86 1.22 24.47
C GLU F 44 -68.38 1.19 24.80
N TYR F 45 -68.05 1.47 26.06
CA TYR F 45 -66.66 1.44 26.45
C TYR F 45 -66.10 0.02 26.43
N PHE F 46 -66.87 -0.91 26.97
CA PHE F 46 -66.46 -2.31 26.98
C PHE F 46 -66.21 -2.79 25.57
N ALA F 47 -67.16 -2.48 24.68
CA ALA F 47 -67.06 -2.87 23.28
C ALA F 47 -65.72 -2.39 22.71
N TYR F 48 -65.42 -1.11 22.96
CA TYR F 48 -64.17 -0.50 22.53
C TYR F 48 -63.00 -1.32 23.07
N GLN F 49 -63.00 -1.46 24.40
CA GLN F 49 -61.96 -2.21 25.09
C GLN F 49 -61.76 -3.59 24.47
N MET F 50 -62.86 -4.20 24.02
CA MET F 50 -62.78 -5.53 23.44
C MET F 50 -62.32 -5.53 21.98
N LYS F 51 -62.77 -4.56 21.20
CA LYS F 51 -62.38 -4.51 19.80
C LYS F 51 -60.95 -4.03 19.61
N HIS F 52 -60.32 -3.58 20.70
CA HIS F 52 -58.96 -3.07 20.60
C HIS F 52 -58.06 -3.56 21.74
N ASP F 53 -57.10 -4.41 21.39
CA ASP F 53 -56.13 -4.93 22.35
C ASP F 53 -54.70 -4.71 21.81
N THR F 54 -53.92 -3.93 22.54
CA THR F 54 -52.54 -3.61 22.17
C THR F 54 -51.66 -4.86 22.09
N VAL F 55 -51.93 -5.86 22.95
CA VAL F 55 -51.12 -7.08 22.98
C VAL F 55 -51.68 -8.24 22.15
N HIS F 56 -52.97 -8.52 22.28
CA HIS F 56 -53.56 -9.66 21.57
C HIS F 56 -54.24 -9.26 20.27
N GLY F 57 -54.36 -7.94 20.06
CA GLY F 57 -54.94 -7.41 18.84
C GLY F 57 -56.46 -7.35 18.81
N ARG F 58 -57.01 -7.47 17.60
CA ARG F 58 -58.45 -7.43 17.34
C ARG F 58 -59.07 -8.82 17.48
N PRO F 59 -60.34 -8.88 17.95
CA PRO F 59 -61.09 -10.12 18.15
C PRO F 59 -61.62 -10.71 16.84
N LYS F 60 -61.78 -12.03 16.82
CA LYS F 60 -62.27 -12.75 15.64
C LYS F 60 -63.80 -12.76 15.60
N TYR F 61 -64.42 -11.89 16.39
CA TYR F 61 -65.87 -11.79 16.45
C TYR F 61 -66.31 -10.33 16.33
N THR F 62 -67.62 -10.09 16.21
CA THR F 62 -68.15 -8.72 16.06
C THR F 62 -68.91 -8.25 17.30
N VAL F 63 -68.34 -7.26 17.99
CA VAL F 63 -68.95 -6.73 19.18
C VAL F 63 -69.68 -5.42 18.89
N GLU F 64 -70.70 -5.13 19.67
CA GLU F 64 -71.48 -3.92 19.49
C GLU F 64 -72.27 -3.59 20.75
N ALA F 65 -72.43 -2.31 21.02
CA ALA F 65 -73.15 -1.86 22.19
C ALA F 65 -74.54 -1.35 21.83
N VAL F 66 -75.55 -1.87 22.52
CA VAL F 66 -76.93 -1.48 22.28
C VAL F 66 -77.63 -1.10 23.57
N LYS F 67 -78.86 -0.63 23.43
CA LYS F 67 -79.66 -0.24 24.58
C LYS F 67 -80.80 -1.24 24.82
N SER F 68 -80.94 -1.69 26.07
CA SER F 68 -82.00 -2.64 26.43
C SER F 68 -83.36 -2.01 26.14
N SER F 69 -83.44 -0.70 26.38
CA SER F 69 -84.64 0.11 26.15
C SER F 69 -84.27 1.40 25.46
N PRO F 70 -84.92 1.72 24.31
CA PRO F 70 -84.59 2.98 23.61
C PRO F 70 -84.69 4.19 24.55
N SER F 71 -85.03 3.90 25.80
CA SER F 71 -85.18 4.92 26.84
C SER F 71 -83.84 5.29 27.46
N VAL F 72 -82.97 4.29 27.63
CA VAL F 72 -81.66 4.51 28.24
C VAL F 72 -80.77 5.45 27.42
N GLU F 73 -80.07 6.33 28.13
CA GLU F 73 -79.18 7.30 27.51
C GLU F 73 -77.97 6.62 26.84
N THR F 74 -77.27 5.79 27.59
CA THR F 74 -76.10 5.09 27.08
C THR F 74 -76.31 3.57 27.10
N ALA F 75 -75.76 2.90 26.08
CA ALA F 75 -75.87 1.45 25.98
C ALA F 75 -75.56 0.79 27.33
N ASP F 76 -76.25 -0.31 27.60
CA ASP F 76 -76.07 -1.05 28.84
C ASP F 76 -76.11 -2.54 28.56
N VAL F 77 -75.97 -2.88 27.28
CA VAL F 77 -75.97 -4.27 26.86
C VAL F 77 -74.93 -4.49 25.78
N LEU F 78 -74.37 -5.69 25.79
CA LEU F 78 -73.36 -6.07 24.82
C LEU F 78 -73.94 -7.09 23.85
N VAL F 79 -73.49 -7.06 22.59
CA VAL F 79 -74.00 -8.00 21.62
C VAL F 79 -72.86 -8.66 20.85
N VAL F 80 -72.44 -9.84 21.31
CA VAL F 80 -71.37 -10.56 20.64
C VAL F 80 -71.94 -11.63 19.72
N ASN F 81 -71.45 -11.67 18.48
CA ASN F 81 -71.93 -12.63 17.48
C ASN F 81 -73.44 -12.84 17.61
N GLY F 82 -74.15 -11.76 17.97
CA GLY F 82 -75.59 -11.85 18.12
C GLY F 82 -76.04 -12.00 19.57
N HIS F 83 -75.41 -12.93 20.27
CA HIS F 83 -75.73 -13.20 21.67
C HIS F 83 -75.76 -11.89 22.49
N ARG F 84 -76.77 -11.73 23.35
CA ARG F 84 -76.91 -10.52 24.15
C ARG F 84 -76.37 -10.70 25.58
N ILE F 85 -75.62 -9.70 26.04
CA ILE F 85 -75.04 -9.73 27.39
C ILE F 85 -75.44 -8.50 28.19
N LYS F 86 -75.91 -8.74 29.41
CA LYS F 86 -76.35 -7.69 30.30
C LYS F 86 -75.18 -7.06 31.07
N CYS F 87 -75.14 -5.73 31.09
CA CYS F 87 -74.09 -5.01 31.83
C CYS F 87 -74.61 -4.60 33.19
N VAL F 88 -74.55 -5.54 34.13
CA VAL F 88 -75.05 -5.33 35.49
C VAL F 88 -74.19 -4.36 36.30
N LYS F 89 -74.86 -3.56 37.14
CA LYS F 89 -74.19 -2.59 38.01
C LYS F 89 -73.50 -3.32 39.17
N ALA F 90 -72.32 -2.83 39.56
CA ALA F 90 -71.55 -3.46 40.63
C ALA F 90 -72.13 -3.18 42.03
N GLN F 91 -72.00 -4.19 42.90
CA GLN F 91 -72.48 -4.14 44.29
C GLN F 91 -71.33 -4.33 45.26
N ARG F 92 -71.52 -3.90 46.50
CA ARG F 92 -70.49 -4.06 47.52
C ARG F 92 -70.38 -5.51 47.94
N ASN F 93 -71.50 -6.09 48.36
CA ASN F 93 -71.52 -7.47 48.79
C ASN F 93 -72.09 -8.38 47.71
N PRO F 94 -71.32 -9.40 47.32
CA PRO F 94 -71.72 -10.37 46.29
C PRO F 94 -73.16 -10.88 46.48
N ALA F 95 -73.55 -11.10 47.74
CA ALA F 95 -74.89 -11.59 48.02
C ALA F 95 -75.98 -10.64 47.52
N ASP F 96 -75.61 -9.40 47.20
CA ASP F 96 -76.58 -8.41 46.71
C ASP F 96 -76.70 -8.44 45.19
N LEU F 97 -76.11 -9.46 44.57
CA LEU F 97 -76.18 -9.59 43.11
C LEU F 97 -77.35 -10.49 42.71
N PRO F 98 -78.13 -10.04 41.71
CA PRO F 98 -79.29 -10.77 41.19
C PRO F 98 -78.94 -12.02 40.37
N TRP F 99 -77.94 -12.78 40.79
CA TRP F 99 -77.55 -13.99 40.07
C TRP F 99 -78.75 -14.92 39.87
N GLY F 100 -79.51 -15.14 40.96
CA GLY F 100 -80.67 -16.00 40.91
C GLY F 100 -81.76 -15.44 40.01
N LYS F 101 -81.99 -14.14 40.13
CA LYS F 101 -82.99 -13.42 39.33
C LYS F 101 -82.61 -13.38 37.84
N LEU F 102 -81.30 -13.45 37.57
CA LEU F 102 -80.78 -13.42 36.20
C LEU F 102 -80.60 -14.83 35.65
N GLY F 103 -80.68 -15.82 36.55
CA GLY F 103 -80.56 -17.21 36.15
C GLY F 103 -79.12 -17.63 35.91
N VAL F 104 -78.21 -17.10 36.73
CA VAL F 104 -76.78 -17.40 36.63
C VAL F 104 -76.39 -18.49 37.62
N ASP F 105 -75.82 -19.58 37.10
CA ASP F 105 -75.39 -20.69 37.94
C ASP F 105 -73.89 -20.61 38.24
N TYR F 106 -73.08 -20.39 37.22
CA TYR F 106 -71.64 -20.31 37.41
C TYR F 106 -71.16 -18.86 37.35
N VAL F 107 -70.56 -18.39 38.44
CA VAL F 107 -70.08 -17.03 38.53
C VAL F 107 -68.55 -16.95 38.52
N ILE F 108 -68.02 -16.21 37.56
CA ILE F 108 -66.58 -16.02 37.46
C ILE F 108 -66.18 -14.77 38.26
N GLU F 109 -65.58 -15.01 39.43
CA GLU F 109 -65.13 -13.96 40.34
C GLU F 109 -63.73 -13.45 39.97
N SER F 110 -63.70 -12.35 39.22
CA SER F 110 -62.44 -11.78 38.75
C SER F 110 -62.27 -10.32 39.14
N THR F 111 -62.79 -9.93 40.29
CA THR F 111 -62.62 -8.54 40.72
C THR F 111 -61.37 -8.45 41.55
N GLY F 112 -60.96 -9.60 42.07
CA GLY F 112 -59.77 -9.67 42.90
C GLY F 112 -60.00 -9.12 44.30
N LEU F 113 -61.26 -8.87 44.65
CA LEU F 113 -61.60 -8.33 45.97
C LEU F 113 -62.37 -9.35 46.80
N PHE F 114 -62.53 -10.54 46.24
CA PHE F 114 -63.24 -11.60 46.93
C PHE F 114 -62.50 -12.91 46.76
N THR F 115 -61.20 -12.85 47.02
CA THR F 115 -60.32 -14.01 46.91
C THR F 115 -60.37 -14.82 48.21
N ASP F 116 -61.46 -14.62 48.94
CA ASP F 116 -61.66 -15.32 50.20
C ASP F 116 -62.91 -16.21 50.18
N LYS F 117 -62.67 -17.49 50.39
CA LYS F 117 -63.69 -18.56 50.40
C LYS F 117 -65.02 -18.11 50.99
N LEU F 118 -64.97 -17.38 52.10
CA LEU F 118 -66.20 -16.91 52.77
C LEU F 118 -66.90 -15.82 51.97
N LYS F 119 -66.19 -14.72 51.72
CA LYS F 119 -66.74 -13.60 50.97
C LYS F 119 -67.27 -14.05 49.60
N ALA F 120 -66.52 -14.93 48.95
CA ALA F 120 -66.88 -15.45 47.62
C ALA F 120 -68.22 -16.19 47.63
N GLU F 121 -68.56 -16.82 48.75
CA GLU F 121 -69.81 -17.58 48.84
C GLU F 121 -71.03 -16.65 48.78
N GLY F 122 -70.77 -15.35 48.88
CA GLY F 122 -71.85 -14.38 48.80
C GLY F 122 -72.59 -14.49 47.49
N HIS F 123 -71.87 -14.90 46.44
CA HIS F 123 -72.46 -15.08 45.11
C HIS F 123 -73.53 -16.16 45.15
N ILE F 124 -73.25 -17.24 45.88
CA ILE F 124 -74.21 -18.31 46.00
C ILE F 124 -75.45 -17.82 46.74
N LYS F 125 -75.23 -17.06 47.82
CA LYS F 125 -76.33 -16.49 48.59
C LYS F 125 -77.05 -15.42 47.79
N GLY F 126 -76.55 -15.18 46.59
CA GLY F 126 -77.12 -14.20 45.68
C GLY F 126 -77.87 -14.89 44.55
N GLY F 127 -77.82 -16.21 44.56
CA GLY F 127 -78.50 -16.99 43.55
C GLY F 127 -77.58 -17.89 42.77
N ALA F 128 -76.28 -17.76 43.03
CA ALA F 128 -75.28 -18.56 42.33
C ALA F 128 -75.20 -19.99 42.88
N LYS F 129 -74.78 -20.91 42.01
CA LYS F 129 -74.64 -22.31 42.35
C LYS F 129 -73.16 -22.69 42.54
N LYS F 130 -72.30 -22.10 41.71
CA LYS F 130 -70.85 -22.36 41.74
C LYS F 130 -70.05 -21.07 41.51
N VAL F 131 -68.86 -20.98 42.10
CA VAL F 131 -68.04 -19.79 41.96
C VAL F 131 -66.58 -20.13 41.66
N VAL F 132 -66.08 -19.67 40.51
CA VAL F 132 -64.68 -19.89 40.14
C VAL F 132 -63.90 -18.60 40.34
N ILE F 133 -62.82 -18.68 41.12
CA ILE F 133 -62.02 -17.50 41.38
C ILE F 133 -60.83 -17.46 40.44
N SER F 134 -60.76 -16.40 39.64
CA SER F 134 -59.69 -16.22 38.66
C SER F 134 -58.43 -15.69 39.33
N ALA F 135 -58.07 -16.31 40.45
CA ALA F 135 -56.88 -15.92 41.21
C ALA F 135 -56.70 -16.85 42.40
N PRO F 136 -55.53 -16.79 43.05
CA PRO F 136 -55.35 -17.68 44.20
C PRO F 136 -56.38 -17.34 45.27
N ALA F 137 -56.93 -18.38 45.90
CA ALA F 137 -57.95 -18.15 46.91
C ALA F 137 -57.52 -18.60 48.30
N SER F 138 -58.09 -17.94 49.30
CA SER F 138 -57.84 -18.23 50.70
C SER F 138 -59.10 -18.84 51.33
N GLY F 139 -59.13 -18.93 52.65
CA GLY F 139 -60.31 -19.47 53.30
C GLY F 139 -60.51 -20.96 53.04
N GLY F 140 -59.51 -21.62 52.47
CA GLY F 140 -59.61 -23.05 52.20
C GLY F 140 -60.53 -23.40 51.04
N ALA F 141 -60.39 -22.69 49.92
CA ALA F 141 -61.19 -23.00 48.74
C ALA F 141 -60.45 -24.03 47.88
N LYS F 142 -61.18 -24.91 47.20
CA LYS F 142 -60.54 -25.92 46.38
C LYS F 142 -59.82 -25.32 45.17
N THR F 143 -58.50 -25.42 45.18
CA THR F 143 -57.67 -24.90 44.11
C THR F 143 -57.40 -25.99 43.09
N ILE F 144 -57.64 -25.71 41.81
CA ILE F 144 -57.40 -26.70 40.77
C ILE F 144 -56.62 -26.12 39.60
N VAL F 145 -55.85 -26.98 38.95
CA VAL F 145 -55.04 -26.63 37.80
C VAL F 145 -55.28 -27.61 36.65
N MET F 146 -56.21 -27.26 35.78
CA MET F 146 -56.57 -28.09 34.63
C MET F 146 -55.38 -28.84 34.05
N GLY F 147 -55.47 -30.17 34.03
CA GLY F 147 -54.41 -30.98 33.48
C GLY F 147 -53.51 -31.57 34.55
N VAL F 148 -53.87 -31.33 35.80
CA VAL F 148 -53.08 -31.83 36.93
C VAL F 148 -53.97 -32.42 38.02
N ASN F 149 -55.03 -31.72 38.40
CA ASN F 149 -55.89 -32.22 39.48
C ASN F 149 -57.36 -31.84 39.30
N GLN F 150 -57.85 -31.75 38.08
CA GLN F 150 -59.26 -31.41 37.90
C GLN F 150 -60.14 -32.56 38.38
N HIS F 151 -59.59 -33.78 38.30
CA HIS F 151 -60.32 -34.95 38.74
C HIS F 151 -60.68 -34.86 40.23
N GLU F 152 -59.94 -34.04 40.97
CA GLU F 152 -60.19 -33.91 42.40
C GLU F 152 -61.36 -32.96 42.69
N TYR F 153 -62.13 -32.63 41.66
CA TYR F 153 -63.27 -31.74 41.85
C TYR F 153 -64.50 -32.51 42.30
N SER F 154 -65.02 -32.13 43.46
CA SER F 154 -66.21 -32.77 44.02
C SER F 154 -67.45 -31.88 43.83
N PRO F 155 -68.34 -32.26 42.89
CA PRO F 155 -69.57 -31.53 42.58
C PRO F 155 -70.40 -31.20 43.82
N ALA F 156 -70.32 -32.05 44.85
CA ALA F 156 -71.11 -31.85 46.05
C ALA F 156 -70.37 -31.12 47.16
N SER F 157 -69.04 -31.24 47.18
CA SER F 157 -68.23 -30.64 48.25
C SER F 157 -67.62 -29.28 47.89
N HIS F 158 -67.25 -29.10 46.62
CA HIS F 158 -66.61 -27.86 46.17
C HIS F 158 -67.62 -26.92 45.49
N HIS F 159 -67.84 -25.78 46.12
CA HIS F 159 -68.78 -24.78 45.61
C HIS F 159 -68.06 -23.47 45.25
N VAL F 160 -66.89 -23.26 45.86
CA VAL F 160 -66.07 -22.08 45.57
C VAL F 160 -64.67 -22.56 45.16
N VAL F 161 -64.43 -22.65 43.86
CA VAL F 161 -63.16 -23.12 43.34
C VAL F 161 -62.22 -21.98 42.93
N SER F 162 -60.93 -22.32 42.87
CA SER F 162 -59.88 -21.40 42.49
C SER F 162 -59.06 -22.01 41.37
N ASN F 163 -58.82 -21.24 40.31
CA ASN F 163 -58.03 -21.71 39.17
C ASN F 163 -56.54 -21.34 39.35
N ALA F 164 -56.18 -20.99 40.59
CA ALA F 164 -54.81 -20.60 40.97
C ALA F 164 -54.37 -19.31 40.28
N SER F 165 -53.06 -19.17 40.06
CA SER F 165 -52.53 -17.99 39.38
C SER F 165 -51.95 -18.38 38.03
N CYS F 166 -51.77 -17.41 37.15
CA CYS F 166 -51.22 -17.72 35.82
C CYS F 166 -49.86 -18.40 35.92
N THR F 167 -49.12 -18.04 36.96
CA THR F 167 -47.79 -18.59 37.18
C THR F 167 -47.86 -20.05 37.64
N THR F 168 -48.75 -20.35 38.57
CA THR F 168 -48.88 -21.73 39.04
C THR F 168 -49.29 -22.66 37.90
N ASN F 169 -50.17 -22.16 37.03
CA ASN F 169 -50.65 -22.94 35.89
C ASN F 169 -49.53 -23.24 34.89
N CYS F 170 -48.35 -22.68 35.11
CA CYS F 170 -47.22 -22.95 34.23
C CYS F 170 -46.26 -23.92 34.88
N LEU F 171 -46.02 -23.73 36.18
CA LEU F 171 -45.11 -24.59 36.92
C LEU F 171 -45.77 -25.91 37.26
N ALA F 172 -47.04 -25.86 37.66
CA ALA F 172 -47.82 -27.04 38.05
C ALA F 172 -47.66 -28.20 37.06
N PRO F 173 -47.95 -27.96 35.78
CA PRO F 173 -47.83 -29.01 34.75
C PRO F 173 -46.43 -29.65 34.73
N ILE F 174 -45.38 -28.82 34.75
CA ILE F 174 -44.01 -29.33 34.74
C ILE F 174 -43.76 -30.20 35.96
N VAL F 175 -43.93 -29.61 37.14
CA VAL F 175 -43.73 -30.34 38.39
C VAL F 175 -44.49 -31.65 38.38
N HIS F 176 -45.69 -31.62 37.79
CA HIS F 176 -46.56 -32.79 37.73
C HIS F 176 -45.88 -33.94 37.01
N VAL F 177 -45.49 -33.74 35.76
CA VAL F 177 -44.83 -34.80 35.02
C VAL F 177 -43.51 -35.18 35.69
N LEU F 178 -42.83 -34.20 36.28
CA LEU F 178 -41.56 -34.46 36.97
C LEU F 178 -41.76 -35.47 38.11
N THR F 179 -42.94 -35.44 38.71
CA THR F 179 -43.26 -36.38 39.78
C THR F 179 -43.83 -37.67 39.21
N LYS F 180 -44.78 -37.52 38.30
CA LYS F 180 -45.45 -38.65 37.66
C LYS F 180 -44.47 -39.60 36.93
N GLU F 181 -43.45 -39.05 36.27
CA GLU F 181 -42.48 -39.88 35.57
C GLU F 181 -41.42 -40.41 36.52
N ASN F 182 -41.70 -40.25 37.81
CA ASN F 182 -40.85 -40.73 38.91
C ASN F 182 -39.42 -40.18 38.91
N PHE F 183 -39.22 -38.95 38.48
CA PHE F 183 -37.88 -38.38 38.55
C PHE F 183 -37.63 -37.95 39.98
N GLY F 184 -38.74 -37.66 40.67
CA GLY F 184 -38.69 -37.23 42.05
C GLY F 184 -38.27 -35.77 42.19
N ILE F 185 -38.64 -35.16 43.31
CA ILE F 185 -38.27 -33.79 43.52
C ILE F 185 -38.04 -33.51 45.01
N GLU F 186 -36.78 -33.67 45.41
CA GLU F 186 -36.34 -33.43 46.79
C GLU F 186 -36.80 -32.07 47.27
N THR F 187 -36.28 -31.04 46.60
CA THR F 187 -36.60 -29.64 46.88
C THR F 187 -36.53 -28.87 45.57
N GLY F 188 -36.86 -27.59 45.60
CA GLY F 188 -36.81 -26.83 44.36
C GLY F 188 -37.18 -25.37 44.52
N LEU F 189 -36.38 -24.51 43.88
CA LEU F 189 -36.58 -23.08 43.90
C LEU F 189 -36.86 -22.60 42.49
N MET F 190 -37.92 -21.83 42.32
CA MET F 190 -38.26 -21.37 40.99
C MET F 190 -38.26 -19.86 40.89
N THR F 191 -37.60 -19.35 39.87
CA THR F 191 -37.56 -17.93 39.60
C THR F 191 -38.39 -17.65 38.36
N THR F 192 -39.10 -16.52 38.34
CA THR F 192 -39.92 -16.23 37.19
C THR F 192 -39.79 -14.79 36.72
N ILE F 193 -39.45 -14.63 35.44
CA ILE F 193 -39.36 -13.30 34.86
C ILE F 193 -40.75 -12.98 34.32
N HIS F 194 -41.47 -12.13 35.04
CA HIS F 194 -42.85 -11.80 34.71
C HIS F 194 -42.98 -10.43 34.03
N SER F 195 -43.95 -10.34 33.14
CA SER F 195 -44.25 -9.09 32.46
C SER F 195 -45.02 -8.23 33.45
N TYR F 196 -44.86 -6.92 33.41
CA TYR F 196 -45.59 -6.12 34.39
C TYR F 196 -47.10 -6.26 34.18
N THR F 197 -47.84 -6.14 35.28
CA THR F 197 -49.30 -6.24 35.26
C THR F 197 -49.98 -4.90 35.62
N ALA F 198 -51.32 -4.92 35.65
CA ALA F 198 -52.14 -3.75 35.92
C ALA F 198 -51.88 -3.13 37.31
N THR F 199 -51.44 -3.95 38.26
CA THR F 199 -51.18 -3.47 39.63
C THR F 199 -49.95 -2.54 39.71
N GLN F 200 -49.04 -2.64 38.76
CA GLN F 200 -47.82 -1.82 38.77
C GLN F 200 -48.07 -0.39 38.27
N LYS F 201 -47.12 0.48 38.57
CA LYS F 201 -47.21 1.90 38.19
C LYS F 201 -46.35 2.25 36.97
N THR F 202 -46.86 3.17 36.15
CA THR F 202 -46.14 3.66 34.97
C THR F 202 -44.93 4.45 35.43
N VAL F 203 -45.15 5.29 36.45
CA VAL F 203 -44.12 6.12 37.08
C VAL F 203 -44.14 5.86 38.58
N ASP F 204 -43.00 6.03 39.25
CA ASP F 204 -42.90 5.79 40.70
C ASP F 204 -44.18 6.23 41.43
N GLY F 205 -45.03 5.26 41.75
CA GLY F 205 -46.28 5.55 42.41
C GLY F 205 -46.35 5.06 43.84
N VAL F 206 -47.59 4.88 44.31
CA VAL F 206 -47.86 4.43 45.67
C VAL F 206 -48.22 2.93 45.73
N SER F 207 -47.73 2.28 46.78
CA SER F 207 -47.96 0.85 47.04
C SER F 207 -47.50 0.50 48.47
N LEU F 208 -48.33 0.85 49.45
CA LEU F 208 -48.01 0.62 50.86
C LEU F 208 -47.70 -0.84 51.18
N LYS F 209 -48.19 -1.76 50.36
CA LYS F 209 -47.94 -3.18 50.60
C LYS F 209 -46.61 -3.63 49.99
N ASP F 210 -46.48 -3.44 48.68
CA ASP F 210 -45.26 -3.82 47.97
C ASP F 210 -44.47 -2.59 47.50
N TRP F 211 -43.67 -2.04 48.41
CA TRP F 211 -42.86 -0.84 48.14
C TRP F 211 -42.19 -0.88 46.76
N ARG F 212 -41.51 -1.99 46.46
CA ARG F 212 -40.83 -2.12 45.18
C ARG F 212 -41.85 -2.10 44.04
N GLY F 213 -42.95 -2.84 44.23
CA GLY F 213 -43.98 -2.93 43.21
C GLY F 213 -44.56 -1.58 42.86
N GLY F 214 -44.24 -0.56 43.66
CA GLY F 214 -44.78 0.76 43.40
C GLY F 214 -43.90 1.58 42.48
N ARG F 215 -42.75 1.04 42.10
CA ARG F 215 -41.81 1.78 41.27
C ARG F 215 -42.22 1.76 39.79
N ALA F 216 -41.52 2.58 38.99
CA ALA F 216 -41.77 2.67 37.56
C ALA F 216 -41.65 1.28 36.94
N ALA F 217 -42.76 0.78 36.43
CA ALA F 217 -42.83 -0.55 35.86
C ALA F 217 -42.03 -0.72 34.56
N ALA F 218 -42.20 0.20 33.63
CA ALA F 218 -41.56 0.09 32.33
C ALA F 218 -40.09 0.50 32.29
N VAL F 219 -39.41 0.60 33.42
CA VAL F 219 -38.00 0.97 33.36
C VAL F 219 -37.17 0.38 34.52
N ASN F 220 -37.74 -0.61 35.21
CA ASN F 220 -37.04 -1.24 36.32
C ASN F 220 -37.27 -2.73 36.40
N ILE F 221 -36.29 -3.44 36.93
CA ILE F 221 -36.46 -4.84 37.21
C ILE F 221 -36.96 -4.85 38.64
N ILE F 222 -38.18 -5.34 38.85
CA ILE F 222 -38.74 -5.29 40.19
C ILE F 222 -38.93 -6.65 40.84
N PRO F 223 -38.19 -6.92 41.93
CA PRO F 223 -38.32 -8.20 42.62
C PRO F 223 -39.58 -8.25 43.45
N SER F 224 -40.07 -9.45 43.69
CA SER F 224 -41.27 -9.63 44.51
C SER F 224 -41.42 -11.09 44.90
N THR F 225 -42.18 -11.31 45.95
CA THR F 225 -42.43 -12.67 46.42
C THR F 225 -43.59 -13.25 45.64
N THR F 226 -43.81 -14.56 45.76
CA THR F 226 -44.91 -15.18 45.01
C THR F 226 -45.37 -16.48 45.65
N GLY F 227 -46.69 -16.62 45.79
CA GLY F 227 -47.22 -17.83 46.36
C GLY F 227 -47.41 -18.91 45.30
N ALA F 228 -47.07 -18.59 44.06
CA ALA F 228 -47.21 -19.54 42.95
C ALA F 228 -46.41 -20.81 43.22
N ALA F 229 -45.32 -20.66 43.97
CA ALA F 229 -44.46 -21.79 44.31
C ALA F 229 -45.15 -22.73 45.28
N LYS F 230 -45.32 -22.25 46.52
CA LYS F 230 -45.98 -23.02 47.57
C LYS F 230 -47.35 -23.52 47.10
N ALA F 231 -48.00 -22.71 46.26
CA ALA F 231 -49.33 -23.02 45.74
C ALA F 231 -49.35 -24.33 44.97
N VAL F 232 -48.26 -24.66 44.31
CA VAL F 232 -48.23 -25.92 43.59
C VAL F 232 -48.42 -27.07 44.57
N GLY F 233 -48.15 -26.79 45.84
CA GLY F 233 -48.31 -27.79 46.88
C GLY F 233 -49.77 -28.18 47.07
N MET F 234 -50.67 -27.24 46.83
CA MET F 234 -52.11 -27.47 46.96
C MET F 234 -52.63 -28.33 45.81
N VAL F 235 -51.95 -28.26 44.69
CA VAL F 235 -52.37 -29.01 43.54
C VAL F 235 -51.70 -30.37 43.49
N ILE F 236 -50.45 -30.41 43.96
CA ILE F 236 -49.66 -31.64 44.02
C ILE F 236 -49.04 -31.77 45.41
N PRO F 237 -49.81 -32.32 46.36
CA PRO F 237 -49.48 -32.55 47.78
C PRO F 237 -48.03 -32.98 48.01
N SER F 238 -47.54 -33.92 47.23
CA SER F 238 -46.18 -34.43 47.43
C SER F 238 -45.08 -33.32 47.37
N THR F 239 -45.44 -32.10 46.98
CA THR F 239 -44.42 -31.05 46.86
C THR F 239 -44.53 -29.95 47.92
N LYS F 240 -45.41 -30.16 48.91
CA LYS F 240 -45.59 -29.18 49.98
C LYS F 240 -44.29 -28.95 50.74
N GLY F 241 -43.97 -27.69 51.01
CA GLY F 241 -42.78 -27.35 51.75
C GLY F 241 -41.50 -27.70 51.00
N LYS F 242 -41.67 -28.20 49.78
CA LYS F 242 -40.53 -28.59 48.95
C LYS F 242 -40.20 -27.49 47.95
N LEU F 243 -41.22 -26.73 47.56
CA LEU F 243 -41.05 -25.67 46.58
C LEU F 243 -41.27 -24.29 47.16
N THR F 244 -40.68 -23.31 46.48
CA THR F 244 -40.76 -21.90 46.81
C THR F 244 -40.05 -21.11 45.72
N GLY F 245 -40.41 -19.85 45.56
CA GLY F 245 -39.74 -19.07 44.52
C GLY F 245 -40.05 -17.59 44.59
N MET F 246 -39.39 -16.85 43.72
CA MET F 246 -39.60 -15.42 43.68
C MET F 246 -39.98 -14.96 42.26
N SER F 247 -40.11 -13.65 42.11
CA SER F 247 -40.49 -13.10 40.83
C SER F 247 -39.75 -11.82 40.54
N PHE F 248 -39.48 -11.62 39.25
CA PHE F 248 -38.80 -10.42 38.77
C PHE F 248 -39.65 -9.77 37.69
N ARG F 249 -40.37 -8.70 38.04
CA ARG F 249 -41.20 -7.99 37.06
C ARG F 249 -40.32 -7.19 36.10
N VAL F 250 -40.47 -7.42 34.79
CA VAL F 250 -39.67 -6.72 33.80
C VAL F 250 -40.53 -5.96 32.78
N PRO F 251 -39.97 -4.90 32.18
CA PRO F 251 -40.56 -3.99 31.19
C PRO F 251 -41.18 -4.64 29.93
N THR F 252 -42.02 -5.66 30.08
CA THR F 252 -42.68 -6.23 28.91
C THR F 252 -44.19 -6.28 29.15
N PRO F 253 -45.00 -6.00 28.10
CA PRO F 253 -46.46 -5.99 28.20
C PRO F 253 -47.06 -7.36 28.50
N ASP F 254 -46.62 -8.38 27.77
CA ASP F 254 -47.15 -9.72 28.00
C ASP F 254 -46.10 -10.81 27.73
N VAL F 255 -46.39 -11.99 28.28
CA VAL F 255 -45.55 -13.20 28.17
C VAL F 255 -44.49 -13.24 29.26
N SER F 256 -44.56 -14.29 30.08
CA SER F 256 -43.61 -14.49 31.16
C SER F 256 -42.92 -15.84 31.01
N VAL F 257 -41.83 -16.03 31.75
CA VAL F 257 -41.07 -17.28 31.71
C VAL F 257 -40.72 -17.78 33.11
N VAL F 258 -40.76 -19.10 33.28
CA VAL F 258 -40.44 -19.69 34.58
C VAL F 258 -39.18 -20.53 34.52
N ASP F 259 -38.26 -20.19 35.41
CA ASP F 259 -36.98 -20.86 35.54
C ASP F 259 -36.97 -21.73 36.79
N LEU F 260 -37.34 -23.00 36.64
CA LEU F 260 -37.37 -23.91 37.78
C LEU F 260 -36.06 -24.65 37.95
N THR F 261 -35.56 -24.61 39.17
CA THR F 261 -34.33 -25.30 39.54
C THR F 261 -34.70 -26.32 40.61
N PHE F 262 -34.30 -27.57 40.44
CA PHE F 262 -34.65 -28.59 41.42
C PHE F 262 -33.66 -29.75 41.45
N ARG F 263 -33.76 -30.54 42.50
CA ARG F 263 -32.92 -31.72 42.69
C ARG F 263 -33.80 -32.95 42.56
N ALA F 264 -33.30 -33.96 41.84
CA ALA F 264 -34.06 -35.19 41.64
C ALA F 264 -33.93 -36.13 42.82
N THR F 265 -34.74 -37.19 42.83
CA THR F 265 -34.69 -38.17 43.89
C THR F 265 -33.72 -39.28 43.55
N ARG F 266 -33.71 -39.68 42.27
CA ARG F 266 -32.81 -40.72 41.80
C ARG F 266 -31.95 -40.18 40.67
N ASP F 267 -30.75 -40.74 40.49
CA ASP F 267 -29.89 -40.26 39.42
C ASP F 267 -30.61 -40.34 38.07
N THR F 268 -30.44 -39.29 37.27
CA THR F 268 -31.05 -39.19 35.95
C THR F 268 -30.24 -38.24 35.07
N SER F 269 -30.78 -37.87 33.92
CA SER F 269 -30.08 -36.96 33.02
C SER F 269 -31.03 -35.89 32.49
N ILE F 270 -30.48 -34.76 32.08
CA ILE F 270 -31.32 -33.70 31.57
C ILE F 270 -32.05 -34.17 30.30
N GLN F 271 -31.40 -35.04 29.53
CA GLN F 271 -32.01 -35.58 28.31
C GLN F 271 -33.26 -36.38 28.65
N GLU F 272 -33.16 -37.21 29.68
CA GLU F 272 -34.29 -38.02 30.13
C GLU F 272 -35.48 -37.12 30.44
N ILE F 273 -35.18 -36.03 31.17
CA ILE F 273 -36.20 -35.05 31.54
C ILE F 273 -36.76 -34.37 30.28
N ASP F 274 -35.87 -33.97 29.39
CA ASP F 274 -36.26 -33.34 28.13
C ASP F 274 -37.26 -34.21 27.38
N LYS F 275 -36.92 -35.49 27.22
CA LYS F 275 -37.78 -36.44 26.51
C LYS F 275 -39.07 -36.71 27.27
N ALA F 276 -38.99 -36.75 28.60
CA ALA F 276 -40.16 -37.00 29.42
C ALA F 276 -41.19 -35.89 29.28
N ILE F 277 -40.75 -34.64 29.42
CA ILE F 277 -41.66 -33.51 29.30
C ILE F 277 -42.29 -33.49 27.90
N LYS F 278 -41.47 -33.75 26.88
CA LYS F 278 -41.92 -33.77 25.50
C LYS F 278 -42.99 -34.83 25.29
N LYS F 279 -42.67 -36.06 25.70
CA LYS F 279 -43.60 -37.17 25.58
C LYS F 279 -44.91 -36.84 26.29
N ALA F 280 -44.79 -36.26 27.48
CA ALA F 280 -45.96 -35.89 28.27
C ALA F 280 -46.77 -34.82 27.56
N ALA F 281 -46.08 -33.96 26.83
CA ALA F 281 -46.74 -32.87 26.11
C ALA F 281 -47.57 -33.41 24.94
N GLN F 282 -47.16 -34.56 24.41
CA GLN F 282 -47.84 -35.17 23.27
C GLN F 282 -48.87 -36.20 23.72
N THR F 283 -49.09 -36.32 25.02
CA THR F 283 -50.01 -37.34 25.51
C THR F 283 -51.00 -36.82 26.56
N TYR F 284 -50.80 -37.24 27.81
CA TYR F 284 -51.71 -36.85 28.90
C TYR F 284 -51.65 -35.36 29.24
N MET F 285 -50.73 -34.61 28.63
CA MET F 285 -50.65 -33.19 28.95
C MET F 285 -50.95 -32.31 27.74
N LYS F 286 -51.07 -32.93 26.57
CA LYS F 286 -51.35 -32.19 25.34
C LYS F 286 -52.44 -31.15 25.55
N GLY F 287 -52.20 -29.93 25.07
CA GLY F 287 -53.14 -28.85 25.22
C GLY F 287 -52.77 -27.94 26.37
N ILE F 288 -52.48 -28.56 27.50
CA ILE F 288 -52.08 -27.85 28.70
C ILE F 288 -50.58 -27.57 28.68
N LEU F 289 -49.80 -28.60 28.34
CA LEU F 289 -48.36 -28.49 28.28
C LEU F 289 -47.85 -28.65 26.84
N GLY F 290 -46.98 -27.74 26.42
CA GLY F 290 -46.41 -27.80 25.09
C GLY F 290 -44.91 -27.57 25.15
N PHE F 291 -44.22 -27.66 24.02
CA PHE F 291 -42.78 -27.44 24.01
C PHE F 291 -42.31 -26.85 22.68
N THR F 292 -41.02 -26.55 22.59
CA THR F 292 -40.47 -25.97 21.38
C THR F 292 -38.96 -26.18 21.27
N ASP F 293 -38.52 -26.54 20.07
CA ASP F 293 -37.11 -26.77 19.78
C ASP F 293 -36.55 -25.55 19.09
N GLU F 294 -37.34 -24.51 18.98
CA GLU F 294 -36.89 -23.32 18.29
C GLU F 294 -36.26 -22.29 19.23
N GLU F 295 -35.59 -21.30 18.62
CA GLU F 295 -34.92 -20.21 19.30
C GLU F 295 -35.89 -19.04 19.46
N LEU F 296 -37.01 -19.29 20.12
CA LEU F 296 -38.06 -18.29 20.30
C LEU F 296 -37.72 -17.22 21.34
N VAL F 297 -38.57 -16.20 21.39
CA VAL F 297 -38.47 -15.10 22.35
C VAL F 297 -39.86 -14.68 22.81
N SER F 298 -39.95 -14.15 24.03
CA SER F 298 -41.22 -13.73 24.60
C SER F 298 -42.31 -13.50 23.54
N ALA F 299 -42.12 -12.52 22.68
CA ALA F 299 -43.12 -12.21 21.66
C ALA F 299 -43.62 -13.43 20.88
N ASP F 300 -42.78 -14.44 20.70
CA ASP F 300 -43.17 -15.63 19.93
C ASP F 300 -44.26 -16.46 20.59
N PHE F 301 -44.62 -16.16 21.83
CA PHE F 301 -45.64 -16.95 22.49
C PHE F 301 -46.95 -16.20 22.60
N ILE F 302 -46.98 -14.98 22.08
CA ILE F 302 -48.20 -14.22 22.18
C ILE F 302 -49.37 -15.00 21.62
N ASN F 303 -50.45 -15.06 22.39
CA ASN F 303 -51.67 -15.77 22.04
C ASN F 303 -51.52 -17.29 22.05
N ASP F 304 -50.47 -17.79 22.70
CA ASP F 304 -50.28 -19.23 22.84
C ASP F 304 -51.08 -19.69 24.07
N ASN F 305 -52.19 -20.38 23.84
CA ASN F 305 -53.10 -20.78 24.92
C ASN F 305 -52.70 -22.00 25.76
N ARG F 306 -51.47 -22.50 25.65
CA ARG F 306 -51.11 -23.61 26.54
C ARG F 306 -50.74 -23.03 27.91
N SER F 307 -51.04 -23.74 28.99
CA SER F 307 -50.72 -23.23 30.32
C SER F 307 -49.22 -23.05 30.52
N SER F 308 -48.43 -23.92 29.91
CA SER F 308 -46.98 -23.87 30.04
C SER F 308 -46.30 -24.48 28.82
N VAL F 309 -45.33 -23.78 28.26
CA VAL F 309 -44.62 -24.29 27.10
C VAL F 309 -43.13 -24.41 27.37
N TYR F 310 -42.72 -25.65 27.63
CA TYR F 310 -41.34 -26.03 27.92
C TYR F 310 -40.37 -25.64 26.80
N ASP F 311 -39.23 -25.06 27.17
CA ASP F 311 -38.22 -24.64 26.19
C ASP F 311 -37.06 -25.64 26.13
N SER F 312 -37.16 -26.60 25.21
CA SER F 312 -36.15 -27.64 25.07
C SER F 312 -34.72 -27.10 24.91
N LYS F 313 -34.49 -26.30 23.87
CA LYS F 313 -33.15 -25.76 23.62
C LYS F 313 -32.57 -25.02 24.83
N ALA F 314 -33.37 -24.14 25.45
CA ALA F 314 -32.91 -23.36 26.60
C ALA F 314 -32.53 -24.26 27.78
N THR F 315 -33.25 -25.36 27.95
CA THR F 315 -32.99 -26.29 29.02
C THR F 315 -31.72 -27.11 28.74
N LEU F 316 -31.73 -27.84 27.63
CA LEU F 316 -30.61 -28.68 27.25
C LEU F 316 -29.29 -27.90 27.15
N GLN F 317 -29.37 -26.63 26.75
CA GLN F 317 -28.18 -25.81 26.57
C GLN F 317 -27.64 -25.19 27.85
N ASN F 318 -28.43 -25.15 28.92
CA ASN F 318 -27.92 -24.48 30.11
C ASN F 318 -27.90 -25.34 31.40
N ASN F 319 -27.52 -26.60 31.24
CA ASN F 319 -27.41 -27.52 32.37
C ASN F 319 -26.01 -28.09 32.44
N LEU F 320 -25.63 -28.67 33.57
CA LEU F 320 -24.31 -29.27 33.68
C LEU F 320 -24.23 -30.54 32.84
N PRO F 321 -23.28 -30.58 31.88
CA PRO F 321 -22.99 -31.66 30.92
C PRO F 321 -23.17 -33.08 31.47
N GLY F 322 -22.72 -33.34 32.69
CA GLY F 322 -22.85 -34.69 33.23
C GLY F 322 -23.57 -34.76 34.57
N GLU F 323 -24.37 -33.76 34.90
CA GLU F 323 -25.09 -33.76 36.17
C GLU F 323 -26.14 -34.87 36.20
N LYS F 324 -26.50 -35.29 37.41
CA LYS F 324 -27.48 -36.36 37.57
C LYS F 324 -28.58 -36.02 38.57
N ARG F 325 -28.53 -34.86 39.22
CA ARG F 325 -29.53 -34.50 40.20
C ARG F 325 -29.97 -33.03 40.11
N PHE F 326 -29.01 -32.13 40.22
CA PHE F 326 -29.28 -30.69 40.16
C PHE F 326 -29.68 -30.27 38.73
N PHE F 327 -30.93 -29.87 38.51
CA PHE F 327 -31.37 -29.50 37.16
C PHE F 327 -32.18 -28.22 37.09
N LYS F 328 -32.21 -27.63 35.90
CA LYS F 328 -32.94 -26.39 35.62
C LYS F 328 -33.87 -26.59 34.43
N VAL F 329 -35.17 -26.40 34.66
CA VAL F 329 -36.17 -26.53 33.60
C VAL F 329 -36.79 -25.17 33.27
N VAL F 330 -36.82 -24.81 32.00
CA VAL F 330 -37.36 -23.51 31.57
C VAL F 330 -38.65 -23.65 30.78
N SER F 331 -39.62 -22.79 31.09
CA SER F 331 -40.89 -22.84 30.39
C SER F 331 -41.52 -21.45 30.28
N TRP F 332 -42.15 -21.19 29.13
CA TRP F 332 -42.81 -19.91 28.90
C TRP F 332 -44.31 -20.03 29.05
N TYR F 333 -44.96 -18.87 29.11
CA TYR F 333 -46.40 -18.80 29.21
C TYR F 333 -46.88 -17.39 28.96
N ASP F 334 -48.04 -17.30 28.32
CA ASP F 334 -48.68 -16.04 28.03
C ASP F 334 -49.60 -15.71 29.20
N ASN F 335 -49.00 -15.27 30.30
CA ASN F 335 -49.73 -15.00 31.55
C ASN F 335 -51.21 -14.74 31.35
N GLU F 336 -51.55 -13.75 30.54
CA GLU F 336 -52.94 -13.37 30.32
C GLU F 336 -53.72 -14.42 29.50
N TRP F 337 -53.40 -14.53 28.22
CA TRP F 337 -54.08 -15.44 27.31
C TRP F 337 -54.33 -16.85 27.87
N ALA F 338 -53.26 -17.63 28.01
CA ALA F 338 -53.36 -18.99 28.53
C ALA F 338 -54.27 -19.10 29.75
N TYR F 339 -53.93 -18.36 30.81
CA TYR F 339 -54.73 -18.40 32.04
C TYR F 339 -56.23 -18.24 31.74
N SER F 340 -56.58 -17.22 30.97
CA SER F 340 -57.98 -16.98 30.62
C SER F 340 -58.66 -18.25 30.11
N HIS F 341 -58.04 -18.91 29.13
CA HIS F 341 -58.62 -20.14 28.58
C HIS F 341 -58.83 -21.20 29.66
N ARG F 342 -57.81 -21.36 30.51
CA ARG F 342 -57.90 -22.33 31.58
C ARG F 342 -59.15 -22.09 32.42
N VAL F 343 -59.38 -20.84 32.81
CA VAL F 343 -60.55 -20.52 33.61
C VAL F 343 -61.80 -21.08 32.96
N VAL F 344 -61.95 -20.80 31.67
CA VAL F 344 -63.10 -21.30 30.93
C VAL F 344 -63.14 -22.83 31.02
N ASP F 345 -62.01 -23.44 30.69
CA ASP F 345 -61.91 -24.89 30.73
C ASP F 345 -62.39 -25.44 32.07
N LEU F 346 -62.09 -24.73 33.15
CA LEU F 346 -62.51 -25.17 34.47
C LEU F 346 -64.03 -25.05 34.63
N VAL F 347 -64.60 -23.93 34.17
CA VAL F 347 -66.05 -23.75 34.27
C VAL F 347 -66.77 -24.83 33.49
N ARG F 348 -66.26 -25.15 32.31
CA ARG F 348 -66.87 -26.20 31.50
C ARG F 348 -66.71 -27.56 32.18
N TYR F 349 -65.55 -27.80 32.76
CA TYR F 349 -65.29 -29.06 33.45
C TYR F 349 -66.24 -29.21 34.63
N MET F 350 -66.18 -28.24 35.54
CA MET F 350 -67.05 -28.25 36.70
C MET F 350 -68.50 -28.44 36.28
N ALA F 351 -68.93 -27.66 35.29
CA ALA F 351 -70.29 -27.75 34.79
C ALA F 351 -70.63 -29.17 34.32
N ALA F 352 -69.73 -29.75 33.53
CA ALA F 352 -69.90 -31.10 32.98
C ALA F 352 -69.93 -32.18 34.08
N LYS F 353 -69.21 -31.94 35.18
CA LYS F 353 -69.20 -32.91 36.26
C LYS F 353 -70.35 -32.68 37.22
N ASP F 354 -70.78 -31.42 37.38
CA ASP F 354 -71.90 -31.12 38.25
C ASP F 354 -73.18 -31.74 37.69
N ALA F 355 -73.30 -31.69 36.37
CA ALA F 355 -74.45 -32.22 35.68
C ALA F 355 -74.48 -33.75 35.70
N ALA F 356 -73.36 -34.36 35.36
CA ALA F 356 -73.24 -35.83 35.32
C ALA F 356 -73.72 -36.47 36.63
N SER F 357 -73.20 -35.97 37.75
CA SER F 357 -73.57 -36.48 39.06
C SER F 357 -75.02 -36.11 39.41
N SER F 358 -75.65 -35.34 38.52
CA SER F 358 -77.04 -34.89 38.67
C SER F 358 -77.19 -33.90 39.82
#